data_5HEX
#
_entry.id   5HEX
#
_cell.length_a   66.032
_cell.length_b   154.893
_cell.length_c   114.825
_cell.angle_alpha   90.00
_cell.angle_beta   96.34
_cell.angle_gamma   90.00
#
_symmetry.space_group_name_H-M   'P 1 21 1'
#
loop_
_entity.id
_entity.type
_entity.pdbx_description
1 polymer Hexokinase-2
2 non-polymer '2-[(3-bromobenzene-1-carbonyl)amino]-6-{[(4-carboxy-5-methylfuran-2-yl)sulfonyl]amino}-2,6-dideoxy-alpha-D-glucopyranos e'
3 water water
#
_entity_poly.entity_id   1
_entity_poly.type   'polypeptide(L)'
_entity_poly.pdbx_seq_one_letter_code
;MGSSHHHHHHSSGLENLYFQGSDQVQKVDQYLYHMRLSDETLLEISKRFRKEMEKGLGATTHPTAAVKMLPTFVRSTPDG
TEHGEFLALDLGGTNFRVLWVKVTDNGLQKVEMENQIYAIPEDIMRGSGTQLFDHIAECLANFMDKLQIKDKKLPLGFTF
SFPCHQTKLDESFLVSWTKGFKSSGVEGRDVVALIRKAIQRRGDFDIDIVAVVNDTVGTMMTCGYDDHNCEIGLIVGTGS
NACYMEEMRHIDMVEGDEGRMCINMEWGAFGDDGSLNDIRTEFDQEIDMGSLNPGKQLFEKMISGMYMGELVRLILVKMA
KEELLFGGKLSPELLNTGRFETKDISDIEGEKDGIRKAREVLMRLGLDPTQEDCVATHRICQIVSTRSASLCAATLAAVL
QRIKENKGEERLRSTIGVDGSVYKKHPHFAKRLHKTVRRLVPGCDVRFLRSEDGSGKGAAMVTAVAYRLADQHRARQKTL
EHLQLSHDQLLEVKRRMKVEMERGLSKETHASAPVKMLPTYVCATPDGTEKGDFLALDLGGTNFRVLLVRVRNGKWGGVE
MHNKIYAIPQEVMHGTGDELFDHIVQCIADFLEYMGMKGVSLPLGFTFSFPCQQNSLDESILLKWTKGFKASGCEGEDVV
TLLKEAIHRREEFDLDVVAVVNDTVGTMMTCGFEDPHCEVGLIVGTGSNACYMEEMRNVELVEGEEGRMCVNMEWGAFGD
NGCLDDFRTEFDVAVDELSLNPGKQRFEKMISGMYLGEIVRNILIDFTKRGLLFRGRISERLKTRGIFETKFLSQIESDC
LALLQVRAILQHLGLESTCDDSIIVKEVCTVVARRAAQLCGAGMAAVVDRIRENRGLDALKVTVGVDGTLYKLHPHFAKV
MHETVKDLAPKCDVSFLQSEDGSGKGAALITAVACRIREAGQR
;
_entity_poly.pdbx_strand_id   A,B
#
# COMPACT_ATOMS: atom_id res chain seq x y z
N ASP A 23 16.56 -42.93 -8.63
CA ASP A 23 16.18 -42.59 -10.00
C ASP A 23 14.66 -42.47 -10.11
N GLN A 24 13.95 -43.09 -9.18
CA GLN A 24 12.52 -42.82 -9.09
C GLN A 24 12.27 -41.49 -8.38
N VAL A 25 13.25 -40.99 -7.63
CA VAL A 25 13.18 -39.63 -7.10
C VAL A 25 13.04 -38.61 -8.24
N GLN A 26 13.96 -38.66 -9.21
CA GLN A 26 13.90 -37.70 -10.31
C GLN A 26 12.61 -37.84 -11.11
N LYS A 27 12.11 -39.08 -11.29
CA LYS A 27 10.84 -39.27 -11.99
C LYS A 27 9.71 -38.56 -11.25
N VAL A 28 9.66 -38.72 -9.93
CA VAL A 28 8.66 -38.03 -9.12
C VAL A 28 8.85 -36.52 -9.23
N ASP A 29 10.10 -36.06 -9.06
CA ASP A 29 10.40 -34.64 -9.16
C ASP A 29 9.90 -34.04 -10.45
N GLN A 30 10.22 -34.67 -11.57
CA GLN A 30 9.79 -34.12 -12.84
C GLN A 30 8.27 -34.19 -12.96
N TYR A 31 7.65 -35.22 -12.36
CA TYR A 31 6.21 -35.37 -12.44
C TYR A 31 5.49 -34.31 -11.61
N LEU A 32 5.99 -34.05 -10.41
CA LEU A 32 5.44 -33.12 -9.43
C LEU A 32 6.06 -31.72 -9.52
N TYR A 33 6.79 -31.43 -10.59
CA TYR A 33 7.52 -30.18 -10.79
C TYR A 33 6.74 -28.93 -10.41
N HIS A 34 5.44 -28.86 -10.72
CA HIS A 34 4.70 -27.66 -10.34
C HIS A 34 4.45 -27.55 -8.84
N MET A 35 4.76 -28.59 -8.07
CA MET A 35 4.66 -28.58 -6.62
C MET A 35 5.97 -28.29 -5.91
N ARG A 36 7.04 -28.01 -6.64
CA ARG A 36 8.33 -27.63 -6.06
C ARG A 36 8.57 -26.15 -6.34
N LEU A 37 8.46 -25.32 -5.32
CA LEU A 37 8.30 -23.89 -5.52
C LEU A 37 9.66 -23.20 -5.35
N SER A 38 10.09 -22.52 -6.41
CA SER A 38 11.33 -21.76 -6.37
C SER A 38 11.20 -20.55 -5.45
N ASP A 39 12.32 -20.14 -4.85
CA ASP A 39 12.31 -18.90 -4.07
C ASP A 39 11.67 -17.77 -4.85
N GLU A 40 11.86 -17.75 -6.17
CA GLU A 40 11.24 -16.72 -6.99
C GLU A 40 9.73 -16.77 -6.84
N THR A 41 9.15 -17.94 -7.11
CA THR A 41 7.71 -18.11 -6.96
C THR A 41 7.27 -17.70 -5.56
N LEU A 42 8.05 -18.07 -4.55
CA LEU A 42 7.65 -17.77 -3.18
C LEU A 42 7.63 -16.28 -2.91
N LEU A 43 8.61 -15.53 -3.45
CA LEU A 43 8.62 -14.08 -3.25
C LEU A 43 7.48 -13.43 -4.05
N GLU A 44 7.18 -13.96 -5.23
CA GLU A 44 6.02 -13.50 -5.99
C GLU A 44 4.74 -13.74 -5.21
N ILE A 45 4.57 -14.95 -4.69
CA ILE A 45 3.42 -15.25 -3.84
C ILE A 45 3.41 -14.32 -2.63
N SER A 46 4.58 -14.03 -2.07
CA SER A 46 4.64 -13.13 -0.94
C SER A 46 4.12 -11.73 -1.31
N LYS A 47 4.53 -11.20 -2.47
CA LYS A 47 4.00 -9.92 -2.90
C LYS A 47 2.49 -9.98 -3.10
N ARG A 48 1.99 -11.11 -3.63
CA ARG A 48 0.54 -11.24 -3.80
C ARG A 48 -0.16 -11.17 -2.46
N PHE A 49 0.37 -11.88 -1.47
CA PHE A 49 -0.29 -11.84 -0.17
C PHE A 49 -0.28 -10.43 0.38
N ARG A 50 0.81 -9.70 0.15
CA ARG A 50 0.85 -8.31 0.58
C ARG A 50 -0.31 -7.52 -0.02
N LYS A 51 -0.65 -7.74 -1.29
CA LYS A 51 -1.82 -7.06 -1.85
C LYS A 51 -3.10 -7.50 -1.14
N GLU A 52 -3.24 -8.80 -0.85
CA GLU A 52 -4.46 -9.25 -0.18
C GLU A 52 -4.60 -8.60 1.19
N MET A 53 -3.50 -8.55 1.96
CA MET A 53 -3.51 -7.83 3.24
C MET A 53 -3.97 -6.39 3.07
N GLU A 54 -3.53 -5.70 2.01
CA GLU A 54 -3.99 -4.34 1.86
C GLU A 54 -5.46 -4.30 1.45
N LYS A 55 -5.93 -5.27 0.68
CA LYS A 55 -7.33 -5.26 0.26
C LYS A 55 -8.27 -5.42 1.46
N GLY A 56 -7.97 -6.38 2.35
CA GLY A 56 -8.83 -6.62 3.51
C GLY A 56 -8.80 -5.50 4.53
N LEU A 57 -7.67 -4.81 4.64
CA LEU A 57 -7.56 -3.70 5.59
C LEU A 57 -8.29 -2.46 5.09
N GLY A 58 -8.27 -2.23 3.78
CA GLY A 58 -8.86 -1.02 3.23
C GLY A 58 -10.37 -1.05 3.20
N ALA A 59 -10.98 0.14 3.31
CA ALA A 59 -12.41 0.22 3.54
C ALA A 59 -13.20 -0.17 2.30
N THR A 60 -12.88 0.44 1.16
CA THR A 60 -13.63 0.16 -0.07
C THR A 60 -13.40 -1.27 -0.54
N THR A 61 -12.20 -1.81 -0.31
CA THR A 61 -11.89 -3.14 -0.81
C THR A 61 -12.22 -4.26 0.17
N HIS A 62 -12.51 -3.94 1.44
CA HIS A 62 -12.70 -5.00 2.42
C HIS A 62 -13.89 -5.92 2.14
N PRO A 63 -15.08 -5.43 1.77
CA PRO A 63 -16.23 -6.37 1.68
C PRO A 63 -16.07 -7.47 0.65
N THR A 64 -15.35 -7.23 -0.44
CA THR A 64 -14.99 -8.26 -1.41
C THR A 64 -13.58 -8.83 -1.24
N ALA A 65 -12.82 -8.40 -0.25
CA ALA A 65 -11.47 -8.96 -0.08
C ALA A 65 -11.52 -10.41 0.45
N ALA A 66 -10.67 -11.26 -0.12
CA ALA A 66 -10.65 -12.67 0.28
C ALA A 66 -9.86 -12.91 1.57
N VAL A 67 -8.90 -12.06 1.91
CA VAL A 67 -8.26 -12.14 3.22
C VAL A 67 -8.90 -11.05 4.07
N LYS A 68 -9.67 -11.48 5.06
CA LYS A 68 -10.60 -10.59 5.73
C LYS A 68 -9.88 -9.59 6.62
N MET A 69 -8.73 -9.95 7.19
CA MET A 69 -7.97 -8.99 8.00
C MET A 69 -8.84 -8.39 9.12
N LEU A 70 -9.42 -9.28 9.94
CA LEU A 70 -10.41 -8.89 10.95
C LEU A 70 -9.74 -8.21 12.14
N PRO A 71 -10.17 -7.03 12.53
CA PRO A 71 -9.63 -6.44 13.76
C PRO A 71 -10.03 -7.28 14.96
N THR A 72 -9.05 -7.55 15.83
CA THR A 72 -9.25 -8.31 17.05
C THR A 72 -9.52 -7.44 18.27
N PHE A 73 -9.29 -6.13 18.19
CA PHE A 73 -9.43 -5.21 19.31
C PHE A 73 -8.39 -5.43 20.41
N VAL A 74 -7.46 -6.36 20.24
CA VAL A 74 -6.33 -6.49 21.17
C VAL A 74 -5.32 -5.39 20.86
N ARG A 75 -5.12 -4.48 21.80
CA ARG A 75 -4.35 -3.27 21.48
C ARG A 75 -2.86 -3.36 21.82
N SER A 76 -2.43 -4.37 22.57
CA SER A 76 -1.06 -4.46 23.00
C SER A 76 -0.70 -5.90 23.32
N THR A 77 0.58 -6.23 23.16
CA THR A 77 1.04 -7.56 23.53
C THR A 77 1.43 -7.49 24.99
N PRO A 78 1.81 -8.59 25.62
CA PRO A 78 2.21 -8.51 27.03
C PRO A 78 3.60 -7.91 27.15
N ASP A 79 3.83 -7.16 28.23
CA ASP A 79 5.18 -6.70 28.56
C ASP A 79 5.86 -7.50 29.69
N GLY A 80 5.22 -8.53 30.25
CA GLY A 80 5.82 -9.36 31.28
C GLY A 80 5.48 -9.00 32.72
N THR A 81 4.98 -7.79 32.97
CA THR A 81 4.58 -7.39 34.30
C THR A 81 3.08 -7.58 34.57
N GLU A 82 2.35 -8.19 33.64
CA GLU A 82 0.95 -8.52 33.86
C GLU A 82 0.77 -9.34 35.14
N HIS A 83 -0.31 -9.08 35.87
CA HIS A 83 -0.59 -9.88 37.06
C HIS A 83 -2.08 -9.89 37.36
N GLY A 84 -2.52 -11.00 37.94
CA GLY A 84 -3.88 -11.14 38.43
C GLY A 84 -4.33 -12.57 38.30
N GLU A 85 -5.63 -12.79 38.57
CA GLU A 85 -6.30 -14.07 38.36
C GLU A 85 -7.35 -13.90 37.28
N PHE A 86 -7.39 -14.84 36.34
CA PHE A 86 -8.25 -14.73 35.16
C PHE A 86 -8.90 -16.08 34.84
N LEU A 87 -10.12 -16.00 34.29
CA LEU A 87 -10.89 -17.14 33.86
C LEU A 87 -10.98 -17.13 32.33
N ALA A 88 -11.13 -18.31 31.76
CA ALA A 88 -11.32 -18.43 30.31
C ALA A 88 -12.21 -19.63 30.03
N LEU A 89 -12.84 -19.62 28.87
CA LEU A 89 -13.54 -20.76 28.29
C LEU A 89 -13.03 -20.96 26.87
N ASP A 90 -12.79 -22.21 26.47
CA ASP A 90 -12.48 -22.51 25.08
C ASP A 90 -13.57 -23.44 24.56
N LEU A 91 -14.31 -22.99 23.57
CA LEU A 91 -15.48 -23.71 23.09
C LEU A 91 -15.18 -24.22 21.69
N GLY A 92 -15.01 -25.54 21.57
CA GLY A 92 -14.91 -26.15 20.25
C GLY A 92 -16.17 -26.87 19.84
N GLY A 93 -17.06 -27.10 20.82
CA GLY A 93 -18.25 -27.92 20.68
C GLY A 93 -18.03 -29.36 21.11
N THR A 94 -19.06 -29.96 21.73
CA THR A 94 -19.10 -31.33 22.20
C THR A 94 -18.11 -31.56 23.35
N ASN A 95 -17.18 -30.64 23.53
CA ASN A 95 -16.35 -30.51 24.73
C ASN A 95 -15.86 -29.07 24.82
N PHE A 96 -15.60 -28.62 26.05
CA PHE A 96 -15.07 -27.29 26.30
C PHE A 96 -14.32 -27.34 27.62
N ARG A 97 -13.33 -26.45 27.77
CA ARG A 97 -12.55 -26.32 28.99
C ARG A 97 -12.92 -25.01 29.69
N VAL A 98 -12.77 -25.02 31.01
CA VAL A 98 -12.89 -23.84 31.85
C VAL A 98 -11.56 -23.72 32.59
N LEU A 99 -10.87 -22.58 32.43
CA LEU A 99 -9.52 -22.46 32.93
C LEU A 99 -9.47 -21.37 33.99
N TRP A 100 -8.58 -21.56 34.94
CA TRP A 100 -8.19 -20.53 35.90
C TRP A 100 -6.71 -20.28 35.70
N VAL A 101 -6.36 -19.01 35.52
CA VAL A 101 -5.00 -18.61 35.14
C VAL A 101 -4.53 -17.60 36.17
N LYS A 102 -3.49 -17.94 36.90
CA LYS A 102 -2.90 -17.08 37.93
C LYS A 102 -1.57 -16.56 37.40
N VAL A 103 -1.46 -15.24 37.30
CA VAL A 103 -0.31 -14.56 36.70
C VAL A 103 0.34 -13.67 37.76
N THR A 104 1.65 -13.89 38.00
CA THR A 104 2.40 -13.20 39.04
C THR A 104 3.54 -12.40 38.42
N ASP A 105 3.78 -11.19 38.88
CA ASP A 105 4.96 -10.49 38.37
C ASP A 105 6.04 -10.65 39.45
N ASN A 106 6.75 -11.77 39.38
CA ASN A 106 7.95 -12.07 40.14
C ASN A 106 9.23 -12.07 39.30
N GLY A 107 9.14 -11.85 38.00
CA GLY A 107 10.27 -11.89 37.11
C GLY A 107 10.41 -13.18 36.35
N LEU A 108 9.72 -14.24 36.77
CA LEU A 108 9.90 -15.54 36.13
C LEU A 108 8.99 -15.77 34.94
N GLN A 109 7.94 -14.95 34.77
CA GLN A 109 6.90 -15.15 33.75
C GLN A 109 6.44 -16.60 33.70
N LYS A 110 6.09 -17.14 34.87
CA LYS A 110 5.66 -18.52 35.01
C LYS A 110 4.17 -18.53 35.39
N VAL A 111 3.34 -18.93 34.44
CA VAL A 111 1.89 -18.90 34.64
C VAL A 111 1.44 -20.14 35.40
N GLU A 112 0.41 -19.98 36.23
CA GLU A 112 -0.20 -21.06 36.99
C GLU A 112 -1.59 -21.33 36.43
N MET A 113 -1.89 -22.61 36.16
CA MET A 113 -3.16 -23.01 35.56
C MET A 113 -3.82 -24.15 36.33
N GLU A 114 -5.15 -24.18 36.21
CA GLU A 114 -5.96 -25.38 36.38
C GLU A 114 -7.05 -25.31 35.31
N ASN A 115 -7.50 -26.46 34.81
CA ASN A 115 -8.60 -26.47 33.83
C ASN A 115 -9.50 -27.68 34.06
N GLN A 116 -10.68 -27.64 33.44
CA GLN A 116 -11.64 -28.75 33.53
C GLN A 116 -12.51 -28.80 32.27
N ILE A 117 -12.82 -30.03 31.84
CA ILE A 117 -13.48 -30.31 30.57
C ILE A 117 -14.93 -30.67 30.87
N TYR A 118 -15.87 -30.08 30.15
CA TYR A 118 -17.28 -30.43 30.29
C TYR A 118 -17.89 -30.72 28.93
N ALA A 119 -18.96 -31.52 28.95
CA ALA A 119 -19.61 -32.07 27.76
C ALA A 119 -20.92 -31.35 27.48
N ILE A 120 -21.26 -31.25 26.20
CA ILE A 120 -22.51 -30.61 25.78
C ILE A 120 -23.33 -31.59 24.95
N PRO A 121 -24.25 -32.33 25.56
CA PRO A 121 -25.05 -33.32 24.80
C PRO A 121 -25.98 -32.67 23.78
N GLU A 122 -26.49 -33.52 22.88
CA GLU A 122 -27.18 -33.06 21.66
C GLU A 122 -28.41 -32.23 21.97
N ASP A 123 -29.13 -32.57 23.04
CA ASP A 123 -30.19 -31.69 23.55
C ASP A 123 -29.69 -30.25 23.70
N ILE A 124 -28.73 -30.05 24.59
CA ILE A 124 -28.05 -28.77 24.78
C ILE A 124 -26.94 -28.59 23.73
N SER A 128 -31.56 -25.15 21.75
CA SER A 128 -31.92 -23.81 22.25
C SER A 128 -30.74 -23.08 22.90
N GLY A 129 -30.54 -21.83 22.48
CA GLY A 129 -29.44 -21.01 22.95
C GLY A 129 -29.38 -20.80 24.46
N THR A 130 -30.47 -20.28 25.05
CA THR A 130 -30.50 -20.01 26.48
C THR A 130 -30.20 -21.26 27.31
N GLN A 131 -30.71 -22.42 26.89
CA GLN A 131 -30.36 -23.64 27.59
C GLN A 131 -28.86 -23.91 27.51
N LEU A 132 -28.23 -23.62 26.36
CA LEU A 132 -26.82 -23.95 26.17
C LEU A 132 -25.92 -23.14 27.10
N PHE A 133 -26.14 -21.82 27.18
CA PHE A 133 -25.28 -21.00 28.05
C PHE A 133 -25.63 -21.17 29.52
N ASP A 134 -26.91 -21.41 29.85
CA ASP A 134 -27.23 -21.86 31.20
C ASP A 134 -26.38 -23.05 31.59
N HIS A 135 -26.21 -24.00 30.68
CA HIS A 135 -25.33 -25.11 30.99
C HIS A 135 -23.88 -24.64 31.15
N ILE A 136 -23.44 -23.66 30.33
CA ILE A 136 -22.05 -23.21 30.38
C ILE A 136 -21.77 -22.47 31.67
N ALA A 137 -22.66 -21.56 32.06
CA ALA A 137 -22.48 -20.83 33.31
C ALA A 137 -22.49 -21.78 34.51
N GLU A 138 -23.32 -22.82 34.45
CA GLU A 138 -23.35 -23.79 35.54
C GLU A 138 -22.01 -24.50 35.69
N CYS A 139 -21.44 -24.99 34.59
CA CYS A 139 -20.12 -25.60 34.66
C CYS A 139 -19.12 -24.64 35.24
N LEU A 140 -19.08 -23.41 34.70
CA LEU A 140 -18.17 -22.39 35.21
C LEU A 140 -18.40 -22.15 36.70
N ALA A 141 -19.65 -22.24 37.16
CA ALA A 141 -19.94 -22.09 38.58
C ALA A 141 -19.42 -23.29 39.37
N ASN A 142 -19.65 -24.51 38.87
CA ASN A 142 -19.05 -25.69 39.49
C ASN A 142 -17.53 -25.55 39.54
N PHE A 143 -16.92 -25.17 38.40
CA PHE A 143 -15.47 -25.01 38.34
C PHE A 143 -14.96 -24.02 39.39
N MET A 144 -15.66 -22.89 39.55
CA MET A 144 -15.21 -21.88 40.51
C MET A 144 -15.37 -22.36 41.95
N ASP A 145 -16.49 -23.02 42.25
CA ASP A 145 -16.69 -23.63 43.57
C ASP A 145 -15.64 -24.71 43.82
N LYS A 146 -15.57 -25.69 42.91
CA LYS A 146 -14.55 -26.71 42.98
C LYS A 146 -13.17 -26.09 43.17
N LEU A 147 -12.95 -24.90 42.62
CA LEU A 147 -11.66 -24.24 42.68
C LEU A 147 -11.51 -23.20 43.77
N GLN A 148 -12.50 -22.98 44.66
CA GLN A 148 -12.37 -22.04 45.78
C GLN A 148 -12.76 -20.59 45.46
N ILE A 149 -12.94 -20.22 44.19
CA ILE A 149 -12.84 -18.81 43.79
C ILE A 149 -14.19 -18.08 43.64
N LYS A 150 -15.33 -18.73 43.93
CA LYS A 150 -16.62 -18.17 43.49
C LYS A 150 -16.92 -16.79 44.08
N ASP A 151 -16.36 -16.41 45.22
CA ASP A 151 -16.55 -15.04 45.69
C ASP A 151 -15.71 -14.01 44.92
N LYS A 152 -14.79 -14.43 44.05
CA LYS A 152 -13.96 -13.51 43.28
C LYS A 152 -14.66 -13.15 41.97
N LYS A 153 -14.53 -11.90 41.57
CA LYS A 153 -15.06 -11.39 40.31
C LYS A 153 -13.86 -11.18 39.38
N LEU A 154 -13.70 -12.07 38.39
CA LEU A 154 -12.53 -12.15 37.53
C LEU A 154 -12.87 -11.91 36.07
N PRO A 155 -11.93 -11.40 35.28
CA PRO A 155 -12.14 -11.35 33.83
C PRO A 155 -12.27 -12.73 33.22
N LEU A 156 -12.94 -12.78 32.06
CA LEU A 156 -13.24 -14.04 31.38
C LEU A 156 -12.83 -13.93 29.93
N GLY A 157 -11.88 -14.76 29.50
CA GLY A 157 -11.55 -14.84 28.08
C GLY A 157 -12.30 -15.94 27.36
N PHE A 158 -12.59 -15.72 26.08
CA PHE A 158 -13.09 -16.76 25.21
C PHE A 158 -12.07 -17.00 24.11
N THR A 159 -12.00 -18.24 23.64
CA THR A 159 -11.19 -18.55 22.49
C THR A 159 -12.02 -19.37 21.52
N PHE A 160 -11.88 -19.07 20.24
CA PHE A 160 -12.59 -19.77 19.17
C PHE A 160 -11.61 -20.11 18.06
N SER A 161 -11.84 -21.25 17.42
CA SER A 161 -11.07 -21.73 16.27
C SER A 161 -11.61 -21.22 14.93
N PHE A 162 -12.53 -20.25 14.94
CA PHE A 162 -13.00 -19.64 13.71
C PHE A 162 -13.20 -18.14 13.91
N PRO A 163 -13.48 -17.36 12.86
CA PRO A 163 -13.88 -15.97 13.06
C PRO A 163 -15.35 -15.83 13.43
N CYS A 164 -15.65 -14.76 14.14
CA CYS A 164 -17.01 -14.30 14.32
C CYS A 164 -17.09 -12.86 13.83
N HIS A 165 -18.28 -12.27 13.89
CA HIS A 165 -18.40 -10.85 13.63
C HIS A 165 -18.21 -10.14 14.96
N GLN A 166 -17.17 -9.31 15.05
CA GLN A 166 -16.72 -8.73 16.31
C GLN A 166 -16.45 -7.25 16.12
N THR A 167 -17.23 -6.40 16.81
CA THR A 167 -17.00 -4.96 16.80
C THR A 167 -16.28 -4.42 18.03
N LYS A 168 -16.03 -5.27 19.04
CA LYS A 168 -15.33 -4.84 20.25
C LYS A 168 -14.79 -6.07 20.95
N LEU A 169 -13.85 -5.87 21.88
CA LEU A 169 -13.29 -7.00 22.62
C LEU A 169 -14.36 -7.92 23.18
N ASP A 170 -15.41 -7.34 23.79
CA ASP A 170 -16.50 -8.17 24.27
C ASP A 170 -17.67 -8.03 23.30
N GLU A 171 -17.74 -8.99 22.39
CA GLU A 171 -18.83 -9.21 21.45
C GLU A 171 -18.33 -10.32 20.55
N SER A 172 -19.21 -11.16 20.02
CA SER A 172 -18.99 -11.89 18.78
C SER A 172 -20.35 -12.41 18.35
N PHE A 173 -20.61 -12.45 17.06
CA PHE A 173 -21.82 -13.09 16.56
C PHE A 173 -21.44 -14.37 15.83
N LEU A 174 -22.09 -15.48 16.18
CA LEU A 174 -21.74 -16.76 15.59
C LEU A 174 -22.52 -16.91 14.28
N VAL A 175 -21.78 -17.07 13.17
CA VAL A 175 -22.37 -17.00 11.83
C VAL A 175 -21.73 -18.06 10.93
N GLY A 188 -26.68 -17.29 16.34
CA GLY A 188 -26.68 -16.16 15.44
C GLY A 188 -26.64 -14.85 16.21
N ARG A 189 -26.26 -14.96 17.49
CA ARG A 189 -26.38 -13.87 18.45
C ARG A 189 -25.06 -13.64 19.19
N ASP A 190 -24.93 -12.46 19.82
CA ASP A 190 -23.72 -12.12 20.57
C ASP A 190 -23.50 -13.10 21.71
N VAL A 191 -22.35 -13.77 21.70
CA VAL A 191 -22.11 -14.80 22.69
C VAL A 191 -21.70 -14.21 24.02
N VAL A 192 -21.26 -12.95 24.05
CA VAL A 192 -20.95 -12.37 25.36
C VAL A 192 -22.22 -12.03 26.09
N ALA A 193 -23.16 -11.36 25.41
CA ALA A 193 -24.46 -11.06 26.03
C ALA A 193 -25.10 -12.34 26.57
N LEU A 194 -24.98 -13.44 25.84
CA LEU A 194 -25.61 -14.66 26.28
C LEU A 194 -24.96 -15.19 27.55
N ILE A 195 -23.64 -15.28 27.58
CA ILE A 195 -23.00 -15.78 28.79
C ILE A 195 -23.17 -14.80 29.95
N ARG A 196 -23.27 -13.50 29.66
CA ARG A 196 -23.47 -12.56 30.76
C ARG A 196 -24.89 -12.63 31.30
N LYS A 197 -25.90 -12.74 30.43
CA LYS A 197 -27.29 -12.84 30.92
C LYS A 197 -27.52 -14.18 31.62
N ALA A 198 -26.89 -15.25 31.14
CA ALA A 198 -26.92 -16.53 31.84
C ALA A 198 -26.29 -16.43 33.22
N ILE A 199 -25.25 -15.62 33.39
CA ILE A 199 -24.65 -15.48 34.71
C ILE A 199 -25.58 -14.69 35.61
N GLN A 200 -26.25 -13.69 35.04
CA GLN A 200 -27.18 -12.86 35.80
C GLN A 200 -28.34 -13.71 36.31
N ARG A 201 -28.81 -14.67 35.52
CA ARG A 201 -29.90 -15.53 35.97
C ARG A 201 -29.48 -16.48 37.10
N ARG A 202 -28.21 -16.84 37.18
CA ARG A 202 -27.81 -17.65 38.34
C ARG A 202 -27.86 -16.83 39.61
N GLY A 203 -27.17 -15.68 39.62
CA GLY A 203 -26.93 -14.91 40.82
C GLY A 203 -25.85 -15.46 41.73
N ASP A 204 -25.27 -16.62 41.40
CA ASP A 204 -24.11 -17.19 42.09
C ASP A 204 -22.90 -16.28 42.20
N PHE A 205 -22.28 -16.06 41.06
CA PHE A 205 -21.08 -15.25 40.90
C PHE A 205 -21.36 -14.13 39.93
N ASP A 206 -20.34 -13.31 39.75
CA ASP A 206 -20.38 -12.28 38.74
C ASP A 206 -19.03 -12.30 38.05
N ILE A 207 -18.98 -11.71 36.85
CA ILE A 207 -17.82 -11.77 35.98
C ILE A 207 -17.42 -10.34 35.65
N ASP A 208 -16.12 -10.12 35.50
CA ASP A 208 -15.53 -8.83 35.15
C ASP A 208 -15.39 -8.74 33.63
N ILE A 209 -14.53 -7.85 33.13
CA ILE A 209 -14.37 -7.59 31.70
C ILE A 209 -14.15 -8.88 30.93
N VAL A 210 -14.63 -8.91 29.69
CA VAL A 210 -14.57 -10.08 28.82
C VAL A 210 -13.75 -9.71 27.59
N ALA A 211 -12.97 -10.67 27.09
CA ALA A 211 -12.33 -10.59 25.78
C ALA A 211 -12.69 -11.85 24.99
N VAL A 212 -12.93 -11.69 23.68
CA VAL A 212 -13.14 -12.83 22.77
C VAL A 212 -12.09 -12.74 21.68
N VAL A 213 -11.28 -13.78 21.54
CA VAL A 213 -10.11 -13.76 20.68
C VAL A 213 -10.06 -15.03 19.86
N ASN A 214 -9.54 -14.89 18.65
CA ASN A 214 -9.24 -16.05 17.82
C ASN A 214 -8.08 -16.85 18.44
N ASP A 215 -7.96 -18.12 18.03
CA ASP A 215 -6.94 -18.94 18.62
C ASP A 215 -5.52 -18.59 18.14
N THR A 216 -5.35 -18.07 16.92
CA THR A 216 -4.05 -17.47 16.58
C THR A 216 -3.67 -16.38 17.58
N VAL A 217 -4.64 -15.50 17.91
CA VAL A 217 -4.37 -14.38 18.80
C VAL A 217 -3.99 -14.88 20.19
N GLY A 218 -4.70 -15.88 20.71
CA GLY A 218 -4.31 -16.43 21.99
C GLY A 218 -2.91 -17.01 21.96
N THR A 219 -2.54 -17.64 20.84
CA THR A 219 -1.17 -18.13 20.66
C THR A 219 -0.16 -17.00 20.73
N MET A 220 -0.34 -15.96 19.90
CA MET A 220 0.55 -14.81 19.97
C MET A 220 0.67 -14.29 21.40
N MET A 221 -0.46 -14.14 22.09
CA MET A 221 -0.43 -13.52 23.42
C MET A 221 0.32 -14.38 24.42
N THR A 222 0.12 -15.70 24.36
CA THR A 222 0.85 -16.59 25.26
C THR A 222 2.34 -16.46 25.05
N CYS A 223 2.77 -16.54 23.79
CA CYS A 223 4.19 -16.48 23.48
C CYS A 223 4.78 -15.13 23.83
N GLY A 224 4.00 -14.06 23.60
CA GLY A 224 4.45 -12.72 23.93
C GLY A 224 4.56 -12.44 25.41
N TYR A 225 4.04 -13.33 26.25
CA TYR A 225 4.30 -13.17 27.67
C TYR A 225 5.68 -13.70 28.05
N ASP A 226 6.18 -14.75 27.39
CA ASP A 226 7.56 -15.18 27.57
C ASP A 226 8.54 -14.39 26.71
N ASP A 227 8.16 -14.03 25.49
CA ASP A 227 9.04 -13.32 24.57
C ASP A 227 8.34 -12.06 24.07
N HIS A 228 8.86 -10.90 24.44
CA HIS A 228 8.17 -9.65 24.19
C HIS A 228 8.52 -9.06 22.82
N ASN A 229 9.24 -9.80 22.00
CA ASN A 229 9.35 -9.52 20.58
C ASN A 229 8.31 -10.25 19.72
N CYS A 230 7.34 -10.93 20.33
CA CYS A 230 6.42 -11.76 19.54
C CYS A 230 5.24 -10.90 19.12
N GLU A 231 5.23 -10.53 17.86
CA GLU A 231 4.14 -9.79 17.22
C GLU A 231 3.28 -10.62 16.27
N ILE A 232 3.52 -11.92 16.14
CA ILE A 232 2.82 -12.75 15.16
C ILE A 232 2.42 -14.06 15.80
N GLY A 233 1.12 -14.35 15.85
CA GLY A 233 0.65 -15.71 16.09
C GLY A 233 0.54 -16.53 14.81
N LEU A 234 0.91 -17.81 14.91
CA LEU A 234 0.87 -18.72 13.77
C LEU A 234 0.34 -20.08 14.21
N ILE A 235 -0.60 -20.64 13.45
CA ILE A 235 -1.08 -22.00 13.67
C ILE A 235 -0.98 -22.75 12.35
N VAL A 236 -0.17 -23.82 12.30
CA VAL A 236 -0.31 -24.75 11.17
C VAL A 236 -0.78 -26.06 11.79
N GLY A 237 -2.10 -26.26 11.72
CA GLY A 237 -2.82 -27.40 12.26
C GLY A 237 -3.50 -28.26 11.23
N THR A 238 -4.56 -28.93 11.68
CA THR A 238 -5.61 -29.36 10.75
C THR A 238 -6.10 -28.18 9.93
N GLY A 239 -6.24 -27.01 10.56
CA GLY A 239 -6.41 -25.76 9.85
C GLY A 239 -5.15 -24.91 9.94
N SER A 240 -5.17 -23.77 9.25
CA SER A 240 -4.03 -22.86 9.37
C SER A 240 -4.47 -21.41 9.29
N ASN A 241 -3.89 -20.58 10.17
CA ASN A 241 -4.24 -19.16 10.23
C ASN A 241 -3.09 -18.43 10.93
N ALA A 242 -3.08 -17.11 10.80
CA ALA A 242 -2.06 -16.32 11.48
C ALA A 242 -2.57 -14.91 11.73
N CYS A 243 -2.02 -14.28 12.77
CA CYS A 243 -2.35 -12.92 13.15
C CYS A 243 -1.07 -12.16 13.39
N TYR A 244 -1.18 -10.82 13.44
CA TYR A 244 -0.03 -9.98 13.72
C TYR A 244 -0.49 -8.64 14.28
N MET A 245 0.43 -7.96 14.96
CA MET A 245 0.19 -6.58 15.34
C MET A 245 0.29 -5.68 14.11
N GLU A 246 -0.63 -4.72 14.03
CA GLU A 246 -0.76 -3.84 12.88
C GLU A 246 -1.04 -2.43 13.38
N GLU A 247 -0.61 -1.42 12.61
CA GLU A 247 -0.73 -0.03 13.05
C GLU A 247 -2.10 0.55 12.70
N MET A 248 -2.74 1.17 13.67
CA MET A 248 -4.10 1.67 13.49
C MET A 248 -4.25 2.57 12.26
N ARG A 249 -3.16 3.20 11.80
CA ARG A 249 -3.29 4.03 10.61
C ARG A 249 -3.54 3.20 9.36
N HIS A 250 -3.29 1.90 9.40
CA HIS A 250 -3.55 1.03 8.28
C HIS A 250 -4.86 0.30 8.39
N ILE A 251 -5.59 0.45 9.51
CA ILE A 251 -6.82 -0.26 9.74
C ILE A 251 -7.95 0.73 9.51
N ASP A 252 -8.63 0.61 8.36
CA ASP A 252 -9.68 1.55 8.04
C ASP A 252 -10.97 1.22 8.77
N MET A 253 -11.20 -0.06 9.04
CA MET A 253 -12.46 -0.52 9.58
C MET A 253 -12.61 -0.21 11.06
N VAL A 254 -11.58 0.31 11.70
CA VAL A 254 -11.68 0.78 13.07
C VAL A 254 -11.32 2.26 13.10
N GLU A 255 -12.16 3.04 13.76
CA GLU A 255 -11.91 4.46 13.86
C GLU A 255 -10.65 4.72 14.67
N GLY A 256 -9.86 5.68 14.19
CA GLY A 256 -8.66 6.15 14.84
C GLY A 256 -7.38 5.65 14.21
N ASP A 257 -6.40 6.54 14.20
CA ASP A 257 -5.10 6.32 13.59
C ASP A 257 -3.98 6.03 14.58
N GLU A 258 -4.26 6.04 15.87
CA GLU A 258 -3.25 5.98 16.91
C GLU A 258 -3.01 4.56 17.40
N GLY A 259 -1.75 4.15 17.44
CA GLY A 259 -1.42 2.91 18.09
C GLY A 259 -1.60 1.70 17.19
N ARG A 260 -1.73 0.54 17.81
CA ARG A 260 -1.77 -0.72 17.08
C ARG A 260 -2.99 -1.51 17.48
N MET A 261 -3.30 -2.49 16.64
CA MET A 261 -4.34 -3.46 16.94
C MET A 261 -3.93 -4.76 16.29
N CYS A 262 -4.17 -5.87 16.98
CA CYS A 262 -3.89 -7.15 16.37
C CYS A 262 -4.93 -7.45 15.30
N ILE A 263 -4.47 -8.03 14.19
CA ILE A 263 -5.33 -8.36 13.05
C ILE A 263 -5.33 -9.87 12.90
N ASN A 264 -6.52 -10.46 12.90
CA ASN A 264 -6.70 -11.87 12.56
C ASN A 264 -6.86 -11.93 11.06
N MET A 265 -5.87 -12.51 10.39
CA MET A 265 -5.88 -12.43 8.94
C MET A 265 -6.92 -13.35 8.33
N GLU A 266 -7.17 -14.50 8.96
CA GLU A 266 -7.93 -15.59 8.36
C GLU A 266 -7.34 -15.96 7.02
N TRP A 267 -6.03 -16.26 7.00
CA TRP A 267 -5.40 -16.42 5.68
C TRP A 267 -5.76 -17.73 5.01
N GLY A 268 -6.45 -18.64 5.72
CA GLY A 268 -6.91 -19.85 5.07
C GLY A 268 -7.67 -19.56 3.79
N ALA A 269 -8.35 -18.40 3.72
CA ALA A 269 -9.17 -18.00 2.58
C ALA A 269 -8.36 -17.34 1.46
N PHE A 270 -7.05 -17.17 1.63
CA PHE A 270 -6.20 -16.69 0.57
C PHE A 270 -6.40 -17.53 -0.68
N GLY A 271 -6.65 -16.87 -1.81
CA GLY A 271 -6.88 -17.58 -3.05
C GLY A 271 -8.29 -18.09 -3.27
N ASP A 272 -9.23 -17.80 -2.36
CA ASP A 272 -10.63 -18.15 -2.62
C ASP A 272 -11.15 -17.49 -3.89
N ASP A 273 -10.64 -16.31 -4.23
CA ASP A 273 -11.06 -15.56 -5.41
C ASP A 273 -10.25 -15.88 -6.65
N GLY A 274 -9.35 -16.87 -6.60
CA GLY A 274 -8.58 -17.28 -7.75
C GLY A 274 -7.13 -16.84 -7.76
N SER A 275 -6.73 -15.96 -6.83
CA SER A 275 -5.40 -15.36 -6.87
C SER A 275 -4.26 -16.39 -6.91
N LEU A 276 -4.47 -17.57 -6.34
CA LEU A 276 -3.45 -18.62 -6.29
C LEU A 276 -3.59 -19.67 -7.37
N ASN A 277 -4.50 -19.50 -8.33
CA ASN A 277 -4.81 -20.64 -9.20
C ASN A 277 -3.73 -21.03 -10.19
N ASP A 278 -2.65 -20.27 -10.33
CA ASP A 278 -1.54 -20.79 -11.10
C ASP A 278 -0.59 -21.64 -10.25
N ILE A 279 -0.66 -21.53 -8.93
CA ILE A 279 0.13 -22.39 -8.06
C ILE A 279 -0.57 -23.73 -7.87
N ARG A 280 -1.90 -23.71 -7.89
CA ARG A 280 -2.71 -24.85 -7.46
C ARG A 280 -2.84 -25.88 -8.58
N THR A 281 -2.76 -27.15 -8.21
CA THR A 281 -2.69 -28.24 -9.15
C THR A 281 -4.04 -28.95 -9.29
N GLU A 282 -4.09 -29.97 -10.15
CA GLU A 282 -5.32 -30.73 -10.29
C GLU A 282 -5.66 -31.49 -9.01
N PHE A 283 -4.64 -31.95 -8.27
CA PHE A 283 -4.90 -32.58 -6.97
C PHE A 283 -5.53 -31.57 -6.01
N ASP A 284 -4.99 -30.35 -5.98
CA ASP A 284 -5.60 -29.29 -5.20
C ASP A 284 -7.05 -29.07 -5.61
N GLN A 285 -7.31 -29.07 -6.92
CA GLN A 285 -8.66 -28.86 -7.40
C GLN A 285 -9.57 -29.99 -6.96
N GLU A 286 -9.07 -31.22 -7.06
CA GLU A 286 -9.89 -32.38 -6.71
C GLU A 286 -10.33 -32.33 -5.25
N ILE A 287 -9.39 -32.08 -4.34
CA ILE A 287 -9.74 -31.97 -2.93
C ILE A 287 -10.84 -30.93 -2.72
N ASP A 288 -10.77 -29.82 -3.45
CA ASP A 288 -11.71 -28.75 -3.22
C ASP A 288 -13.13 -29.16 -3.61
N MET A 289 -13.28 -29.91 -4.71
CA MET A 289 -14.63 -30.31 -5.10
C MET A 289 -15.19 -31.42 -4.22
N GLY A 290 -14.32 -32.25 -3.63
CA GLY A 290 -14.73 -33.28 -2.72
C GLY A 290 -14.80 -32.89 -1.25
N SER A 291 -14.97 -31.59 -0.98
CA SER A 291 -14.86 -31.04 0.36
C SER A 291 -16.21 -30.53 0.82
N LEU A 292 -16.39 -30.48 2.15
CA LEU A 292 -17.61 -29.92 2.69
C LEU A 292 -17.85 -28.47 2.26
N ASN A 293 -16.80 -27.74 1.91
CA ASN A 293 -16.85 -26.30 1.65
CA ASN A 293 -16.89 -26.31 1.63
C ASN A 293 -16.15 -25.98 0.33
N PRO A 294 -16.75 -26.37 -0.80
CA PRO A 294 -16.07 -26.17 -2.09
C PRO A 294 -15.87 -24.69 -2.39
N GLY A 295 -14.66 -24.34 -2.82
CA GLY A 295 -14.31 -22.98 -3.18
C GLY A 295 -13.92 -22.08 -2.04
N LYS A 296 -13.84 -22.61 -0.80
CA LYS A 296 -13.51 -21.84 0.38
C LYS A 296 -12.24 -22.42 1.03
N GLN A 297 -11.55 -21.58 1.79
CA GLN A 297 -10.34 -21.98 2.53
C GLN A 297 -9.29 -22.62 1.62
N LEU A 298 -9.10 -22.06 0.41
CA LEU A 298 -8.31 -22.76 -0.60
C LEU A 298 -6.83 -22.83 -0.24
N PHE A 299 -6.28 -21.79 0.38
CA PHE A 299 -4.88 -21.78 0.79
C PHE A 299 -4.64 -22.77 1.91
N GLU A 300 -5.54 -22.77 2.88
CA GLU A 300 -5.54 -23.79 3.92
C GLU A 300 -5.48 -25.18 3.32
N LYS A 301 -6.36 -25.45 2.35
CA LYS A 301 -6.44 -26.77 1.72
C LYS A 301 -5.14 -27.16 1.05
N MET A 302 -4.29 -26.19 0.75
CA MET A 302 -2.95 -26.51 0.26
C MET A 302 -2.01 -26.85 1.41
N ILE A 303 -2.00 -26.02 2.46
CA ILE A 303 -0.94 -26.10 3.45
C ILE A 303 -1.25 -26.89 4.71
N SER A 304 -2.50 -27.25 4.99
CA SER A 304 -2.78 -27.69 6.35
C SER A 304 -2.81 -29.20 6.43
N GLY A 305 -2.97 -29.69 7.67
CA GLY A 305 -2.88 -31.12 7.90
C GLY A 305 -4.13 -31.88 7.53
N MET A 306 -5.29 -31.24 7.60
CA MET A 306 -6.54 -31.91 7.24
C MET A 306 -6.45 -32.59 5.88
N TYR A 307 -6.05 -31.83 4.86
CA TYR A 307 -6.05 -32.30 3.47
C TYR A 307 -4.69 -32.79 3.01
N MET A 308 -3.69 -32.78 3.87
CA MET A 308 -2.32 -33.03 3.40
C MET A 308 -2.14 -34.48 2.98
N GLY A 309 -2.52 -35.42 3.84
CA GLY A 309 -2.46 -36.83 3.45
C GLY A 309 -3.36 -37.15 2.29
N GLU A 310 -4.56 -36.57 2.28
CA GLU A 310 -5.47 -36.77 1.16
C GLU A 310 -4.84 -36.36 -0.15
N LEU A 311 -4.11 -35.26 -0.14
CA LEU A 311 -3.49 -34.75 -1.34
C LEU A 311 -2.41 -35.72 -1.85
N VAL A 312 -1.77 -36.46 -0.95
CA VAL A 312 -0.83 -37.52 -1.35
C VAL A 312 -1.56 -38.70 -1.98
N ARG A 313 -2.73 -39.07 -1.43
CA ARG A 313 -3.48 -40.18 -1.99
C ARG A 313 -3.80 -39.92 -3.46
N LEU A 314 -4.33 -38.73 -3.76
CA LEU A 314 -4.73 -38.39 -5.12
C LEU A 314 -3.55 -38.49 -6.09
N ILE A 315 -2.33 -38.19 -5.63
CA ILE A 315 -1.17 -38.38 -6.49
C ILE A 315 -0.91 -39.87 -6.71
N LEU A 316 -1.06 -40.68 -5.66
CA LEU A 316 -0.86 -42.11 -5.86
C LEU A 316 -1.91 -42.68 -6.82
N VAL A 317 -3.20 -42.42 -6.55
CA VAL A 317 -4.25 -42.87 -7.46
C VAL A 317 -3.93 -42.52 -8.91
N LYS A 318 -3.54 -41.27 -9.16
CA LYS A 318 -3.33 -40.82 -10.53
C LYS A 318 -2.11 -41.48 -11.16
N MET A 319 -0.97 -41.46 -10.46
CA MET A 319 0.22 -42.12 -11.01
C MET A 319 -0.03 -43.60 -11.29
N ALA A 320 -0.77 -44.27 -10.40
CA ALA A 320 -1.09 -45.67 -10.63
C ALA A 320 -1.99 -45.83 -11.85
N LYS A 321 -3.07 -45.06 -11.92
CA LYS A 321 -3.97 -45.10 -13.07
C LYS A 321 -3.22 -44.88 -14.38
N GLU A 322 -2.08 -44.19 -14.34
CA GLU A 322 -1.23 -43.95 -15.50
C GLU A 322 -0.12 -44.99 -15.63
N GLU A 323 -0.15 -46.02 -14.79
CA GLU A 323 0.79 -47.15 -14.79
C GLU A 323 2.21 -46.76 -14.39
N LEU A 324 2.38 -45.69 -13.64
CA LEU A 324 3.70 -45.26 -13.18
C LEU A 324 4.04 -45.83 -11.81
N LEU A 325 3.09 -46.46 -11.14
CA LEU A 325 3.30 -47.08 -9.83
C LEU A 325 2.32 -48.24 -9.67
N PHE A 326 2.74 -49.25 -8.91
CA PHE A 326 1.93 -50.41 -8.55
C PHE A 326 1.55 -51.24 -9.77
N GLY A 327 2.32 -51.15 -10.85
CA GLY A 327 2.00 -51.82 -12.10
C GLY A 327 0.60 -51.54 -12.58
N GLY A 328 0.05 -50.38 -12.23
CA GLY A 328 -1.29 -50.02 -12.62
C GLY A 328 -2.39 -50.49 -11.68
N LYS A 329 -2.08 -51.37 -10.73
CA LYS A 329 -3.14 -51.94 -9.90
C LYS A 329 -3.66 -50.92 -8.88
N LEU A 330 -4.89 -51.12 -8.45
CA LEU A 330 -5.52 -50.26 -7.46
C LEU A 330 -6.16 -51.14 -6.40
N SER A 331 -6.32 -50.57 -5.21
CA SER A 331 -7.05 -51.28 -4.17
C SER A 331 -8.27 -50.48 -3.75
N PRO A 332 -9.33 -51.16 -3.29
CA PRO A 332 -10.54 -50.44 -2.83
C PRO A 332 -10.23 -49.33 -1.84
N GLU A 333 -9.21 -49.52 -0.99
CA GLU A 333 -8.87 -48.57 0.05
C GLU A 333 -8.09 -47.38 -0.49
N LEU A 334 -7.33 -47.58 -1.57
CA LEU A 334 -6.61 -46.46 -2.16
C LEU A 334 -7.55 -45.43 -2.76
N LEU A 335 -8.72 -45.86 -3.23
CA LEU A 335 -9.69 -44.96 -3.84
C LEU A 335 -10.73 -44.44 -2.86
N ASN A 336 -10.57 -44.74 -1.57
CA ASN A 336 -11.44 -44.18 -0.54
C ASN A 336 -10.78 -42.94 0.07
N THR A 337 -11.55 -41.87 0.18
CA THR A 337 -11.04 -40.60 0.71
C THR A 337 -10.59 -40.77 2.15
N GLY A 338 -9.53 -40.06 2.51
CA GLY A 338 -9.02 -40.05 3.87
C GLY A 338 -8.28 -41.29 4.31
N ARG A 339 -8.10 -42.28 3.43
CA ARG A 339 -7.49 -43.52 3.89
C ARG A 339 -5.98 -43.42 4.01
N PHE A 340 -5.37 -42.46 3.31
CA PHE A 340 -3.97 -42.09 3.49
C PHE A 340 -3.95 -40.82 4.34
N GLU A 341 -3.29 -40.87 5.48
CA GLU A 341 -3.50 -39.86 6.51
C GLU A 341 -2.25 -39.03 6.69
N THR A 342 -2.44 -37.78 7.14
CA THR A 342 -1.30 -36.93 7.46
C THR A 342 -0.38 -37.63 8.44
N LYS A 343 -0.94 -38.37 9.40
CA LYS A 343 -0.11 -39.09 10.33
C LYS A 343 0.86 -40.01 9.59
N ASP A 344 0.39 -40.61 8.48
CA ASP A 344 1.22 -41.52 7.70
C ASP A 344 2.38 -40.77 7.03
N ILE A 345 2.15 -39.51 6.66
CA ILE A 345 3.23 -38.70 6.11
C ILE A 345 4.30 -38.48 7.16
N SER A 346 3.90 -38.00 8.35
CA SER A 346 4.84 -37.77 9.43
C SER A 346 5.62 -39.03 9.79
N ASP A 347 4.94 -40.18 9.82
CA ASP A 347 5.65 -41.44 10.01
C ASP A 347 6.69 -41.67 8.92
N ILE A 348 6.29 -41.49 7.66
CA ILE A 348 7.13 -41.96 6.56
C ILE A 348 8.40 -41.12 6.46
N GLU A 349 8.30 -39.81 6.74
CA GLU A 349 9.49 -38.97 6.75
C GLU A 349 10.28 -39.04 8.05
N GLY A 350 9.64 -39.48 9.14
CA GLY A 350 10.29 -39.49 10.45
C GLY A 350 11.30 -40.58 10.73
N GLU A 351 10.96 -41.82 10.41
CA GLU A 351 11.84 -42.94 10.70
C GLU A 351 13.08 -42.87 9.79
N LYS A 352 14.20 -43.40 10.30
CA LYS A 352 15.40 -43.47 9.49
C LYS A 352 15.19 -44.37 8.27
N ASP A 353 14.41 -45.44 8.44
CA ASP A 353 13.91 -46.19 7.29
C ASP A 353 12.45 -45.80 7.09
N GLY A 354 12.21 -44.98 6.08
CA GLY A 354 10.87 -44.52 5.77
C GLY A 354 10.35 -45.25 4.56
N ILE A 355 11.26 -45.91 3.85
CA ILE A 355 10.83 -46.76 2.75
C ILE A 355 10.16 -48.02 3.30
N ARG A 356 10.70 -48.57 4.39
CA ARG A 356 10.03 -49.64 5.10
C ARG A 356 8.68 -49.18 5.67
N LYS A 357 8.66 -48.01 6.33
CA LYS A 357 7.39 -47.50 6.85
C LYS A 357 6.42 -47.10 5.74
N ALA A 358 6.92 -46.80 4.54
CA ALA A 358 6.02 -46.60 3.40
C ALA A 358 5.47 -47.93 2.89
N ARG A 359 6.34 -48.95 2.80
CA ARG A 359 5.91 -50.31 2.47
C ARG A 359 4.72 -50.74 3.33
N GLU A 360 4.76 -50.40 4.61
CA GLU A 360 3.71 -50.87 5.52
C GLU A 360 2.41 -50.08 5.35
N VAL A 361 2.50 -48.77 5.11
CA VAL A 361 1.28 -48.00 4.91
C VAL A 361 0.60 -48.40 3.62
N LEU A 362 1.39 -48.63 2.56
CA LEU A 362 0.84 -49.08 1.29
C LEU A 362 0.19 -50.45 1.40
N MET A 363 0.83 -51.36 2.15
CA MET A 363 0.25 -52.69 2.33
C MET A 363 -1.09 -52.60 3.05
N ARG A 364 -1.18 -51.74 4.07
CA ARG A 364 -2.44 -51.61 4.78
C ARG A 364 -3.53 -51.04 3.88
N LEU A 365 -3.15 -50.25 2.87
CA LEU A 365 -4.09 -49.79 1.85
C LEU A 365 -4.51 -50.91 0.90
N GLY A 366 -3.92 -52.09 1.02
CA GLY A 366 -4.29 -53.19 0.15
C GLY A 366 -3.46 -53.31 -1.10
N LEU A 367 -2.27 -52.74 -1.13
CA LEU A 367 -1.43 -52.85 -2.31
C LEU A 367 -0.28 -53.83 -2.06
N ASP A 368 0.49 -54.07 -3.12
CA ASP A 368 1.60 -55.02 -3.14
C ASP A 368 2.78 -54.21 -3.69
N PRO A 369 3.42 -53.42 -2.85
CA PRO A 369 4.40 -52.45 -3.35
C PRO A 369 5.77 -53.08 -3.64
N THR A 370 6.46 -52.49 -4.60
CA THR A 370 7.84 -52.81 -4.89
C THR A 370 8.72 -51.79 -4.19
N GLN A 371 10.05 -51.96 -4.29
CA GLN A 371 10.93 -50.98 -3.66
C GLN A 371 10.75 -49.60 -4.28
N GLU A 372 10.72 -49.54 -5.63
CA GLU A 372 10.49 -48.28 -6.33
C GLU A 372 9.21 -47.61 -5.85
N ASP A 373 8.12 -48.37 -5.81
CA ASP A 373 6.84 -47.83 -5.35
C ASP A 373 6.96 -47.19 -3.97
N CYS A 374 7.77 -47.77 -3.10
CA CYS A 374 7.96 -47.19 -1.77
C CYS A 374 8.86 -45.95 -1.83
N VAL A 375 9.89 -45.99 -2.69
CA VAL A 375 10.72 -44.79 -2.87
C VAL A 375 9.86 -43.63 -3.37
N ALA A 376 9.03 -43.89 -4.39
CA ALA A 376 8.20 -42.84 -4.96
C ALA A 376 7.19 -42.32 -3.94
N THR A 377 6.58 -43.23 -3.17
CA THR A 377 5.63 -42.80 -2.14
C THR A 377 6.30 -41.89 -1.12
N HIS A 378 7.43 -42.34 -0.56
CA HIS A 378 8.19 -41.55 0.41
C HIS A 378 8.48 -40.16 -0.11
N ARG A 379 8.78 -40.04 -1.40
CA ARG A 379 9.23 -38.77 -1.92
C ARG A 379 8.06 -37.83 -2.16
N ILE A 380 6.96 -38.38 -2.69
CA ILE A 380 5.71 -37.66 -2.79
C ILE A 380 5.31 -37.06 -1.44
N CYS A 381 5.57 -37.79 -0.35
CA CYS A 381 5.30 -37.25 0.97
C CYS A 381 6.16 -36.03 1.27
N GLN A 382 7.44 -36.05 0.87
CA GLN A 382 8.29 -34.90 1.16
C GLN A 382 7.87 -33.69 0.34
N ILE A 383 7.59 -33.90 -0.95
CA ILE A 383 7.24 -32.79 -1.82
C ILE A 383 6.00 -32.08 -1.29
N VAL A 384 4.99 -32.84 -0.88
CA VAL A 384 3.75 -32.25 -0.40
C VAL A 384 4.00 -31.49 0.90
N SER A 385 4.75 -32.11 1.83
CA SER A 385 5.01 -31.45 3.10
C SER A 385 5.94 -30.26 2.94
N THR A 386 6.87 -30.33 1.97
CA THR A 386 7.73 -29.19 1.71
C THR A 386 6.97 -28.06 1.04
N ARG A 387 5.96 -28.37 0.23
CA ARG A 387 5.17 -27.29 -0.34
C ARG A 387 4.41 -26.58 0.77
N SER A 388 3.87 -27.33 1.73
CA SER A 388 3.17 -26.69 2.83
C SER A 388 4.09 -25.76 3.60
N ALA A 389 5.32 -26.21 3.86
CA ALA A 389 6.25 -25.36 4.61
C ALA A 389 6.66 -24.13 3.81
N SER A 390 6.81 -24.25 2.49
CA SER A 390 7.22 -23.11 1.69
C SER A 390 6.10 -22.10 1.53
N LEU A 391 4.86 -22.57 1.43
CA LEU A 391 3.76 -21.62 1.29
C LEU A 391 3.58 -20.80 2.57
N CYS A 392 3.75 -21.42 3.75
CA CYS A 392 3.76 -20.64 4.99
C CYS A 392 4.86 -19.60 4.96
N ALA A 393 6.07 -20.01 4.56
CA ALA A 393 7.17 -19.06 4.51
C ALA A 393 6.78 -17.83 3.70
N ALA A 394 6.21 -18.04 2.50
CA ALA A 394 5.90 -16.92 1.62
C ALA A 394 4.99 -15.92 2.31
N THR A 395 3.93 -16.42 2.94
CA THR A 395 3.01 -15.49 3.55
C THR A 395 3.53 -14.93 4.87
N LEU A 396 4.26 -15.73 5.66
CA LEU A 396 4.97 -15.18 6.81
C LEU A 396 5.94 -14.10 6.37
N ALA A 397 6.59 -14.30 5.23
CA ALA A 397 7.53 -13.29 4.74
C ALA A 397 6.84 -11.94 4.58
N ALA A 398 5.64 -11.93 3.99
CA ALA A 398 4.95 -10.65 3.77
C ALA A 398 4.57 -9.99 5.09
N VAL A 399 4.14 -10.78 6.07
CA VAL A 399 3.83 -10.21 7.38
C VAL A 399 5.10 -9.62 8.01
N LEU A 400 6.20 -10.38 7.97
CA LEU A 400 7.46 -9.88 8.53
C LEU A 400 7.89 -8.59 7.81
N GLN A 401 7.74 -8.56 6.49
CA GLN A 401 8.13 -7.37 5.74
C GLN A 401 7.29 -6.16 6.14
N ARG A 402 5.98 -6.38 6.40
CA ARG A 402 5.14 -5.23 6.73
C ARG A 402 5.43 -4.70 8.12
N ILE A 403 5.62 -5.60 9.08
CA ILE A 403 6.03 -5.14 10.39
C ILE A 403 7.33 -4.34 10.30
N LYS A 404 8.23 -4.77 9.40
CA LYS A 404 9.51 -4.06 9.24
C LYS A 404 9.30 -2.67 8.65
N GLU A 405 8.51 -2.55 7.59
CA GLU A 405 8.21 -1.21 7.08
C GLU A 405 7.42 -0.38 8.08
N ASN A 406 6.56 -0.99 8.90
CA ASN A 406 5.84 -0.21 9.91
C ASN A 406 6.83 0.41 10.89
N LYS A 407 7.76 -0.40 11.41
CA LYS A 407 8.73 0.11 12.38
C LYS A 407 9.73 1.06 11.74
N GLY A 408 10.07 0.83 10.47
CA GLY A 408 10.87 1.77 9.72
C GLY A 408 12.36 1.76 10.00
N GLU A 409 12.89 0.69 10.57
CA GLU A 409 14.35 0.55 10.63
C GLU A 409 14.75 -0.48 9.57
N GLU A 410 16.07 -0.66 9.41
CA GLU A 410 16.57 -1.58 8.38
C GLU A 410 16.52 -3.04 8.84
N ARG A 411 16.76 -3.30 10.12
CA ARG A 411 16.89 -4.63 10.68
C ARG A 411 15.77 -4.87 11.71
N LEU A 412 15.23 -6.09 11.74
CA LEU A 412 14.05 -6.39 12.57
C LEU A 412 14.28 -7.66 13.38
N ARG A 413 14.26 -7.53 14.71
CA ARG A 413 14.18 -8.69 15.59
C ARG A 413 12.70 -8.99 15.82
N SER A 414 12.25 -10.20 15.45
CA SER A 414 10.85 -10.54 15.61
C SER A 414 10.70 -12.03 15.90
N THR A 415 9.74 -12.36 16.76
CA THR A 415 9.47 -13.74 17.17
C THR A 415 8.07 -14.15 16.76
N ILE A 416 7.97 -15.37 16.23
CA ILE A 416 6.72 -15.93 15.76
C ILE A 416 6.23 -16.94 16.81
N GLY A 417 5.12 -16.65 17.48
CA GLY A 417 4.47 -17.66 18.30
C GLY A 417 3.77 -18.69 17.43
N VAL A 418 4.02 -19.99 17.70
CA VAL A 418 3.69 -21.06 16.76
C VAL A 418 2.98 -22.19 17.48
N ASP A 419 1.95 -22.73 16.84
CA ASP A 419 1.22 -23.87 17.37
C ASP A 419 0.73 -24.73 16.20
N GLY A 420 0.10 -25.83 16.54
CA GLY A 420 -0.58 -26.68 15.57
C GLY A 420 0.11 -28.01 15.35
N SER A 421 -0.69 -29.01 14.96
CA SER A 421 -0.24 -30.39 14.91
C SER A 421 0.73 -30.66 13.78
N VAL A 422 0.62 -29.94 12.66
CA VAL A 422 1.58 -30.12 11.59
C VAL A 422 2.97 -29.65 12.05
N TYR A 423 3.10 -28.41 12.50
CA TYR A 423 4.43 -27.89 12.79
C TYR A 423 5.03 -28.58 14.00
N LYS A 424 4.21 -28.98 14.96
CA LYS A 424 4.78 -29.64 16.13
C LYS A 424 5.15 -31.09 15.86
N LYS A 425 4.23 -31.89 15.31
CA LYS A 425 4.49 -33.32 15.21
C LYS A 425 4.97 -33.78 13.84
N HIS A 426 5.02 -32.94 12.84
CA HIS A 426 5.66 -33.41 11.61
C HIS A 426 7.16 -33.27 11.76
N PRO A 427 7.94 -34.29 11.41
CA PRO A 427 9.36 -34.31 11.84
C PRO A 427 10.21 -33.18 11.29
N HIS A 428 10.14 -32.90 9.99
CA HIS A 428 11.05 -31.96 9.34
C HIS A 428 10.48 -30.56 9.07
N PHE A 429 9.21 -30.29 9.37
CA PHE A 429 8.60 -29.15 8.70
C PHE A 429 8.99 -27.84 9.37
N ALA A 430 9.06 -27.80 10.70
CA ALA A 430 9.54 -26.62 11.37
C ALA A 430 10.92 -26.21 10.83
N LYS A 431 11.84 -27.17 10.69
CA LYS A 431 13.15 -26.86 10.12
C LYS A 431 13.00 -26.23 8.74
N ARG A 432 12.16 -26.85 7.90
CA ARG A 432 11.98 -26.36 6.54
C ARG A 432 11.37 -24.97 6.53
N LEU A 433 10.39 -24.74 7.40
CA LEU A 433 9.81 -23.41 7.51
C LEU A 433 10.86 -22.40 7.96
N HIS A 434 11.52 -22.67 9.09
CA HIS A 434 12.51 -21.74 9.62
C HIS A 434 13.52 -21.38 8.56
N LYS A 435 14.03 -22.38 7.84
CA LYS A 435 15.09 -22.11 6.86
C LYS A 435 14.56 -21.29 5.68
N THR A 436 13.33 -21.54 5.24
CA THR A 436 12.84 -20.82 4.08
C THR A 436 12.44 -19.39 4.43
N VAL A 437 11.81 -19.17 5.59
CA VAL A 437 11.44 -17.82 6.00
C VAL A 437 12.68 -16.94 6.06
N ARG A 438 13.73 -17.45 6.69
CA ARG A 438 14.92 -16.64 6.92
C ARG A 438 15.63 -16.31 5.62
N ARG A 439 15.61 -17.21 4.63
CA ARG A 439 16.06 -16.84 3.28
C ARG A 439 15.24 -15.72 2.68
N LEU A 440 13.91 -15.83 2.77
CA LEU A 440 13.08 -14.84 2.08
C LEU A 440 13.13 -13.48 2.75
N VAL A 441 13.49 -13.39 4.03
CA VAL A 441 13.67 -12.07 4.64
C VAL A 441 15.08 -11.93 5.19
N PRO A 442 16.04 -11.53 4.34
CA PRO A 442 17.40 -11.24 4.84
C PRO A 442 17.47 -10.14 5.87
N GLY A 443 16.54 -9.17 5.82
CA GLY A 443 16.51 -8.05 6.74
C GLY A 443 15.98 -8.32 8.13
N CYS A 444 15.79 -9.58 8.50
CA CYS A 444 15.10 -9.91 9.74
C CYS A 444 15.84 -11.00 10.51
N ASP A 445 16.01 -10.79 11.81
CA ASP A 445 16.38 -11.84 12.75
C ASP A 445 15.07 -12.34 13.33
N VAL A 446 14.67 -13.56 13.02
CA VAL A 446 13.34 -14.03 13.38
C VAL A 446 13.47 -15.32 14.19
N ARG A 447 13.10 -15.24 15.46
CA ARG A 447 12.96 -16.39 16.33
C ARG A 447 11.61 -17.08 16.12
N PHE A 448 11.58 -18.40 16.33
CA PHE A 448 10.34 -19.17 16.46
C PHE A 448 10.21 -19.73 17.86
N LEU A 449 9.02 -19.59 18.45
CA LEU A 449 8.76 -20.11 19.79
C LEU A 449 7.44 -20.85 19.74
N ARG A 450 7.46 -22.14 20.08
CA ARG A 450 6.22 -22.91 20.07
C ARG A 450 5.47 -22.72 21.38
N SER A 451 4.17 -22.45 21.26
CA SER A 451 3.28 -22.35 22.40
C SER A 451 2.81 -23.74 22.80
N GLU A 452 2.99 -24.11 24.07
CA GLU A 452 2.48 -25.41 24.51
C GLU A 452 1.04 -25.28 25.03
N ASP A 453 0.86 -24.57 26.15
CA ASP A 453 -0.42 -24.62 26.88
C ASP A 453 -1.60 -24.11 26.06
N GLY A 454 -1.35 -23.48 24.91
CA GLY A 454 -2.41 -23.22 23.97
C GLY A 454 -3.17 -21.93 24.19
N SER A 455 -4.44 -21.98 23.83
CA SER A 455 -5.28 -20.81 23.66
C SER A 455 -6.09 -20.45 24.89
N GLY A 456 -6.04 -21.26 25.94
CA GLY A 456 -6.76 -20.90 27.16
C GLY A 456 -6.17 -19.67 27.85
N LYS A 457 -4.87 -19.71 28.13
CA LYS A 457 -4.20 -18.58 28.76
C LYS A 457 -4.18 -17.37 27.86
N GLY A 458 -4.10 -17.56 26.55
CA GLY A 458 -4.03 -16.44 25.66
C GLY A 458 -5.19 -15.49 25.86
N ALA A 459 -6.42 -15.98 25.74
CA ALA A 459 -7.55 -15.09 25.97
C ALA A 459 -7.46 -14.48 27.36
N ALA A 460 -7.09 -15.28 28.35
CA ALA A 460 -6.89 -14.77 29.69
C ALA A 460 -5.83 -13.66 29.70
N MET A 461 -4.73 -13.87 28.97
CA MET A 461 -3.64 -12.90 28.95
C MET A 461 -4.09 -11.58 28.30
N VAL A 462 -5.04 -11.64 27.37
CA VAL A 462 -5.59 -10.41 26.80
C VAL A 462 -6.22 -9.57 27.89
N THR A 463 -7.09 -10.18 28.71
CA THR A 463 -7.67 -9.41 29.82
C THR A 463 -6.59 -8.96 30.80
N ALA A 464 -5.51 -9.73 30.93
CA ALA A 464 -4.43 -9.32 31.82
C ALA A 464 -3.70 -8.11 31.27
N VAL A 465 -3.46 -8.09 29.96
CA VAL A 465 -2.85 -6.92 29.38
C VAL A 465 -3.80 -5.74 29.42
N ALA A 466 -5.10 -6.01 29.32
CA ALA A 466 -6.07 -4.93 29.40
C ALA A 466 -6.02 -4.28 30.79
N TYR A 467 -5.87 -5.08 31.84
CA TYR A 467 -5.72 -4.50 33.16
C TYR A 467 -4.44 -3.70 33.27
N ARG A 468 -3.37 -4.18 32.62
CA ARG A 468 -2.08 -3.51 32.72
C ARG A 468 -2.13 -2.15 32.05
N LEU A 469 -2.73 -2.08 30.86
CA LEU A 469 -2.87 -0.79 30.20
C LEU A 469 -3.59 0.21 31.09
N ALA A 470 -4.67 -0.24 31.75
CA ALA A 470 -5.41 0.65 32.63
C ALA A 470 -4.56 1.09 33.81
N ASP A 471 -3.79 0.17 34.40
CA ASP A 471 -3.00 0.53 35.57
C ASP A 471 -1.89 1.51 35.21
N GLN A 472 -1.28 1.33 34.03
CA GLN A 472 -0.18 2.20 33.65
C GLN A 472 -0.68 3.56 33.20
N HIS A 473 -1.88 3.60 32.63
CA HIS A 473 -2.53 4.86 32.27
C HIS A 473 -2.74 5.74 33.50
N ARG A 474 -3.43 5.21 34.52
CA ARG A 474 -3.65 6.05 35.69
C ARG A 474 -2.36 6.23 36.49
N ALA A 475 -1.37 5.37 36.29
CA ALA A 475 -0.07 5.59 36.93
C ALA A 475 0.58 6.85 36.38
N ARG A 476 0.70 6.95 35.07
CA ARG A 476 1.39 8.11 34.53
C ARG A 476 0.50 9.34 34.57
N GLN A 477 -0.82 9.15 34.61
CA GLN A 477 -1.70 10.28 34.85
C GLN A 477 -1.57 10.79 36.28
N LYS A 478 -1.20 9.93 37.23
CA LYS A 478 -0.99 10.41 38.60
C LYS A 478 0.20 11.33 38.69
N THR A 479 1.22 11.13 37.85
CA THR A 479 2.37 12.02 37.82
C THR A 479 2.03 13.31 37.08
N LEU A 480 1.31 13.20 35.98
CA LEU A 480 0.96 14.37 35.20
C LEU A 480 0.03 15.31 35.96
N GLU A 481 -0.76 14.77 36.90
CA GLU A 481 -1.67 15.62 37.66
C GLU A 481 -0.90 16.70 38.42
N HIS A 482 0.33 16.40 38.83
CA HIS A 482 1.17 17.41 39.48
C HIS A 482 1.45 18.62 38.58
N LEU A 483 1.38 18.47 37.25
CA LEU A 483 1.59 19.54 36.31
C LEU A 483 0.30 20.18 35.77
N GLN A 484 -0.87 19.78 36.28
CA GLN A 484 -2.14 20.36 35.84
C GLN A 484 -2.73 21.16 36.99
N LEU A 485 -2.80 22.47 36.83
CA LEU A 485 -3.14 23.38 37.92
C LEU A 485 -4.58 23.84 37.81
N SER A 486 -5.28 23.84 38.94
CA SER A 486 -6.66 24.30 39.01
C SER A 486 -6.72 25.83 38.93
N HIS A 487 -7.88 26.32 38.48
CA HIS A 487 -8.15 27.75 38.40
C HIS A 487 -7.99 28.43 39.76
N ASP A 488 -8.26 27.73 40.86
CA ASP A 488 -7.94 28.32 42.16
C ASP A 488 -6.45 28.38 42.42
N GLN A 489 -5.67 27.47 41.82
CA GLN A 489 -4.23 27.45 42.06
C GLN A 489 -3.50 28.54 41.31
N LEU A 490 -3.96 28.87 40.11
CA LEU A 490 -3.34 29.93 39.33
C LEU A 490 -3.60 31.29 39.96
N LEU A 491 -4.85 31.53 40.40
CA LEU A 491 -5.15 32.73 41.18
C LEU A 491 -4.16 32.90 42.34
N GLU A 492 -3.86 31.82 43.06
CA GLU A 492 -2.85 31.93 44.10
C GLU A 492 -1.49 32.32 43.53
N VAL A 493 -1.12 31.75 42.37
CA VAL A 493 0.13 32.14 41.72
C VAL A 493 0.06 33.61 41.29
N LYS A 494 -1.08 34.02 40.71
CA LYS A 494 -1.28 35.44 40.43
C LYS A 494 -1.01 36.29 41.67
N ARG A 495 -1.65 35.96 42.80
CA ARG A 495 -1.43 36.72 44.02
C ARG A 495 0.05 36.89 44.33
N ARG A 496 0.82 35.79 44.25
CA ARG A 496 2.22 35.90 44.65
C ARG A 496 3.04 36.70 43.65
N MET A 497 2.59 36.78 42.39
CA MET A 497 3.22 37.71 41.47
C MET A 497 2.92 39.14 41.92
N LYS A 498 1.70 39.38 42.39
CA LYS A 498 1.33 40.68 42.96
C LYS A 498 2.31 41.10 44.07
N VAL A 499 2.41 40.28 45.13
CA VAL A 499 3.22 40.68 46.28
C VAL A 499 4.69 40.85 45.88
N GLU A 500 5.19 40.01 44.97
CA GLU A 500 6.58 40.11 44.59
C GLU A 500 6.83 41.35 43.73
N MET A 501 5.81 41.83 43.02
CA MET A 501 5.94 43.09 42.30
C MET A 501 6.01 44.28 43.27
N GLU A 502 5.02 44.38 44.18
CA GLU A 502 5.05 45.43 45.20
C GLU A 502 6.35 45.37 45.97
N ARG A 503 6.83 44.16 46.26
CA ARG A 503 8.03 44.02 47.05
C ARG A 503 9.26 44.54 46.30
N GLY A 504 9.32 44.36 44.99
CA GLY A 504 10.47 44.83 44.24
C GLY A 504 10.51 46.33 44.05
N LEU A 505 9.35 46.99 44.09
CA LEU A 505 9.28 48.42 43.80
C LEU A 505 9.70 49.27 44.99
N SER A 506 9.30 48.90 46.22
CA SER A 506 9.65 49.66 47.41
C SER A 506 11.16 49.62 47.66
N LYS A 507 11.67 50.67 48.30
CA LYS A 507 13.11 50.78 48.51
C LYS A 507 13.61 49.89 49.63
N GLU A 508 12.72 49.36 50.45
CA GLU A 508 13.13 48.54 51.58
C GLU A 508 13.57 47.13 51.15
N THR A 509 12.72 46.41 50.40
CA THR A 509 13.03 45.04 49.96
C THR A 509 13.73 44.92 48.61
N HIS A 510 13.87 45.99 47.83
CA HIS A 510 14.28 45.77 46.43
C HIS A 510 15.61 45.03 46.38
N ALA A 511 16.44 45.23 47.41
CA ALA A 511 17.62 44.41 47.61
C ALA A 511 17.25 42.97 47.93
N SER A 512 16.25 42.76 48.79
CA SER A 512 15.84 41.38 49.13
C SER A 512 14.90 40.77 48.09
N ALA A 513 14.12 41.58 47.36
CA ALA A 513 13.09 41.03 46.47
C ALA A 513 13.70 40.22 45.33
N PRO A 514 13.17 39.04 45.03
CA PRO A 514 13.65 38.29 43.84
C PRO A 514 13.27 38.93 42.52
N VAL A 515 12.10 39.55 42.42
CA VAL A 515 11.69 40.22 41.18
C VAL A 515 12.10 41.68 41.32
N LYS A 516 13.14 42.08 40.58
CA LYS A 516 13.87 43.27 40.97
C LYS A 516 13.23 44.57 40.48
N MET A 517 12.30 44.51 39.52
CA MET A 517 11.52 45.69 39.16
C MET A 517 12.39 46.87 38.75
N LEU A 518 13.34 46.61 37.86
CA LEU A 518 14.33 47.60 37.46
C LEU A 518 13.66 48.80 36.80
N PRO A 519 14.00 50.03 37.21
CA PRO A 519 13.59 51.21 36.41
C PRO A 519 14.31 51.22 35.08
N THR A 520 13.57 51.43 34.00
CA THR A 520 14.18 51.54 32.68
C THR A 520 14.58 52.95 32.30
N TYR A 521 14.08 53.97 33.00
CA TYR A 521 14.17 55.36 32.59
C TYR A 521 13.59 55.58 31.18
N VAL A 522 12.64 54.74 30.78
CA VAL A 522 11.84 55.00 29.58
C VAL A 522 10.53 55.53 30.12
N CYS A 523 10.32 56.84 30.03
CA CYS A 523 9.18 57.47 30.68
C CYS A 523 8.02 57.80 29.76
N ALA A 524 8.13 57.56 28.47
CA ALA A 524 7.12 58.04 27.53
C ALA A 524 6.86 57.01 26.45
N THR A 525 5.68 57.12 25.85
CA THR A 525 5.24 56.18 24.84
C THR A 525 5.02 56.96 23.54
N PRO A 526 4.68 56.31 22.43
CA PRO A 526 4.65 57.02 21.15
C PRO A 526 3.45 57.95 21.01
N ASP A 527 3.57 58.83 20.02
CA ASP A 527 2.47 59.51 19.35
C ASP A 527 2.49 59.07 17.90
N GLY A 528 1.62 59.67 17.10
CA GLY A 528 1.92 59.59 15.68
C GLY A 528 3.08 60.44 15.24
N THR A 529 3.73 61.16 16.18
CA THR A 529 4.64 62.25 15.84
C THR A 529 5.87 61.77 15.08
N GLU A 530 6.47 60.69 15.54
CA GLU A 530 7.91 60.49 15.40
C GLU A 530 8.32 60.28 13.95
N LYS A 531 9.47 60.86 13.60
CA LYS A 531 10.00 60.77 12.25
C LYS A 531 11.53 60.81 12.34
N GLY A 532 12.19 60.06 11.47
CA GLY A 532 13.62 60.16 11.36
C GLY A 532 14.27 58.84 11.01
N ASP A 533 15.60 58.84 11.16
CA ASP A 533 16.45 57.67 10.99
C ASP A 533 17.15 57.37 12.29
N PHE A 534 17.09 56.11 12.69
CA PHE A 534 17.75 55.73 13.92
C PHE A 534 18.55 54.47 13.69
N LEU A 535 19.75 54.47 14.26
CA LEU A 535 20.57 53.29 14.32
C LEU A 535 20.28 52.53 15.61
N ALA A 536 20.24 51.21 15.49
CA ALA A 536 20.15 50.33 16.64
C ALA A 536 21.36 49.43 16.65
N LEU A 537 22.05 49.38 17.78
CA LEU A 537 23.14 48.44 18.00
C LEU A 537 22.64 47.40 18.98
N ASP A 538 22.43 46.18 18.51
CA ASP A 538 21.93 45.10 19.35
C ASP A 538 23.08 44.13 19.57
N LEU A 539 23.65 44.13 20.77
CA LEU A 539 24.76 43.23 21.07
C LEU A 539 24.45 42.42 22.32
N GLY A 540 24.32 41.13 22.11
CA GLY A 540 24.60 40.13 23.11
C GLY A 540 24.98 38.90 22.33
N GLY A 541 25.78 38.05 22.95
CA GLY A 541 26.38 36.95 22.21
C GLY A 541 27.38 37.46 21.19
N THR A 542 28.01 36.52 20.51
CA THR A 542 29.17 36.87 19.68
C THR A 542 28.79 37.64 18.40
N ASN A 543 27.52 37.64 18.00
CA ASN A 543 27.08 38.32 16.79
C ASN A 543 26.15 39.48 17.15
N PHE A 544 26.62 40.72 17.00
CA PHE A 544 25.69 41.82 17.00
C PHE A 544 25.07 42.03 15.61
N ARG A 545 23.89 42.63 15.60
CA ARG A 545 23.33 43.24 14.41
C ARG A 545 23.47 44.76 14.51
N VAL A 546 23.75 45.40 13.37
CA VAL A 546 23.62 46.84 13.23
C VAL A 546 22.44 47.11 12.30
N LEU A 547 21.50 47.95 12.75
CA LEU A 547 20.25 48.16 12.04
C LEU A 547 20.01 49.64 11.79
N LEU A 548 19.36 49.96 10.67
CA LEU A 548 18.88 51.31 10.39
C LEU A 548 17.36 51.35 10.44
N VAL A 549 16.79 52.15 11.33
CA VAL A 549 15.33 52.25 11.45
C VAL A 549 14.89 53.57 10.82
N ARG A 550 13.94 53.51 9.87
CA ARG A 550 13.33 54.71 9.29
C ARG A 550 11.87 54.77 9.70
N VAL A 551 11.44 55.93 10.21
CA VAL A 551 10.10 56.12 10.74
C VAL A 551 9.34 57.11 9.87
N ARG A 552 8.16 56.70 9.38
CA ARG A 552 7.19 57.57 8.72
C ARG A 552 6.06 57.90 9.69
N ASN A 553 5.90 59.20 9.99
CA ASN A 553 4.92 59.63 10.97
C ASN A 553 3.52 59.63 10.35
N GLY A 554 2.55 60.13 11.12
CA GLY A 554 1.19 60.27 10.64
C GLY A 554 0.45 58.96 10.57
N LYS A 555 -0.86 59.05 10.31
CA LYS A 555 -1.64 57.86 10.12
C LYS A 555 -1.14 57.13 8.90
N TRP A 556 -1.37 55.82 8.88
CA TRP A 556 -0.62 54.90 8.01
C TRP A 556 0.85 55.09 8.39
N GLY A 557 1.77 55.19 7.43
CA GLY A 557 3.16 55.22 7.81
C GLY A 557 3.52 53.90 8.49
N GLY A 558 4.65 53.92 9.16
CA GLY A 558 5.15 52.71 9.77
C GLY A 558 6.66 52.74 9.87
N VAL A 559 7.24 51.55 9.92
CA VAL A 559 8.68 51.38 10.03
C VAL A 559 9.15 50.26 9.10
N GLU A 560 10.27 50.50 8.42
CA GLU A 560 11.03 49.46 7.76
C GLU A 560 12.43 49.36 8.36
N MET A 561 12.99 48.16 8.21
CA MET A 561 14.26 47.76 8.76
C MET A 561 15.30 47.48 7.68
N HIS A 562 16.55 47.83 8.00
CA HIS A 562 17.69 47.22 7.34
C HIS A 562 18.68 46.82 8.42
N ASN A 563 19.03 45.55 8.46
CA ASN A 563 20.10 45.15 9.37
C ASN A 563 21.29 44.62 8.58
N LYS A 564 22.35 44.31 9.32
CA LYS A 564 23.43 43.45 8.86
C LYS A 564 23.99 42.79 10.11
N ILE A 565 24.38 41.52 9.99
CA ILE A 565 24.90 40.75 11.11
C ILE A 565 26.41 40.68 11.00
N TYR A 566 27.10 40.98 12.10
CA TYR A 566 28.55 40.83 12.18
C TYR A 566 28.92 39.87 13.31
N ALA A 567 30.11 39.28 13.19
CA ALA A 567 30.67 38.42 14.22
C ALA A 567 31.80 39.15 14.93
N ILE A 568 31.94 38.91 16.22
CA ILE A 568 33.09 39.39 16.99
C ILE A 568 34.08 38.26 17.07
N PRO A 569 35.27 38.37 16.46
CA PRO A 569 36.19 37.25 16.40
C PRO A 569 36.65 36.82 17.78
N GLN A 570 37.01 35.54 17.90
CA GLN A 570 37.25 34.97 19.22
C GLN A 570 38.42 35.66 19.91
N GLU A 571 39.40 36.15 19.14
CA GLU A 571 40.46 36.99 19.70
C GLU A 571 39.87 38.25 20.34
N VAL A 572 39.08 39.00 19.58
CA VAL A 572 38.57 40.31 20.02
C VAL A 572 37.83 40.19 21.35
N MET A 573 37.12 39.09 21.55
CA MET A 573 36.32 38.91 22.77
C MET A 573 37.16 38.51 23.98
N HIS A 574 38.27 37.83 23.77
CA HIS A 574 39.19 37.43 24.84
C HIS A 574 40.25 38.51 25.11
N GLY A 575 40.28 39.58 24.32
CA GLY A 575 41.23 40.67 24.48
C GLY A 575 40.74 41.78 25.39
N THR A 576 41.24 42.99 25.15
CA THR A 576 40.81 44.13 25.95
C THR A 576 39.44 44.63 25.51
N GLY A 577 38.78 45.35 26.41
CA GLY A 577 37.52 45.98 26.07
C GLY A 577 37.64 47.14 25.11
N ASP A 578 38.80 47.79 25.06
CA ASP A 578 38.92 48.91 24.13
C ASP A 578 39.02 48.44 22.68
N GLU A 579 39.70 47.31 22.42
CA GLU A 579 39.64 46.73 21.09
C GLU A 579 38.31 46.04 20.79
N LEU A 580 37.48 45.78 21.82
CA LEU A 580 36.16 45.21 21.59
C LEU A 580 35.21 46.23 20.96
N PHE A 581 35.19 47.45 21.50
CA PHE A 581 34.26 48.45 20.98
C PHE A 581 34.78 49.17 19.73
N ASP A 582 36.08 49.09 19.43
CA ASP A 582 36.51 49.57 18.12
C ASP A 582 36.01 48.66 17.01
N HIS A 583 36.14 47.34 17.22
CA HIS A 583 35.58 46.38 16.27
C HIS A 583 34.11 46.64 16.05
N ILE A 584 33.39 46.90 17.16
CA ILE A 584 31.97 47.19 17.05
C ILE A 584 31.75 48.43 16.18
N VAL A 585 32.55 49.47 16.41
CA VAL A 585 32.25 50.76 15.78
C VAL A 585 32.45 50.72 14.27
N GLN A 586 33.39 49.92 13.74
CA GLN A 586 33.52 49.90 12.29
C GLN A 586 32.35 49.18 11.66
N CYS A 587 31.93 48.07 12.27
CA CYS A 587 30.77 47.35 11.76
C CYS A 587 29.58 48.27 11.62
N ILE A 588 29.49 49.30 12.48
CA ILE A 588 28.54 50.38 12.27
C ILE A 588 28.95 51.22 11.07
N ALA A 589 30.23 51.58 10.98
CA ALA A 589 30.72 52.34 9.83
C ALA A 589 30.51 51.57 8.54
N ASP A 590 30.79 50.27 8.54
CA ASP A 590 30.58 49.49 7.32
C ASP A 590 29.12 49.54 6.88
N PHE A 591 28.20 49.28 7.81
CA PHE A 591 26.80 49.12 7.43
C PHE A 591 26.19 50.46 7.06
N LEU A 592 26.45 51.48 7.88
CA LEU A 592 26.06 52.84 7.50
C LEU A 592 26.44 53.14 6.07
N GLU A 593 27.68 52.81 5.70
CA GLU A 593 28.12 52.92 4.31
C GLU A 593 27.32 51.98 3.41
N TYR A 594 27.08 50.74 3.86
CA TYR A 594 26.37 49.77 3.03
C TYR A 594 24.92 50.18 2.82
N MET A 595 24.34 50.93 3.76
CA MET A 595 23.10 51.63 3.50
C MET A 595 23.25 52.71 2.43
N GLY A 596 24.47 53.08 2.06
CA GLY A 596 24.70 54.25 1.25
C GLY A 596 24.81 55.53 2.05
N MET A 597 24.71 55.45 3.37
CA MET A 597 24.68 56.59 4.27
C MET A 597 26.04 56.96 4.85
N LYS A 598 27.12 56.34 4.38
CA LYS A 598 28.43 56.53 5.00
C LYS A 598 28.76 58.02 5.06
N GLY A 599 29.06 58.49 6.27
CA GLY A 599 29.36 59.90 6.51
C GLY A 599 28.27 60.69 7.22
N VAL A 600 27.12 60.09 7.52
CA VAL A 600 26.02 60.79 8.19
C VAL A 600 26.02 60.45 9.67
N SER A 601 25.85 61.46 10.52
CA SER A 601 25.64 61.24 11.95
C SER A 601 24.16 61.07 12.26
N LEU A 602 23.86 60.20 13.23
CA LEU A 602 22.53 59.72 13.57
C LEU A 602 22.43 59.57 15.10
N PRO A 603 21.20 59.57 15.62
CA PRO A 603 21.00 59.04 16.99
C PRO A 603 20.93 57.53 16.98
N LEU A 604 21.30 56.91 18.11
CA LEU A 604 21.46 55.46 18.17
C LEU A 604 20.91 54.88 19.46
N GLY A 605 20.03 53.87 19.32
CA GLY A 605 19.62 53.04 20.43
C GLY A 605 20.47 51.77 20.57
N PHE A 606 20.51 51.24 21.78
CA PHE A 606 21.52 50.26 22.15
C PHE A 606 20.90 49.13 22.97
N THR A 607 20.94 47.90 22.46
CA THR A 607 20.48 46.72 23.19
C THR A 607 21.72 45.96 23.65
N PHE A 608 21.99 46.00 24.95
CA PHE A 608 23.13 45.34 25.56
C PHE A 608 22.57 44.32 26.53
N SER A 609 22.68 43.02 26.20
CA SER A 609 21.97 41.99 26.94
C SER A 609 23.00 41.25 27.77
N PHE A 610 23.01 41.53 29.08
CA PHE A 610 24.08 41.24 30.03
C PHE A 610 23.61 41.75 31.40
N PRO A 611 24.12 41.22 32.51
CA PRO A 611 23.73 41.78 33.82
C PRO A 611 24.11 43.24 33.91
N CYS A 612 23.14 44.09 34.29
CA CYS A 612 23.40 45.53 34.34
C CYS A 612 22.67 46.21 35.47
N GLN A 613 23.38 47.09 36.13
CA GLN A 613 22.80 48.17 36.92
C GLN A 613 22.62 49.37 36.00
N GLN A 614 21.37 49.77 35.73
CA GLN A 614 21.09 50.92 34.88
C GLN A 614 20.62 52.08 35.75
N ASN A 615 21.45 53.14 35.82
CA ASN A 615 21.17 54.32 36.63
C ASN A 615 20.48 55.44 35.86
N SER A 616 20.43 55.35 34.54
CA SER A 616 19.87 56.43 33.74
C SER A 616 19.53 55.89 32.36
N LEU A 617 18.67 56.61 31.63
CA LEU A 617 18.31 56.16 30.29
C LEU A 617 19.56 55.92 29.43
N ASP A 618 20.53 56.83 29.48
CA ASP A 618 21.74 56.72 28.69
C ASP A 618 22.94 56.14 29.46
N GLU A 619 22.77 55.68 30.69
CA GLU A 619 23.91 55.18 31.47
C GLU A 619 23.62 53.78 32.01
N SER A 620 24.56 52.85 31.79
CA SER A 620 24.42 51.50 32.33
C SER A 620 25.79 50.89 32.62
N ILE A 621 25.89 50.16 33.73
CA ILE A 621 27.15 49.61 34.22
C ILE A 621 27.13 48.10 34.02
N LEU A 622 28.07 47.60 33.21
CA LEU A 622 28.26 46.16 33.11
C LEU A 622 28.73 45.59 34.45
N LEU A 623 28.00 44.59 34.96
CA LEU A 623 28.34 43.98 36.24
C LEU A 623 29.25 42.77 36.02
N LYS A 624 28.68 41.68 35.50
CA LYS A 624 29.46 40.51 35.10
C LYS A 624 29.36 40.33 33.59
N TRP A 625 30.48 39.99 32.96
CA TRP A 625 30.37 39.47 31.61
C TRP A 625 29.61 38.16 31.62
N THR A 626 29.02 37.81 30.48
CA THR A 626 28.29 36.58 30.29
C THR A 626 28.64 36.09 28.89
N LYS A 627 28.00 34.99 28.45
CA LYS A 627 27.89 34.61 27.05
C LYS A 627 29.24 34.26 26.42
N GLY A 628 30.35 34.36 27.16
CA GLY A 628 31.66 34.08 26.62
C GLY A 628 32.58 35.25 26.32
N PHE A 629 32.30 36.45 26.85
CA PHE A 629 33.14 37.63 26.61
C PHE A 629 34.16 37.82 27.75
N LYS A 630 35.45 37.73 27.42
CA LYS A 630 36.53 37.90 28.38
C LYS A 630 37.13 39.30 28.39
N ALA A 631 36.56 40.24 27.61
CA ALA A 631 37.17 41.55 27.42
C ALA A 631 37.39 42.28 28.74
N SER A 632 38.63 42.70 28.97
CA SER A 632 39.08 43.42 30.15
C SER A 632 38.63 44.87 30.12
N GLY A 633 38.66 45.50 31.30
CA GLY A 633 38.41 46.93 31.38
C GLY A 633 36.97 47.33 31.13
N CYS A 634 36.03 46.41 31.37
CA CYS A 634 34.62 46.62 31.11
C CYS A 634 33.79 46.56 32.39
N GLU A 635 33.79 45.42 33.08
CA GLU A 635 33.00 45.27 34.30
C GLU A 635 33.29 46.41 35.27
N GLY A 636 32.23 47.03 35.77
CA GLY A 636 32.34 48.21 36.60
C GLY A 636 32.43 49.51 35.83
N GLU A 637 32.27 49.48 34.51
CA GLU A 637 32.38 50.67 33.68
C GLU A 637 31.04 50.96 33.02
N ASP A 638 30.84 52.22 32.67
CA ASP A 638 29.63 52.64 31.98
C ASP A 638 29.72 52.17 30.53
N VAL A 639 28.76 51.36 30.11
CA VAL A 639 28.86 50.78 28.77
C VAL A 639 28.74 51.88 27.71
N VAL A 640 28.06 52.98 28.02
CA VAL A 640 27.90 54.00 26.99
C VAL A 640 29.18 54.79 26.84
N THR A 641 29.87 55.09 27.95
CA THR A 641 31.16 55.76 27.83
C THR A 641 32.15 54.84 27.12
N LEU A 642 32.11 53.54 27.42
CA LEU A 642 32.85 52.56 26.62
C LEU A 642 32.51 52.71 25.14
N LEU A 643 31.23 52.77 24.81
CA LEU A 643 30.84 52.94 23.41
C LEU A 643 31.13 54.36 22.92
N LYS A 644 30.86 55.38 23.75
CA LYS A 644 31.01 56.75 23.29
C LYS A 644 32.47 57.13 23.09
N GLU A 645 33.35 56.75 24.03
CA GLU A 645 34.77 57.03 23.86
C GLU A 645 35.36 56.27 22.68
N ALA A 646 34.75 55.14 22.30
CA ALA A 646 35.18 54.45 21.10
C ALA A 646 34.67 55.13 19.83
N ILE A 647 33.59 55.91 19.94
CA ILE A 647 33.11 56.64 18.77
C ILE A 647 33.96 57.89 18.52
N HIS A 648 34.50 58.50 19.57
CA HIS A 648 35.34 59.69 19.41
C HIS A 648 36.58 59.43 18.55
N ARG A 649 37.07 58.17 18.50
CA ARG A 649 38.42 57.86 18.04
C ARG A 649 38.53 57.49 16.54
N ARG A 650 37.41 57.41 15.80
CA ARG A 650 37.36 56.85 14.44
C ARG A 650 37.51 57.94 13.35
N GLU A 651 37.73 59.19 13.76
CA GLU A 651 38.14 60.41 13.07
C GLU A 651 37.04 61.03 12.22
N GLU A 652 36.16 60.19 11.67
CA GLU A 652 34.99 60.67 10.98
C GLU A 652 33.75 60.74 11.87
N PHE A 653 33.66 59.85 12.87
CA PHE A 653 32.41 59.13 13.12
C PHE A 653 31.34 59.96 13.82
N ASP A 654 31.52 60.26 15.11
CA ASP A 654 30.65 61.22 15.82
C ASP A 654 29.16 60.90 15.62
N LEU A 655 28.70 59.84 16.30
CA LEU A 655 27.28 59.51 16.35
C LEU A 655 26.79 59.68 17.79
N ASP A 656 25.47 59.85 17.93
CA ASP A 656 24.86 60.19 19.21
C ASP A 656 24.20 58.96 19.83
N VAL A 657 24.57 58.63 21.07
CA VAL A 657 24.05 57.46 21.78
C VAL A 657 22.98 57.96 22.74
N VAL A 658 21.71 57.71 22.39
CA VAL A 658 20.62 58.24 23.20
C VAL A 658 20.30 57.34 24.40
N ALA A 659 20.24 56.01 24.20
CA ALA A 659 19.56 55.16 25.17
C ALA A 659 20.13 53.76 25.22
N VAL A 660 20.03 53.15 26.41
CA VAL A 660 20.34 51.74 26.66
C VAL A 660 19.05 51.05 27.10
N VAL A 661 18.73 49.92 26.47
CA VAL A 661 17.44 49.28 26.67
C VAL A 661 17.56 47.78 26.91
N ASN A 662 16.56 47.26 27.60
CA ASN A 662 16.33 45.83 27.76
C ASN A 662 15.36 45.36 26.68
N ASP A 663 15.57 44.13 26.20
CA ASP A 663 14.88 43.73 24.98
C ASP A 663 13.35 43.69 25.13
N THR A 664 12.82 43.42 26.32
CA THR A 664 11.36 43.48 26.48
C THR A 664 10.85 44.90 26.32
N VAL A 665 11.54 45.87 26.94
CA VAL A 665 11.18 47.28 26.79
C VAL A 665 11.08 47.64 25.30
N GLY A 666 12.07 47.23 24.52
CA GLY A 666 12.02 47.46 23.08
C GLY A 666 10.82 46.79 22.43
N THR A 667 10.46 45.59 22.91
CA THR A 667 9.29 44.90 22.39
C THR A 667 8.03 45.70 22.66
N MET A 668 7.86 46.17 23.90
CA MET A 668 6.71 46.99 24.24
C MET A 668 6.63 48.21 23.34
N MET A 669 7.73 48.96 23.25
CA MET A 669 7.77 50.17 22.44
C MET A 669 7.40 49.87 20.98
N THR A 670 7.86 48.73 20.45
CA THR A 670 7.71 48.44 19.02
C THR A 670 6.25 48.37 18.60
N CYS A 671 5.40 47.73 19.40
CA CYS A 671 4.01 47.72 18.98
C CYS A 671 3.23 48.91 19.54
N GLY A 672 3.87 49.74 20.37
CA GLY A 672 3.32 51.05 20.65
C GLY A 672 3.15 51.90 19.41
N PHE A 673 3.99 51.69 18.39
CA PHE A 673 3.82 52.41 17.13
C PHE A 673 2.63 51.90 16.34
N GLU A 674 2.27 50.63 16.47
CA GLU A 674 1.02 50.14 15.90
C GLU A 674 -0.19 50.53 16.77
N ASP A 675 -0.08 50.28 18.06
CA ASP A 675 -1.15 50.51 19.02
C ASP A 675 -0.74 51.45 20.16
N PRO A 676 -1.30 52.65 20.18
CA PRO A 676 -1.09 53.59 21.35
C PRO A 676 -1.51 53.09 22.70
N HIS A 677 -2.36 52.10 22.73
CA HIS A 677 -2.87 51.55 24.01
C HIS A 677 -1.92 50.53 24.64
N CYS A 678 -0.75 50.26 24.05
CA CYS A 678 0.10 49.18 24.53
C CYS A 678 1.02 49.71 25.62
N GLU A 679 0.75 49.29 26.86
CA GLU A 679 1.55 49.61 28.02
C GLU A 679 2.50 48.49 28.48
N VAL A 680 2.52 47.33 27.81
CA VAL A 680 3.15 46.11 28.36
C VAL A 680 3.94 45.37 27.27
N GLY A 681 5.21 45.08 27.53
CA GLY A 681 5.95 44.07 26.78
C GLY A 681 6.06 42.68 27.41
N LEU A 682 6.19 41.65 26.56
CA LEU A 682 6.37 40.27 26.98
C LEU A 682 7.26 39.53 26.00
N ILE A 683 8.18 38.72 26.50
CA ILE A 683 8.99 37.82 25.66
C ILE A 683 8.89 36.40 26.21
N VAL A 684 8.40 35.48 25.38
CA VAL A 684 8.38 34.06 25.72
C VAL A 684 9.15 33.30 24.66
N GLY A 685 10.26 32.68 25.06
CA GLY A 685 11.36 32.43 24.16
C GLY A 685 12.36 31.50 24.80
N THR A 686 13.61 31.54 24.31
CA THR A 686 14.65 30.84 25.05
C THR A 686 14.75 31.34 26.48
N GLY A 687 14.11 32.47 26.79
CA GLY A 687 13.97 32.94 28.15
C GLY A 687 12.66 33.68 28.20
N SER A 688 12.34 34.24 29.36
CA SER A 688 11.09 34.96 29.47
C SER A 688 11.25 36.16 30.37
N ASN A 689 10.60 37.26 29.98
CA ASN A 689 10.66 38.50 30.73
C ASN A 689 9.43 39.33 30.37
N ALA A 690 9.16 40.35 31.19
CA ALA A 690 8.00 41.20 30.96
C ALA A 690 8.27 42.60 31.50
N CYS A 691 7.51 43.56 30.97
CA CYS A 691 7.61 44.95 31.43
C CYS A 691 6.28 45.64 31.25
N TYR A 692 5.95 46.54 32.20
CA TYR A 692 4.81 47.44 32.06
C TYR A 692 5.24 48.87 32.36
N MET A 693 4.36 49.80 31.98
CA MET A 693 4.48 51.20 32.41
C MET A 693 3.92 51.33 33.82
N GLU A 694 4.72 51.91 34.73
CA GLU A 694 4.32 52.05 36.13
C GLU A 694 4.21 53.52 36.53
N GLU A 695 3.36 53.77 37.53
CA GLU A 695 3.25 55.09 38.14
C GLU A 695 4.53 55.40 38.93
N MET A 696 5.12 56.57 38.67
CA MET A 696 6.40 56.92 39.29
C MET A 696 6.27 57.11 40.80
N ARG A 697 5.03 57.30 41.28
CA ARG A 697 4.78 57.28 42.72
C ARG A 697 5.17 55.94 43.32
N ASN A 698 4.92 54.85 42.57
CA ASN A 698 5.17 53.50 43.04
C ASN A 698 6.60 53.03 42.83
N VAL A 699 7.39 53.73 42.02
CA VAL A 699 8.81 53.39 41.88
C VAL A 699 9.56 54.26 42.88
N GLU A 700 10.08 53.63 43.92
CA GLU A 700 10.71 54.34 45.02
C GLU A 700 12.23 54.44 44.88
N LEU A 701 12.80 53.84 43.83
CA LEU A 701 14.23 53.93 43.60
C LEU A 701 14.61 55.16 42.80
N VAL A 702 13.62 55.95 42.38
CA VAL A 702 13.83 57.13 41.56
C VAL A 702 13.12 58.33 42.19
N GLU A 703 13.86 59.41 42.41
CA GLU A 703 13.27 60.62 42.98
C GLU A 703 12.13 61.13 42.09
N GLY A 704 11.03 61.49 42.74
CA GLY A 704 9.88 62.14 42.16
C GLY A 704 8.76 61.19 41.77
N GLU A 705 7.53 61.67 42.02
CA GLU A 705 6.31 60.88 41.88
C GLU A 705 5.45 61.21 40.66
N GLU A 706 5.85 62.15 39.80
CA GLU A 706 4.94 62.66 38.76
C GLU A 706 5.28 62.04 37.41
N GLY A 707 4.28 61.37 36.81
CA GLY A 707 4.45 60.68 35.54
C GLY A 707 4.54 59.17 35.70
N ARG A 708 4.90 58.52 34.59
CA ARG A 708 5.02 57.06 34.53
C ARG A 708 6.39 56.64 34.03
N MET A 709 6.80 55.43 34.43
CA MET A 709 8.07 54.86 34.00
C MET A 709 7.92 53.37 33.71
N CYS A 710 8.49 52.94 32.59
CA CYS A 710 8.51 51.53 32.23
C CYS A 710 9.35 50.73 33.22
N VAL A 711 8.81 49.59 33.65
CA VAL A 711 9.47 48.71 34.61
C VAL A 711 9.87 47.42 33.92
N ASN A 712 11.14 47.10 33.94
CA ASN A 712 11.59 45.80 33.45
C ASN A 712 11.57 44.87 34.65
N MET A 713 10.64 43.91 34.64
CA MET A 713 10.41 43.11 35.85
C MET A 713 11.59 42.22 36.17
N GLU A 714 12.22 41.65 35.13
CA GLU A 714 13.02 40.44 35.29
C GLU A 714 12.24 39.43 36.10
N TRP A 715 11.09 39.01 35.57
CA TRP A 715 10.16 38.14 36.28
C TRP A 715 10.53 36.67 36.17
N GLY A 716 11.47 36.30 35.30
CA GLY A 716 12.04 34.97 35.36
C GLY A 716 12.62 34.65 36.72
N ALA A 717 12.96 35.67 37.51
CA ALA A 717 13.47 35.48 38.86
C ALA A 717 12.37 35.24 39.88
N PHE A 718 11.11 35.38 39.47
CA PHE A 718 9.99 35.05 40.33
C PHE A 718 10.12 33.60 40.78
N GLY A 719 9.89 33.36 42.06
CA GLY A 719 10.02 32.04 42.64
C GLY A 719 11.40 31.67 43.17
N ASP A 720 12.45 32.49 42.93
CA ASP A 720 13.75 32.16 43.52
C ASP A 720 13.88 32.45 45.01
N ASN A 721 12.88 33.07 45.63
CA ASN A 721 12.87 33.17 47.09
C ASN A 721 12.17 31.98 47.74
N GLY A 722 11.60 31.09 46.92
CA GLY A 722 10.85 29.95 47.40
C GLY A 722 9.36 30.05 47.24
N CYS A 723 8.84 31.17 46.72
CA CYS A 723 7.39 31.37 46.79
C CYS A 723 6.61 30.43 45.88
N LEU A 724 7.26 29.82 44.88
CA LEU A 724 6.60 28.81 44.05
C LEU A 724 6.91 27.39 44.49
N ASP A 725 7.68 27.20 45.56
CA ASP A 725 8.19 25.88 45.90
C ASP A 725 7.11 24.82 46.05
N ASP A 726 5.88 25.20 46.37
CA ASP A 726 4.85 24.19 46.48
C ASP A 726 4.21 23.83 45.13
N PHE A 727 4.50 24.56 44.06
CA PHE A 727 4.11 24.14 42.71
C PHE A 727 5.21 23.43 41.93
N ARG A 728 6.43 23.33 42.47
CA ARG A 728 7.56 22.80 41.72
C ARG A 728 7.66 21.31 41.92
N THR A 729 7.53 20.55 40.84
CA THR A 729 7.61 19.11 40.95
C THR A 729 9.06 18.67 41.12
N GLU A 730 9.24 17.35 41.31
CA GLU A 730 10.60 16.81 41.30
C GLU A 730 11.28 17.03 39.96
N PHE A 731 10.49 17.19 38.88
CA PHE A 731 11.08 17.39 37.57
C PHE A 731 11.58 18.82 37.43
N ASP A 732 10.78 19.78 37.88
CA ASP A 732 11.26 21.16 37.96
C ASP A 732 12.53 21.25 38.80
N VAL A 733 12.52 20.63 39.97
CA VAL A 733 13.69 20.62 40.84
C VAL A 733 14.90 20.02 40.14
N ALA A 734 14.68 19.03 39.28
CA ALA A 734 15.83 18.38 38.63
C ALA A 734 16.40 19.23 37.51
N VAL A 735 15.54 19.95 36.77
CA VAL A 735 16.04 20.91 35.79
C VAL A 735 16.86 21.99 36.49
N ASP A 736 16.35 22.48 37.63
CA ASP A 736 17.01 23.56 38.36
C ASP A 736 18.41 23.16 38.76
N GLU A 737 18.57 22.01 39.40
CA GLU A 737 19.86 21.64 39.95
C GLU A 737 20.94 21.46 38.87
N LEU A 738 20.56 21.12 37.64
CA LEU A 738 21.53 20.81 36.60
C LEU A 738 21.82 21.96 35.63
N SER A 739 21.22 23.13 35.82
CA SER A 739 21.46 24.23 34.91
C SER A 739 22.72 25.02 35.31
N LEU A 740 23.03 26.06 34.53
CA LEU A 740 24.16 26.92 34.87
C LEU A 740 23.92 27.71 36.15
N ASN A 741 22.67 28.06 36.42
CA ASN A 741 22.33 29.04 37.44
C ASN A 741 21.36 28.45 38.45
N PRO A 742 21.78 27.40 39.19
CA PRO A 742 20.86 26.73 40.11
C PRO A 742 20.27 27.71 41.12
N GLY A 743 19.01 27.49 41.47
CA GLY A 743 18.30 28.35 42.38
C GLY A 743 17.89 29.68 41.79
N LYS A 744 18.34 30.01 40.58
CA LYS A 744 18.08 31.29 39.96
C LYS A 744 17.16 31.13 38.75
N GLN A 745 16.30 32.13 38.56
CA GLN A 745 15.42 32.21 37.38
C GLN A 745 14.38 31.09 37.34
N ARG A 746 13.85 30.73 38.51
CA ARG A 746 12.99 29.54 38.62
C ARG A 746 11.71 29.68 37.81
N PHE A 747 11.10 30.86 37.78
CA PHE A 747 9.86 30.98 37.02
C PHE A 747 10.15 30.88 35.53
N GLU A 748 11.28 31.42 35.07
CA GLU A 748 11.64 31.29 33.67
C GLU A 748 11.77 29.83 33.29
N LYS A 749 12.20 28.99 34.23
CA LYS A 749 12.43 27.58 33.91
C LYS A 749 11.15 26.76 33.87
N MET A 750 10.04 27.26 34.43
CA MET A 750 8.76 26.60 34.24
C MET A 750 8.07 26.98 32.95
N ILE A 751 8.23 28.22 32.50
CA ILE A 751 7.41 28.76 31.42
C ILE A 751 8.10 28.81 30.06
N SER A 752 9.37 28.45 29.93
CA SER A 752 10.02 28.74 28.64
C SER A 752 11.33 27.99 28.53
N GLY A 753 11.99 28.22 27.37
CA GLY A 753 13.38 27.86 27.15
C GLY A 753 13.59 26.41 26.77
N MET A 754 14.88 26.03 26.75
CA MET A 754 15.24 24.62 26.72
C MET A 754 14.66 23.87 27.91
N TYR A 755 14.22 24.61 28.93
CA TYR A 755 13.82 23.99 30.18
C TYR A 755 12.58 23.13 29.99
N LEU A 756 11.69 23.51 29.08
CA LEU A 756 10.49 22.72 28.84
C LEU A 756 10.85 21.32 28.41
N GLY A 757 11.70 21.19 27.39
CA GLY A 757 12.13 19.88 26.94
C GLY A 757 12.94 19.13 27.98
N GLU A 758 13.55 19.83 28.92
CA GLU A 758 14.21 19.10 30.00
C GLU A 758 13.19 18.58 30.99
N ILE A 759 12.18 19.39 31.31
CA ILE A 759 11.04 18.87 32.07
C ILE A 759 10.48 17.63 31.40
N VAL A 760 10.18 17.74 30.10
CA VAL A 760 9.65 16.59 29.37
C VAL A 760 10.57 15.39 29.52
N ARG A 761 11.86 15.58 29.25
CA ARG A 761 12.81 14.48 29.28
C ARG A 761 12.87 13.85 30.67
N ASN A 762 12.88 14.65 31.73
CA ASN A 762 12.93 14.09 33.07
C ASN A 762 11.69 13.29 33.39
N ILE A 763 10.52 13.76 32.95
CA ILE A 763 9.32 12.95 33.08
C ILE A 763 9.48 11.65 32.33
N LEU A 764 9.88 11.75 31.05
CA LEU A 764 9.96 10.55 30.24
C LEU A 764 10.92 9.54 30.85
N ILE A 765 12.08 10.01 31.34
CA ILE A 765 12.99 9.10 32.03
C ILE A 765 12.30 8.44 33.22
N ASP A 766 11.54 9.23 33.99
CA ASP A 766 10.86 8.68 35.17
C ASP A 766 9.85 7.61 34.77
N PHE A 767 9.02 7.91 33.76
CA PHE A 767 8.11 6.88 33.29
C PHE A 767 8.87 5.61 32.91
N THR A 768 9.97 5.76 32.18
CA THR A 768 10.71 4.58 31.73
C THR A 768 11.31 3.81 32.91
N LYS A 769 11.77 4.49 33.96
CA LYS A 769 12.26 3.77 35.12
C LYS A 769 11.15 2.93 35.75
N ARG A 770 9.92 3.40 35.67
CA ARG A 770 8.76 2.79 36.30
C ARG A 770 8.08 1.77 35.40
N GLY A 771 8.67 1.47 34.24
CA GLY A 771 8.08 0.54 33.31
C GLY A 771 6.92 1.11 32.52
N LEU A 772 6.67 2.41 32.60
CA LEU A 772 5.51 3.03 31.98
C LEU A 772 5.76 3.52 30.56
N LEU A 773 7.02 3.48 30.09
CA LEU A 773 7.34 4.01 28.78
C LEU A 773 8.57 3.27 28.26
N PHE A 774 8.70 3.18 26.93
CA PHE A 774 9.92 2.68 26.31
C PHE A 774 10.33 1.30 26.82
N ARG A 775 9.37 0.48 27.26
CA ARG A 775 9.59 -0.86 27.85
C ARG A 775 10.75 -0.85 28.86
N GLY A 776 10.73 0.14 29.76
CA GLY A 776 11.54 0.12 30.96
C GLY A 776 13.03 0.19 30.77
N ARG A 777 13.50 0.58 29.58
CA ARG A 777 14.92 0.56 29.22
C ARG A 777 15.35 1.94 28.74
N ILE A 778 16.34 2.53 29.39
CA ILE A 778 16.72 3.93 29.16
C ILE A 778 17.92 4.01 28.20
N SER A 779 17.71 4.56 27.01
CA SER A 779 18.82 4.87 26.11
C SER A 779 19.86 5.72 26.82
N GLU A 780 21.14 5.48 26.54
CA GLU A 780 22.11 6.53 26.78
C GLU A 780 21.71 7.80 26.02
N ARG A 781 21.06 7.65 24.87
CA ARG A 781 20.62 8.81 24.10
C ARG A 781 19.48 9.55 24.79
N LEU A 782 18.66 8.85 25.58
CA LEU A 782 17.65 9.54 26.37
C LEU A 782 18.25 10.22 27.59
N LYS A 783 19.45 9.80 28.01
CA LYS A 783 20.13 10.49 29.09
C LYS A 783 20.89 11.70 28.59
N THR A 784 20.91 11.93 27.27
CA THR A 784 21.60 13.08 26.71
C THR A 784 20.77 14.33 26.98
N ARG A 785 21.36 15.26 27.68
CA ARG A 785 20.65 16.47 28.02
C ARG A 785 20.54 17.41 26.81
N GLY A 786 19.35 17.98 26.62
CA GLY A 786 19.10 18.99 25.62
C GLY A 786 18.34 18.52 24.41
N ILE A 787 18.10 17.20 24.30
CA ILE A 787 17.62 16.65 23.03
C ILE A 787 16.24 17.12 22.67
N PHE A 788 15.39 17.41 23.65
CA PHE A 788 14.04 17.87 23.32
C PHE A 788 14.11 19.39 23.26
N GLU A 789 14.00 19.91 22.05
CA GLU A 789 14.23 21.30 21.74
C GLU A 789 12.90 21.94 21.39
N THR A 790 12.78 23.24 21.71
CA THR A 790 11.48 23.89 21.63
C THR A 790 10.81 23.66 20.28
N LYS A 791 11.60 23.69 19.19
CA LYS A 791 10.99 23.47 17.88
C LYS A 791 10.36 22.08 17.80
N PHE A 792 10.93 21.10 18.52
CA PHE A 792 10.40 19.75 18.53
C PHE A 792 9.17 19.61 19.43
N LEU A 793 9.14 20.33 20.56
CA LEU A 793 7.91 20.36 21.35
C LEU A 793 6.75 20.96 20.57
N SER A 794 7.03 21.84 19.62
CA SER A 794 5.95 22.48 18.87
C SER A 794 5.42 21.58 17.75
N GLN A 795 6.30 20.83 17.09
CA GLN A 795 5.81 19.93 16.06
C GLN A 795 5.15 18.71 16.68
N ILE A 796 5.73 18.18 17.77
CA ILE A 796 5.12 17.06 18.48
C ILE A 796 3.67 17.38 18.83
N GLU A 797 3.44 18.58 19.39
CA GLU A 797 2.11 18.92 19.89
C GLU A 797 1.13 19.24 18.77
N SER A 798 1.61 19.75 17.64
CA SER A 798 0.70 20.08 16.56
C SER A 798 0.40 18.91 15.64
N ASP A 799 0.96 17.72 15.90
CA ASP A 799 0.74 16.53 15.08
C ASP A 799 -0.51 15.78 15.53
N CYS A 800 -1.25 15.22 14.58
CA CYS A 800 -2.51 14.57 14.90
C CYS A 800 -2.60 13.18 14.29
N LEU A 801 -3.79 12.56 14.38
CA LEU A 801 -4.12 11.33 13.64
C LEU A 801 -3.08 10.26 13.95
N ALA A 802 -2.30 9.80 12.97
CA ALA A 802 -1.43 8.64 13.15
C ALA A 802 -0.12 8.98 13.84
N LEU A 803 0.14 10.26 14.10
CA LEU A 803 1.33 10.71 14.81
C LEU A 803 2.61 10.31 14.10
N LEU A 804 2.57 10.22 12.77
CA LEU A 804 3.80 9.89 12.04
C LEU A 804 4.90 10.91 12.29
N GLN A 805 4.54 12.19 12.40
CA GLN A 805 5.56 13.20 12.62
C GLN A 805 6.15 13.11 14.01
N VAL A 806 5.36 12.68 15.01
CA VAL A 806 5.94 12.51 16.34
C VAL A 806 6.94 11.35 16.33
N ARG A 807 6.56 10.23 15.71
CA ARG A 807 7.48 9.10 15.60
C ARG A 807 8.73 9.48 14.82
N ALA A 808 8.56 10.28 13.75
CA ALA A 808 9.71 10.71 12.96
C ALA A 808 10.70 11.48 13.82
N ILE A 809 10.21 12.43 14.62
CA ILE A 809 11.08 13.21 15.51
C ILE A 809 11.78 12.31 16.50
N LEU A 810 11.06 11.34 17.06
CA LEU A 810 11.67 10.43 18.02
C LEU A 810 12.74 9.55 17.38
N GLN A 811 12.58 9.18 16.10
CA GLN A 811 13.65 8.49 15.38
C GLN A 811 14.83 9.44 15.15
N HIS A 812 14.53 10.66 14.67
CA HIS A 812 15.54 11.70 14.51
C HIS A 812 16.38 11.86 15.77
N LEU A 813 15.75 11.90 16.94
CA LEU A 813 16.50 12.10 18.18
C LEU A 813 17.15 10.82 18.68
N GLY A 814 16.99 9.69 18.00
CA GLY A 814 17.65 8.47 18.44
C GLY A 814 16.94 7.71 19.54
N LEU A 815 15.62 7.77 19.57
CA LEU A 815 14.81 7.14 20.60
C LEU A 815 13.88 6.10 19.98
N GLU A 816 13.40 5.18 20.83
CA GLU A 816 12.33 4.24 20.46
C GLU A 816 11.08 4.99 19.98
N SER A 817 10.61 4.65 18.78
CA SER A 817 9.53 5.34 18.10
C SER A 817 8.15 4.64 18.12
N THR A 818 7.93 3.58 18.93
CA THR A 818 6.69 2.80 18.77
C THR A 818 5.44 3.68 18.87
N CYS A 819 4.39 3.28 18.14
CA CYS A 819 3.15 4.05 18.16
C CYS A 819 2.71 4.35 19.59
N ASP A 820 2.67 3.32 20.43
CA ASP A 820 2.26 3.50 21.80
C ASP A 820 3.10 4.57 22.48
N ASP A 821 4.41 4.56 22.23
CA ASP A 821 5.32 5.54 22.83
C ASP A 821 5.01 6.96 22.35
N SER A 822 4.66 7.13 21.08
CA SER A 822 4.36 8.46 20.52
C SER A 822 3.24 9.14 21.29
N ILE A 823 2.13 8.42 21.51
CA ILE A 823 0.98 8.98 22.21
C ILE A 823 1.42 9.56 23.55
N ILE A 824 2.14 8.75 24.32
CA ILE A 824 2.56 9.14 25.66
C ILE A 824 3.45 10.38 25.59
N VAL A 825 4.46 10.35 24.70
CA VAL A 825 5.38 11.49 24.57
C VAL A 825 4.63 12.74 24.17
N LYS A 826 3.75 12.63 23.17
CA LYS A 826 2.93 13.78 22.81
C LYS A 826 2.08 14.26 23.99
N GLU A 827 1.59 13.33 24.82
CA GLU A 827 0.83 13.75 25.99
C GLU A 827 1.71 14.54 26.95
N VAL A 828 2.88 13.98 27.33
CA VAL A 828 3.76 14.66 28.27
C VAL A 828 4.10 16.07 27.77
N CYS A 829 4.35 16.19 26.47
CA CYS A 829 4.66 17.50 25.92
C CYS A 829 3.48 18.44 26.08
N THR A 830 2.28 17.97 25.74
CA THR A 830 1.09 18.83 25.83
C THR A 830 0.87 19.32 27.27
N VAL A 831 0.99 18.43 28.25
CA VAL A 831 0.87 18.82 29.65
C VAL A 831 1.91 19.87 30.02
N VAL A 832 3.18 19.62 29.71
CA VAL A 832 4.24 20.56 30.12
C VAL A 832 4.02 21.92 29.49
N ALA A 833 3.75 21.94 28.18
CA ALA A 833 3.57 23.20 27.47
C ALA A 833 2.31 23.93 27.93
N ARG A 834 1.33 23.18 28.41
CA ARG A 834 0.15 23.86 28.90
C ARG A 834 0.43 24.54 30.24
N ARG A 835 1.07 23.84 31.18
CA ARG A 835 1.43 24.47 32.44
C ARG A 835 2.22 25.75 32.19
N ALA A 836 3.19 25.70 31.27
CA ALA A 836 3.99 26.87 30.96
C ALA A 836 3.12 28.01 30.49
N ALA A 837 2.12 27.73 29.65
CA ALA A 837 1.27 28.81 29.19
C ALA A 837 0.33 29.29 30.30
N GLN A 838 -0.21 28.38 31.10
CA GLN A 838 -1.07 28.83 32.19
C GLN A 838 -0.29 29.63 33.23
N LEU A 839 0.91 29.16 33.60
CA LEU A 839 1.74 29.91 34.53
C LEU A 839 2.08 31.28 33.97
N CYS A 840 2.42 31.35 32.68
CA CYS A 840 2.66 32.64 32.06
C CYS A 840 1.41 33.49 32.10
N GLY A 841 0.24 32.86 31.99
CA GLY A 841 -1.01 33.63 32.05
C GLY A 841 -1.27 34.19 33.42
N ALA A 842 -1.10 33.37 34.46
CA ALA A 842 -1.30 33.84 35.84
C ALA A 842 -0.45 35.06 36.15
N GLY A 843 0.82 35.05 35.72
CA GLY A 843 1.70 36.17 36.03
C GLY A 843 1.39 37.40 35.19
N MET A 844 1.11 37.19 33.91
CA MET A 844 0.64 38.27 33.04
C MET A 844 -0.74 38.78 33.47
N ALA A 845 -1.47 38.00 34.30
CA ALA A 845 -2.74 38.47 34.85
C ALA A 845 -2.53 39.45 35.99
N ALA A 846 -1.57 39.19 36.86
CA ALA A 846 -1.17 40.18 37.85
C ALA A 846 -0.89 41.52 37.20
N VAL A 847 -0.03 41.53 36.18
CA VAL A 847 0.48 42.76 35.57
C VAL A 847 -0.65 43.65 35.09
N VAL A 848 -1.69 43.05 34.50
CA VAL A 848 -2.76 43.91 33.98
C VAL A 848 -3.66 44.40 35.11
N ASP A 849 -3.73 43.68 36.24
CA ASP A 849 -4.45 44.24 37.38
C ASP A 849 -3.61 45.24 38.15
N ARG A 850 -2.33 44.93 38.36
CA ARG A 850 -1.44 45.87 39.04
C ARG A 850 -1.35 47.19 38.27
N ILE A 851 -1.54 47.16 36.95
CA ILE A 851 -1.71 48.41 36.24
C ILE A 851 -3.03 49.06 36.64
N ARG A 852 -4.05 48.24 36.85
CA ARG A 852 -5.37 48.79 37.08
C ARG A 852 -5.58 49.30 38.51
N GLU A 853 -5.10 48.56 39.52
CA GLU A 853 -5.24 49.05 40.90
C GLU A 853 -4.47 50.34 41.10
N ASN A 854 -3.40 50.55 40.33
CA ASN A 854 -2.68 51.83 40.36
C ASN A 854 -3.61 53.00 40.06
N ARG A 855 -4.48 52.85 39.06
CA ARG A 855 -5.34 53.93 38.62
C ARG A 855 -6.74 53.89 39.23
N GLY A 856 -7.05 52.87 40.02
CA GLY A 856 -8.37 52.76 40.62
C GLY A 856 -9.47 52.45 39.64
N LEU A 857 -9.15 51.81 38.52
CA LEU A 857 -10.10 51.58 37.44
C LEU A 857 -10.81 50.23 37.59
N ASP A 858 -11.75 49.95 36.68
CA ASP A 858 -12.46 48.67 36.67
C ASP A 858 -12.24 47.95 35.36
N ALA A 859 -12.84 48.41 34.25
CA ALA A 859 -12.78 47.69 32.98
C ALA A 859 -11.74 48.36 32.07
N LEU A 860 -10.69 47.62 31.68
CA LEU A 860 -9.59 48.21 30.89
C LEU A 860 -9.32 47.46 29.62
N LYS A 861 -9.21 48.21 28.55
CA LYS A 861 -8.71 47.69 27.30
C LYS A 861 -7.21 48.00 27.26
N VAL A 862 -6.39 46.96 27.37
CA VAL A 862 -4.94 47.12 27.31
C VAL A 862 -4.44 46.21 26.21
N THR A 863 -3.23 46.49 25.73
CA THR A 863 -2.62 45.72 24.68
C THR A 863 -1.21 45.33 25.10
N VAL A 864 -0.80 44.10 24.78
CA VAL A 864 0.53 43.60 25.11
C VAL A 864 1.26 43.31 23.80
N GLY A 865 2.41 43.96 23.60
CA GLY A 865 3.33 43.51 22.56
C GLY A 865 4.08 42.27 23.01
N VAL A 866 4.11 41.25 22.16
CA VAL A 866 4.81 40.02 22.52
C VAL A 866 5.73 39.59 21.39
N ASP A 867 6.89 39.07 21.79
CA ASP A 867 7.90 38.51 20.91
C ASP A 867 8.27 37.14 21.47
N GLY A 868 9.17 36.46 20.80
CA GLY A 868 9.81 35.24 21.27
C GLY A 868 9.33 34.01 20.53
N THR A 869 10.21 33.02 20.44
CA THR A 869 10.05 31.95 19.47
C THR A 869 9.04 30.91 19.94
N LEU A 870 9.04 30.59 21.23
CA LEU A 870 8.03 29.69 21.74
C LEU A 870 6.62 30.18 21.40
N TYR A 871 6.33 31.45 21.69
CA TYR A 871 4.97 31.91 21.55
C TYR A 871 4.55 32.00 20.08
N LYS A 872 5.43 32.49 19.21
CA LYS A 872 5.10 32.49 17.79
C LYS A 872 4.92 31.07 17.24
N LEU A 873 5.88 30.18 17.52
CA LEU A 873 5.88 28.88 16.87
C LEU A 873 5.12 27.80 17.63
N HIS A 874 4.71 28.06 18.82
CA HIS A 874 4.06 26.91 19.43
C HIS A 874 2.58 26.88 19.07
N PRO A 875 2.03 25.71 18.77
CA PRO A 875 0.63 25.67 18.30
C PRO A 875 -0.40 26.16 19.31
N HIS A 876 -0.34 25.72 20.57
CA HIS A 876 -1.38 26.06 21.52
C HIS A 876 -1.01 27.16 22.54
N PHE A 877 0.24 27.65 22.54
CA PHE A 877 0.70 28.41 23.70
C PHE A 877 -0.02 29.75 23.80
N ALA A 878 -0.11 30.46 22.68
CA ALA A 878 -0.85 31.71 22.58
C ALA A 878 -2.25 31.56 23.16
N LYS A 879 -3.07 30.72 22.52
CA LYS A 879 -4.48 30.59 22.87
C LYS A 879 -4.66 30.25 24.35
N VAL A 880 -3.85 29.31 24.86
CA VAL A 880 -3.98 28.93 26.26
C VAL A 880 -3.72 30.11 27.16
N MET A 881 -2.70 30.91 26.84
CA MET A 881 -2.37 32.04 27.72
C MET A 881 -3.42 33.14 27.62
N HIS A 882 -3.89 33.45 26.42
CA HIS A 882 -4.99 34.39 26.26
C HIS A 882 -6.20 33.96 27.11
N GLU A 883 -6.61 32.69 26.96
CA GLU A 883 -7.66 32.14 27.80
C GLU A 883 -7.32 32.28 29.28
N THR A 884 -6.08 31.99 29.65
CA THR A 884 -5.71 32.06 31.06
C THR A 884 -5.84 33.48 31.59
N VAL A 885 -5.44 34.47 30.79
CA VAL A 885 -5.54 35.87 31.22
C VAL A 885 -6.98 36.33 31.25
N LYS A 886 -7.79 35.93 30.26
CA LYS A 886 -9.20 36.28 30.30
C LYS A 886 -9.87 35.68 31.52
N ASP A 887 -9.42 34.52 31.97
CA ASP A 887 -10.11 33.80 33.04
C ASP A 887 -9.80 34.39 34.41
N LEU A 888 -8.52 34.74 34.67
CA LEU A 888 -8.08 35.23 35.98
C LEU A 888 -8.03 36.75 36.10
N ALA A 889 -8.33 37.48 35.05
CA ALA A 889 -8.47 38.94 35.11
C ALA A 889 -9.69 39.29 34.27
N PRO A 890 -10.89 38.99 34.78
CA PRO A 890 -12.10 39.21 33.98
C PRO A 890 -12.38 40.68 33.71
N LYS A 891 -11.99 41.56 34.64
CA LYS A 891 -12.26 42.99 34.46
C LYS A 891 -11.40 43.62 33.38
N CYS A 892 -10.24 43.03 33.06
CA CYS A 892 -9.34 43.57 32.06
C CYS A 892 -9.64 42.95 30.69
N ASP A 893 -9.52 43.77 29.65
CA ASP A 893 -9.70 43.34 28.26
C ASP A 893 -8.35 43.49 27.55
N VAL A 894 -7.70 42.36 27.26
CA VAL A 894 -6.30 42.38 26.88
C VAL A 894 -6.18 41.83 25.46
N SER A 895 -5.66 42.65 24.55
CA SER A 895 -5.21 42.21 23.25
C SER A 895 -3.72 41.94 23.29
N PHE A 896 -3.29 40.92 22.54
CA PHE A 896 -1.88 40.62 22.34
C PHE A 896 -1.55 40.81 20.85
N LEU A 897 -0.72 41.79 20.54
CA LEU A 897 -0.23 41.98 19.18
C LEU A 897 1.22 41.51 19.07
N GLN A 898 1.49 40.64 18.11
CA GLN A 898 2.84 40.17 17.87
C GLN A 898 3.68 41.33 17.37
N SER A 899 4.96 41.34 17.76
CA SER A 899 5.86 42.45 17.47
C SER A 899 7.10 42.03 16.70
N GLU A 900 7.95 41.19 17.29
CA GLU A 900 9.19 40.58 16.79
C GLU A 900 10.13 41.64 16.19
N ASP A 901 10.88 41.28 15.13
CA ASP A 901 11.81 42.16 14.43
C ASP A 901 12.95 42.63 15.36
N GLY A 902 12.88 42.23 16.63
CA GLY A 902 13.57 42.87 17.73
C GLY A 902 12.58 43.69 18.55
N SER A 903 12.71 43.77 19.88
CA SER A 903 13.93 43.55 20.66
C SER A 903 14.92 44.58 20.16
N GLY A 904 16.01 44.13 19.52
CA GLY A 904 17.03 45.05 19.02
C GLY A 904 16.51 46.18 18.14
N LYS A 905 15.36 46.00 17.46
CA LYS A 905 14.81 47.13 16.69
C LYS A 905 14.08 48.14 17.58
N GLY A 906 13.39 47.67 18.62
CA GLY A 906 12.83 48.62 19.57
C GLY A 906 13.86 49.54 20.18
N ALA A 907 15.14 49.16 20.12
CA ALA A 907 16.19 50.04 20.61
C ALA A 907 16.23 51.34 19.82
N ALA A 908 15.99 51.30 18.53
CA ALA A 908 15.96 52.56 17.82
C ALA A 908 14.62 53.26 17.99
N LEU A 909 13.54 52.51 18.22
CA LEU A 909 12.26 53.17 18.38
C LEU A 909 12.10 53.80 19.76
N ILE A 910 12.78 53.28 20.78
CA ILE A 910 12.81 54.03 22.03
C ILE A 910 13.61 55.31 21.86
N THR A 911 14.55 55.31 20.91
CA THR A 911 15.32 56.52 20.62
C THR A 911 14.47 57.55 19.90
N ALA A 912 13.63 57.11 18.96
CA ALA A 912 12.72 58.03 18.29
C ALA A 912 11.85 58.77 19.30
N VAL A 913 11.37 58.06 20.31
CA VAL A 913 10.59 58.66 21.38
C VAL A 913 11.49 59.32 22.43
N ALA A 914 12.79 59.06 22.43
CA ALA A 914 13.68 59.83 23.28
C ALA A 914 14.05 61.14 22.61
N CYS A 915 14.34 61.10 21.30
CA CYS A 915 14.57 62.30 20.50
C CYS A 915 13.33 63.19 20.42
N ARG A 916 12.22 62.71 20.99
CA ARG A 916 11.05 63.51 21.34
C ARG A 916 11.41 64.88 21.90
N ILE A 917 12.05 64.90 23.06
CA ILE A 917 12.32 66.19 23.72
C ILE A 917 13.63 66.80 23.16
N ASP B 23 39.04 -48.28 -34.31
CA ASP B 23 39.76 -47.40 -35.22
C ASP B 23 40.02 -46.03 -34.60
N GLN B 24 40.20 -45.01 -35.45
CA GLN B 24 40.45 -43.67 -34.95
C GLN B 24 39.24 -43.12 -34.20
N VAL B 25 38.04 -43.29 -34.76
CA VAL B 25 36.85 -42.78 -34.09
C VAL B 25 36.73 -43.40 -32.71
N GLN B 26 36.87 -44.72 -32.61
CA GLN B 26 36.75 -45.41 -31.32
C GLN B 26 37.67 -44.78 -30.27
N LYS B 27 38.89 -44.42 -30.66
CA LYS B 27 39.84 -43.92 -29.68
C LYS B 27 39.88 -42.39 -29.56
N VAL B 28 39.28 -41.65 -30.49
CA VAL B 28 39.05 -40.24 -30.22
C VAL B 28 37.90 -40.09 -29.23
N ASP B 29 36.81 -40.83 -29.45
CA ASP B 29 35.65 -40.77 -28.55
C ASP B 29 36.05 -41.05 -27.11
N GLN B 30 37.01 -41.96 -26.90
CA GLN B 30 37.37 -42.29 -25.53
C GLN B 30 38.30 -41.24 -24.93
N TYR B 31 39.26 -40.75 -25.72
CA TYR B 31 40.14 -39.69 -25.26
C TYR B 31 39.34 -38.46 -24.86
N LEU B 32 38.44 -38.02 -25.73
CA LEU B 32 37.61 -36.83 -25.58
C LEU B 32 36.30 -37.10 -24.86
N TYR B 33 36.18 -38.27 -24.22
CA TYR B 33 34.95 -38.71 -23.58
C TYR B 33 34.26 -37.61 -22.78
N HIS B 34 35.03 -36.82 -22.02
CA HIS B 34 34.44 -35.76 -21.22
C HIS B 34 33.85 -34.63 -22.06
N MET B 35 34.12 -34.62 -23.37
CA MET B 35 33.54 -33.64 -24.26
C MET B 35 32.30 -34.14 -24.98
N ARG B 36 31.90 -35.38 -24.76
CA ARG B 36 30.70 -35.93 -25.37
C ARG B 36 29.61 -35.93 -24.31
N LEU B 37 28.67 -35.00 -24.44
CA LEU B 37 27.73 -34.70 -23.35
C LEU B 37 26.43 -35.47 -23.55
N SER B 38 26.06 -36.25 -22.55
CA SER B 38 24.80 -36.98 -22.61
C SER B 38 23.62 -36.03 -22.36
N ASP B 39 22.47 -36.39 -22.94
CA ASP B 39 21.24 -35.64 -22.70
C ASP B 39 21.02 -35.45 -21.20
N GLU B 40 21.39 -36.45 -20.40
CA GLU B 40 21.27 -36.30 -18.96
C GLU B 40 22.11 -35.14 -18.46
N THR B 41 23.38 -35.08 -18.90
CA THR B 41 24.21 -33.96 -18.49
C THR B 41 23.63 -32.65 -18.99
N LEU B 42 23.21 -32.61 -20.26
CA LEU B 42 22.59 -31.40 -20.80
C LEU B 42 21.43 -30.96 -19.94
N LEU B 43 20.47 -31.86 -19.70
CA LEU B 43 19.32 -31.52 -18.87
C LEU B 43 19.77 -30.94 -17.55
N GLU B 44 20.86 -31.46 -16.97
CA GLU B 44 21.37 -30.88 -15.73
C GLU B 44 21.89 -29.47 -15.94
N ILE B 45 22.53 -29.22 -17.10
CA ILE B 45 23.03 -27.87 -17.38
C ILE B 45 21.87 -26.91 -17.57
N SER B 46 20.77 -27.38 -18.19
CA SER B 46 19.58 -26.56 -18.31
C SER B 46 19.05 -26.13 -16.93
N LYS B 47 18.94 -27.08 -16.01
CA LYS B 47 18.49 -26.73 -14.65
C LYS B 47 19.42 -25.69 -14.03
N ARG B 48 20.72 -25.82 -14.25
CA ARG B 48 21.64 -24.84 -13.67
C ARG B 48 21.43 -23.47 -14.29
N PHE B 49 21.33 -23.41 -15.62
CA PHE B 49 21.12 -22.12 -16.26
C PHE B 49 19.80 -21.48 -15.82
N ARG B 50 18.81 -22.28 -15.44
CA ARG B 50 17.58 -21.66 -14.97
C ARG B 50 17.79 -21.00 -13.61
N LYS B 51 18.58 -21.61 -12.73
CA LYS B 51 18.91 -20.95 -11.48
C LYS B 51 19.66 -19.65 -11.74
N GLU B 52 20.52 -19.64 -12.78
CA GLU B 52 21.27 -18.42 -13.10
C GLU B 52 20.34 -17.35 -13.62
N MET B 53 19.42 -17.73 -14.53
CA MET B 53 18.38 -16.81 -14.98
C MET B 53 17.65 -16.18 -13.79
N GLU B 54 17.29 -16.98 -12.81
CA GLU B 54 16.57 -16.42 -11.67
C GLU B 54 17.49 -15.51 -10.84
N LYS B 55 18.69 -15.98 -10.48
CA LYS B 55 19.62 -15.14 -9.74
C LYS B 55 19.89 -13.82 -10.45
N GLY B 56 19.82 -13.80 -11.78
CA GLY B 56 20.03 -12.55 -12.51
C GLY B 56 18.85 -11.59 -12.44
N LEU B 57 17.63 -12.11 -12.38
CA LEU B 57 16.47 -11.22 -12.34
C LEU B 57 16.20 -10.72 -10.92
N GLY B 58 16.55 -11.50 -9.90
CA GLY B 58 16.19 -11.17 -8.54
C GLY B 58 17.06 -10.04 -7.99
N ALA B 59 16.41 -9.06 -7.38
CA ALA B 59 17.13 -7.90 -6.86
C ALA B 59 18.11 -8.30 -5.76
N THR B 60 17.70 -9.24 -4.90
CA THR B 60 18.60 -9.74 -3.87
C THR B 60 19.82 -10.39 -4.48
N THR B 61 19.64 -11.17 -5.56
CA THR B 61 20.71 -12.00 -6.10
C THR B 61 21.51 -11.36 -7.24
N HIS B 62 20.98 -10.33 -7.89
CA HIS B 62 21.62 -9.77 -9.07
C HIS B 62 23.07 -9.37 -8.89
N PRO B 63 23.48 -8.72 -7.79
CA PRO B 63 24.87 -8.23 -7.73
C PRO B 63 25.93 -9.32 -7.83
N THR B 64 25.66 -10.52 -7.34
CA THR B 64 26.58 -11.63 -7.51
C THR B 64 26.18 -12.59 -8.61
N ALA B 65 25.18 -12.26 -9.42
CA ALA B 65 24.76 -13.15 -10.49
C ALA B 65 25.75 -13.08 -11.65
N ALA B 66 26.35 -14.22 -12.00
CA ALA B 66 27.21 -14.27 -13.17
C ALA B 66 26.45 -14.02 -14.47
N VAL B 67 25.18 -14.40 -14.54
CA VAL B 67 24.36 -14.16 -15.72
C VAL B 67 23.48 -12.96 -15.41
N LYS B 68 23.70 -11.86 -16.11
CA LYS B 68 23.25 -10.58 -15.60
C LYS B 68 21.78 -10.32 -15.87
N MET B 69 21.22 -10.86 -16.96
CA MET B 69 19.81 -10.71 -17.29
C MET B 69 19.43 -9.22 -17.38
N LEU B 70 20.17 -8.48 -18.21
CA LEU B 70 20.01 -7.02 -18.29
C LEU B 70 18.67 -6.62 -18.90
N PRO B 71 17.94 -5.67 -18.31
CA PRO B 71 16.77 -5.12 -18.97
C PRO B 71 17.17 -4.38 -20.23
N THR B 72 16.54 -4.73 -21.36
CA THR B 72 16.75 -4.02 -22.62
C THR B 72 15.87 -2.82 -22.81
N PHE B 73 14.69 -2.78 -22.18
CA PHE B 73 13.63 -1.76 -22.31
C PHE B 73 12.84 -1.92 -23.60
N VAL B 74 13.14 -2.94 -24.40
CA VAL B 74 12.27 -3.31 -25.52
C VAL B 74 10.99 -3.91 -24.94
N ARG B 75 9.84 -3.26 -25.20
CA ARG B 75 8.61 -3.70 -24.55
C ARG B 75 7.77 -4.66 -25.39
N SER B 76 7.94 -4.69 -26.70
CA SER B 76 7.15 -5.57 -27.53
C SER B 76 7.91 -5.88 -28.82
N THR B 77 7.74 -7.11 -29.33
CA THR B 77 8.23 -7.49 -30.65
C THR B 77 7.25 -7.03 -31.72
N PRO B 78 7.61 -7.09 -33.00
CA PRO B 78 6.72 -6.57 -34.03
C PRO B 78 5.50 -7.45 -34.23
N ASP B 79 4.35 -6.82 -34.48
CA ASP B 79 3.11 -7.52 -34.77
C ASP B 79 2.73 -7.54 -36.25
N GLY B 80 3.52 -6.92 -37.10
CA GLY B 80 3.25 -6.88 -38.51
C GLY B 80 2.71 -5.56 -39.03
N THR B 81 2.15 -4.73 -38.15
CA THR B 81 1.50 -3.51 -38.61
C THR B 81 2.40 -2.29 -38.60
N GLU B 82 3.69 -2.47 -38.29
CA GLU B 82 4.60 -1.34 -38.19
C GLU B 82 4.78 -0.71 -39.57
N HIS B 83 4.92 0.61 -39.61
CA HIS B 83 5.07 1.26 -40.90
C HIS B 83 5.89 2.54 -40.78
N GLY B 84 6.34 3.04 -41.92
CA GLY B 84 7.17 4.22 -41.98
C GLY B 84 8.64 3.93 -42.21
N GLU B 85 9.44 4.92 -41.86
CA GLU B 85 10.75 5.09 -42.43
C GLU B 85 11.74 5.45 -41.32
N PHE B 86 12.85 4.71 -41.24
CA PHE B 86 13.69 4.74 -40.05
C PHE B 86 15.16 4.56 -40.44
N LEU B 87 16.05 4.99 -39.55
CA LEU B 87 17.48 4.94 -39.75
C LEU B 87 18.10 4.07 -38.67
N ALA B 88 19.32 3.59 -38.92
CA ALA B 88 20.03 2.80 -37.92
C ALA B 88 21.54 2.93 -38.14
N LEU B 89 22.29 2.72 -37.06
CA LEU B 89 23.75 2.75 -37.07
C LEU B 89 24.25 1.45 -36.47
N ASP B 90 25.07 0.75 -37.21
CA ASP B 90 25.77 -0.42 -36.71
C ASP B 90 27.23 -0.01 -36.53
N LEU B 91 27.68 0.10 -35.28
CA LEU B 91 29.08 0.44 -35.01
C LEU B 91 29.82 -0.75 -34.43
N GLY B 92 30.95 -1.08 -35.04
CA GLY B 92 31.97 -1.84 -34.36
C GLY B 92 33.21 -1.91 -35.23
N GLY B 93 34.38 -2.01 -34.59
CA GLY B 93 35.61 -2.04 -35.35
C GLY B 93 35.92 -0.72 -36.03
N THR B 94 36.66 -0.82 -37.13
CA THR B 94 37.11 0.35 -37.89
C THR B 94 36.16 0.74 -39.02
N ASN B 95 35.10 -0.02 -39.26
CA ASN B 95 34.05 0.35 -40.20
C ASN B 95 32.75 0.49 -39.40
N PHE B 96 31.81 1.25 -39.94
CA PHE B 96 30.45 1.11 -39.46
C PHE B 96 29.51 1.17 -40.65
N ARG B 97 28.24 0.94 -40.38
CA ARG B 97 27.23 0.91 -41.41
C ARG B 97 26.13 1.90 -41.06
N VAL B 98 25.68 2.66 -42.04
CA VAL B 98 24.49 3.49 -41.88
C VAL B 98 23.41 2.87 -42.77
N LEU B 99 22.17 3.12 -42.39
CA LEU B 99 21.15 2.19 -42.80
C LEU B 99 19.80 2.89 -42.83
N TRP B 100 18.96 2.51 -43.78
CA TRP B 100 17.65 3.13 -43.97
C TRP B 100 16.65 2.03 -44.28
N VAL B 101 15.48 2.10 -43.64
CA VAL B 101 14.49 1.04 -43.66
C VAL B 101 13.11 1.64 -43.86
N LYS B 102 12.43 1.27 -44.96
CA LYS B 102 11.03 1.63 -45.16
C LYS B 102 10.16 0.42 -44.89
N VAL B 103 9.18 0.56 -43.99
CA VAL B 103 8.34 -0.54 -43.55
C VAL B 103 6.92 -0.23 -43.98
N THR B 104 6.26 -1.20 -44.63
CA THR B 104 4.96 -1.01 -45.25
C THR B 104 3.95 -2.00 -44.71
N ASP B 105 2.79 -1.49 -44.31
CA ASP B 105 1.74 -2.24 -43.66
C ASP B 105 0.91 -3.05 -44.65
N ASN B 106 1.31 -3.06 -45.92
CA ASN B 106 0.58 -3.78 -46.97
C ASN B 106 0.27 -5.22 -46.57
N GLY B 107 1.23 -5.92 -45.97
CA GLY B 107 1.06 -7.32 -45.62
C GLY B 107 1.90 -8.30 -46.40
N LEU B 108 2.51 -7.90 -47.52
CA LEU B 108 3.63 -8.70 -47.98
C LEU B 108 4.73 -8.73 -46.92
N GLN B 109 4.71 -7.78 -45.98
CA GLN B 109 5.67 -7.64 -44.88
C GLN B 109 7.12 -7.83 -45.35
N LYS B 110 7.48 -7.24 -46.49
CA LYS B 110 8.88 -7.12 -46.86
C LYS B 110 9.36 -5.72 -46.49
N VAL B 111 10.66 -5.50 -46.61
CA VAL B 111 11.27 -4.32 -46.00
C VAL B 111 12.28 -3.73 -46.97
N GLU B 112 12.05 -2.49 -47.40
CA GLU B 112 13.06 -1.85 -48.23
C GLU B 112 14.20 -1.35 -47.34
N MET B 113 15.42 -1.66 -47.78
CA MET B 113 16.63 -1.26 -47.09
C MET B 113 17.57 -0.56 -48.05
N GLU B 114 18.25 0.47 -47.58
CA GLU B 114 19.47 0.95 -48.18
C GLU B 114 20.53 0.91 -47.09
N ASN B 115 21.78 0.66 -47.46
CA ASN B 115 22.86 0.76 -46.49
C ASN B 115 24.17 1.11 -47.19
N GLN B 116 25.08 1.69 -46.42
CA GLN B 116 26.40 2.08 -46.87
C GLN B 116 27.36 1.85 -45.73
N ILE B 117 28.46 1.17 -46.01
CA ILE B 117 29.55 1.06 -45.04
C ILE B 117 30.34 2.33 -45.14
N TYR B 118 30.76 2.86 -43.98
CA TYR B 118 31.69 3.96 -43.89
C TYR B 118 32.92 3.54 -43.08
N ALA B 119 34.03 4.17 -43.38
CA ALA B 119 35.27 3.85 -42.68
C ALA B 119 35.56 4.90 -41.63
N ILE B 120 36.17 4.46 -40.53
CA ILE B 120 36.65 5.35 -39.47
C ILE B 120 38.17 5.32 -39.52
N PRO B 121 38.82 6.38 -39.99
CA PRO B 121 40.29 6.37 -40.08
C PRO B 121 40.94 6.23 -38.71
N GLU B 122 42.15 5.66 -38.71
CA GLU B 122 42.91 5.41 -37.48
C GLU B 122 43.03 6.68 -36.64
N ASP B 123 43.29 7.80 -37.32
CA ASP B 123 43.23 9.13 -36.74
C ASP B 123 42.01 9.28 -35.83
N ILE B 124 40.81 9.15 -36.42
CA ILE B 124 39.58 9.45 -35.71
C ILE B 124 39.18 8.39 -34.68
N MET B 125 39.62 7.13 -34.84
CA MET B 125 39.29 6.14 -33.82
C MET B 125 40.11 6.33 -32.55
N ARG B 126 41.35 6.80 -32.66
CA ARG B 126 42.19 7.01 -31.49
C ARG B 126 41.93 8.33 -30.78
N GLY B 127 41.33 9.32 -31.48
CA GLY B 127 41.19 10.68 -30.98
C GLY B 127 40.07 10.83 -29.97
N SER B 128 39.54 12.06 -29.89
CA SER B 128 38.48 12.37 -28.92
C SER B 128 37.14 11.81 -29.37
N GLY B 129 36.29 11.52 -28.38
CA GLY B 129 34.95 11.06 -28.68
C GLY B 129 34.16 12.03 -29.52
N THR B 130 34.38 13.34 -29.33
CA THR B 130 33.70 14.35 -30.11
C THR B 130 34.04 14.22 -31.60
N GLN B 131 35.34 14.17 -31.91
CA GLN B 131 35.74 13.96 -33.29
C GLN B 131 35.12 12.68 -33.83
N LEU B 132 35.05 11.63 -33.02
CA LEU B 132 34.48 10.38 -33.50
C LEU B 132 33.02 10.55 -33.86
N PHE B 133 32.23 11.21 -33.01
CA PHE B 133 30.81 11.38 -33.30
C PHE B 133 30.53 12.53 -34.27
N ASP B 134 31.40 13.54 -34.37
CA ASP B 134 31.31 14.47 -35.49
C ASP B 134 31.43 13.72 -36.81
N HIS B 135 32.41 12.80 -36.90
CA HIS B 135 32.61 11.98 -38.09
C HIS B 135 31.39 11.12 -38.41
N ILE B 136 30.85 10.42 -37.40
CA ILE B 136 29.67 9.60 -37.62
C ILE B 136 28.48 10.47 -38.04
N ALA B 137 28.25 11.59 -37.35
CA ALA B 137 27.21 12.50 -37.79
C ALA B 137 27.42 12.90 -39.25
N GLU B 138 28.67 13.21 -39.62
CA GLU B 138 28.96 13.61 -41.00
C GLU B 138 28.58 12.51 -41.99
N CYS B 139 28.93 11.27 -41.66
CA CYS B 139 28.57 10.16 -42.53
C CYS B 139 27.06 9.97 -42.59
N LEU B 140 26.40 10.08 -41.44
CA LEU B 140 24.95 10.03 -41.43
C LEU B 140 24.39 11.09 -42.37
N ALA B 141 24.90 12.31 -42.27
CA ALA B 141 24.40 13.36 -43.15
C ALA B 141 24.69 13.04 -44.60
N ASN B 142 25.81 12.35 -44.84
CA ASN B 142 26.17 12.00 -46.21
C ASN B 142 25.23 10.96 -46.77
N PHE B 143 24.89 9.96 -45.96
CA PHE B 143 23.87 8.98 -46.34
C PHE B 143 22.52 9.67 -46.63
N MET B 144 22.10 10.57 -45.76
CA MET B 144 20.79 11.17 -45.96
C MET B 144 20.76 12.02 -47.22
N ASP B 145 21.88 12.65 -47.57
CA ASP B 145 21.96 13.33 -48.86
C ASP B 145 21.77 12.31 -49.99
N LYS B 146 22.53 11.22 -49.95
CA LYS B 146 22.47 10.26 -51.03
C LYS B 146 21.05 9.79 -51.25
N LEU B 147 20.31 9.56 -50.17
CA LEU B 147 18.96 9.09 -50.28
C LEU B 147 17.96 10.23 -50.48
N GLN B 148 18.43 11.48 -50.45
CA GLN B 148 17.54 12.65 -50.55
C GLN B 148 16.48 12.62 -49.45
N ILE B 149 16.87 12.20 -48.25
CA ILE B 149 16.01 12.22 -47.07
C ILE B 149 16.38 13.32 -46.10
N LYS B 150 17.27 14.23 -46.49
CA LYS B 150 17.85 15.21 -45.57
C LYS B 150 16.79 15.90 -44.73
N ASP B 151 15.66 16.25 -45.34
CA ASP B 151 14.65 17.05 -44.64
C ASP B 151 13.78 16.22 -43.70
N LYS B 152 13.80 14.90 -43.83
CA LYS B 152 12.99 14.08 -42.96
C LYS B 152 13.62 14.02 -41.58
N LYS B 153 12.80 13.90 -40.56
CA LYS B 153 13.31 13.68 -39.22
C LYS B 153 12.84 12.28 -38.82
N LEU B 154 13.69 11.34 -38.98
CA LEU B 154 13.48 9.91 -38.76
C LEU B 154 13.95 9.49 -37.37
N PRO B 155 13.37 8.43 -36.80
CA PRO B 155 13.99 7.79 -35.64
C PRO B 155 15.25 7.04 -36.06
N LEU B 156 16.10 6.78 -35.07
CA LEU B 156 17.42 6.20 -35.32
C LEU B 156 17.70 5.10 -34.31
N GLY B 157 17.97 3.89 -34.81
CA GLY B 157 18.39 2.79 -33.96
C GLY B 157 19.90 2.64 -33.87
N PHE B 158 20.36 2.07 -32.76
CA PHE B 158 21.76 1.73 -32.54
C PHE B 158 21.83 0.28 -32.18
N THR B 159 22.81 -0.42 -32.72
CA THR B 159 23.07 -1.79 -32.32
C THR B 159 24.51 -1.92 -31.85
N PHE B 160 24.70 -2.67 -30.75
CA PHE B 160 26.00 -2.87 -30.14
C PHE B 160 26.21 -4.35 -29.81
N SER B 161 27.48 -4.77 -29.89
CA SER B 161 27.92 -6.15 -29.70
C SER B 161 28.35 -6.47 -28.28
N PHE B 162 27.89 -5.70 -27.29
CA PHE B 162 28.36 -5.81 -25.91
C PHE B 162 27.41 -5.04 -24.99
N PRO B 163 27.30 -5.42 -23.72
CA PRO B 163 26.38 -4.69 -22.83
C PRO B 163 26.93 -3.32 -22.42
N CYS B 164 26.01 -2.42 -22.09
CA CYS B 164 26.33 -1.10 -21.57
C CYS B 164 25.57 -0.91 -20.27
N HIS B 165 25.76 0.22 -19.63
CA HIS B 165 24.87 0.59 -18.54
C HIS B 165 23.68 1.34 -19.13
N GLN B 166 22.48 0.75 -19.02
CA GLN B 166 21.32 1.23 -19.75
C GLN B 166 20.14 1.39 -18.78
N THR B 167 19.75 2.62 -18.53
CA THR B 167 18.61 2.85 -17.65
C THR B 167 17.31 3.06 -18.42
N LYS B 168 17.39 3.21 -19.73
CA LYS B 168 16.21 3.52 -20.55
C LYS B 168 16.58 3.27 -22.02
N LEU B 169 15.59 3.44 -22.90
CA LEU B 169 15.74 2.92 -24.24
C LEU B 169 16.70 3.75 -25.07
N ASP B 170 16.72 5.07 -24.90
CA ASP B 170 17.77 5.87 -25.55
C ASP B 170 18.74 6.34 -24.49
N GLU B 171 19.63 5.45 -24.10
CA GLU B 171 20.74 5.75 -23.22
C GLU B 171 21.67 4.56 -23.32
N SER B 172 22.96 4.81 -23.46
CA SER B 172 23.89 3.75 -23.12
C SER B 172 25.20 4.39 -22.72
N PHE B 173 25.73 3.98 -21.59
CA PHE B 173 27.04 4.42 -21.15
C PHE B 173 28.04 3.32 -21.47
N LEU B 174 29.16 3.70 -22.09
CA LEU B 174 30.18 2.72 -22.37
C LEU B 174 30.97 2.46 -21.09
N VAL B 175 30.87 1.24 -20.57
CA VAL B 175 31.66 0.79 -19.43
C VAL B 175 32.82 -0.08 -19.84
N SER B 176 32.97 -0.36 -21.14
CA SER B 176 34.02 -1.23 -21.68
C SER B 176 34.35 -0.79 -23.12
N SER B 183 38.24 5.11 -28.57
CA SER B 183 38.15 6.57 -28.52
C SER B 183 38.23 7.09 -27.08
N SER B 184 38.85 8.27 -26.91
CA SER B 184 39.24 8.76 -25.59
C SER B 184 38.04 9.18 -24.74
N GLY B 185 37.22 10.08 -25.25
CA GLY B 185 36.17 10.64 -24.41
C GLY B 185 34.86 9.90 -24.35
N VAL B 186 34.73 8.78 -25.07
CA VAL B 186 33.46 8.07 -25.18
C VAL B 186 33.12 7.28 -23.92
N GLU B 187 34.14 6.79 -23.21
CA GLU B 187 33.92 5.79 -22.17
C GLU B 187 33.40 6.43 -20.89
N GLY B 188 32.37 5.83 -20.31
CA GLY B 188 31.60 6.48 -19.28
C GLY B 188 30.62 7.51 -19.78
N ARG B 189 30.58 7.77 -21.09
CA ARG B 189 29.71 8.78 -21.65
C ARG B 189 28.53 8.12 -22.37
N ASP B 190 27.41 8.83 -22.40
CA ASP B 190 26.20 8.32 -23.03
C ASP B 190 26.27 8.51 -24.54
N VAL B 191 26.29 7.37 -25.26
CA VAL B 191 26.37 7.35 -26.71
C VAL B 191 25.24 8.17 -27.34
N VAL B 192 24.04 8.08 -26.79
CA VAL B 192 22.95 8.81 -27.43
C VAL B 192 23.15 10.31 -27.25
N ALA B 193 23.53 10.74 -26.05
CA ALA B 193 23.79 12.16 -25.88
C ALA B 193 24.88 12.64 -26.83
N LEU B 194 25.92 11.81 -27.06
CA LEU B 194 27.01 12.17 -27.96
C LEU B 194 26.55 12.38 -29.40
N ILE B 195 25.72 11.47 -29.92
CA ILE B 195 25.31 11.59 -31.31
C ILE B 195 24.27 12.70 -31.45
N ARG B 196 23.44 12.90 -30.43
CA ARG B 196 22.55 14.05 -30.39
C ARG B 196 23.34 15.36 -30.47
N LYS B 197 24.39 15.53 -29.64
CA LYS B 197 25.13 16.78 -29.70
C LYS B 197 25.92 16.94 -30.99
N ALA B 198 26.43 15.85 -31.57
CA ALA B 198 27.13 15.97 -32.84
C ALA B 198 26.19 16.42 -33.95
N ILE B 199 24.95 15.93 -33.94
CA ILE B 199 23.99 16.40 -34.93
C ILE B 199 23.59 17.85 -34.62
N GLN B 200 23.50 18.20 -33.35
CA GLN B 200 23.22 19.57 -32.96
C GLN B 200 24.25 20.54 -33.54
N ARG B 201 25.54 20.24 -33.33
CA ARG B 201 26.60 21.12 -33.84
C ARG B 201 26.52 21.31 -35.34
N ARG B 202 26.10 20.29 -36.09
CA ARG B 202 25.98 20.48 -37.53
C ARG B 202 24.88 21.48 -37.87
N GLY B 203 23.73 21.38 -37.19
CA GLY B 203 22.54 22.12 -37.57
C GLY B 203 21.93 21.71 -38.89
N ASP B 204 22.46 20.65 -39.50
CA ASP B 204 22.26 20.23 -40.88
C ASP B 204 20.98 19.42 -41.05
N PHE B 205 20.66 18.57 -40.07
CA PHE B 205 19.49 17.70 -40.12
C PHE B 205 19.08 17.44 -38.68
N ASP B 206 17.98 16.71 -38.49
CA ASP B 206 17.67 16.27 -37.14
C ASP B 206 17.16 14.85 -37.18
N ILE B 207 17.16 14.22 -36.02
CA ILE B 207 16.60 12.89 -35.84
C ILE B 207 15.56 12.93 -34.72
N ASP B 208 14.72 11.90 -34.72
CA ASP B 208 13.60 11.63 -33.82
C ASP B 208 14.08 10.70 -32.70
N ILE B 209 13.18 9.91 -32.11
CA ILE B 209 13.52 9.00 -31.03
C ILE B 209 14.67 8.06 -31.41
N VAL B 210 15.44 7.64 -30.40
CA VAL B 210 16.62 6.80 -30.56
C VAL B 210 16.43 5.54 -29.73
N ALA B 211 16.92 4.42 -30.23
CA ALA B 211 16.86 3.16 -29.52
C ALA B 211 18.22 2.50 -29.62
N VAL B 212 18.74 1.99 -28.50
CA VAL B 212 20.05 1.37 -28.41
C VAL B 212 19.85 -0.02 -27.87
N VAL B 213 20.23 -1.03 -28.65
CA VAL B 213 19.92 -2.43 -28.33
C VAL B 213 21.14 -3.32 -28.59
N ASN B 214 21.30 -4.33 -27.76
CA ASN B 214 22.28 -5.39 -27.97
C ASN B 214 22.00 -6.09 -29.29
N ASP B 215 23.02 -6.76 -29.84
CA ASP B 215 22.85 -7.34 -31.18
C ASP B 215 21.91 -8.56 -31.16
N THR B 216 21.84 -9.32 -30.06
CA THR B 216 20.82 -10.39 -30.01
C THR B 216 19.41 -9.80 -30.09
N VAL B 217 19.18 -8.71 -29.37
CA VAL B 217 17.87 -8.05 -29.42
C VAL B 217 17.56 -7.60 -30.84
N GLY B 218 18.58 -7.13 -31.56
CA GLY B 218 18.35 -6.77 -32.95
C GLY B 218 17.95 -7.97 -33.78
N THR B 219 18.62 -9.11 -33.54
CA THR B 219 18.27 -10.34 -34.24
C THR B 219 16.84 -10.75 -33.93
N MET B 220 16.47 -10.73 -32.64
CA MET B 220 15.11 -11.08 -32.27
C MET B 220 14.09 -10.18 -32.94
N MET B 221 14.38 -8.87 -33.03
CA MET B 221 13.36 -7.94 -33.50
C MET B 221 13.20 -8.03 -35.02
N THR B 222 14.30 -8.12 -35.78
CA THR B 222 14.16 -8.24 -37.22
C THR B 222 13.48 -9.56 -37.58
N CYS B 223 13.84 -10.65 -36.89
CA CYS B 223 13.16 -11.91 -37.12
C CYS B 223 11.72 -11.84 -36.68
N GLY B 224 11.47 -11.14 -35.57
CA GLY B 224 10.11 -10.97 -35.12
C GLY B 224 9.20 -10.29 -36.13
N TYR B 225 9.79 -9.49 -37.03
CA TYR B 225 8.94 -8.88 -38.04
C TYR B 225 8.52 -9.91 -39.08
N ASP B 226 9.39 -10.87 -39.37
CA ASP B 226 9.04 -11.90 -40.34
C ASP B 226 8.21 -13.03 -39.75
N ASP B 227 8.40 -13.35 -38.47
CA ASP B 227 7.63 -14.38 -37.80
C ASP B 227 7.28 -13.85 -36.41
N HIS B 228 5.99 -13.68 -36.17
CA HIS B 228 5.57 -12.96 -34.98
C HIS B 228 5.59 -13.82 -33.73
N ASN B 229 6.00 -15.06 -33.86
CA ASN B 229 6.21 -15.93 -32.72
C ASN B 229 7.64 -15.92 -32.20
N CYS B 230 8.53 -15.07 -32.75
CA CYS B 230 9.90 -15.04 -32.27
C CYS B 230 9.94 -14.29 -30.94
N GLU B 231 10.22 -15.01 -29.87
CA GLU B 231 10.54 -14.42 -28.59
C GLU B 231 12.00 -14.51 -28.18
N ILE B 232 12.87 -15.03 -29.04
CA ILE B 232 14.24 -15.33 -28.63
C ILE B 232 15.20 -14.93 -29.74
N GLY B 233 16.15 -14.06 -29.43
CA GLY B 233 17.33 -13.86 -30.27
C GLY B 233 18.52 -14.69 -29.81
N LEU B 234 19.24 -15.22 -30.79
CA LEU B 234 20.38 -16.11 -30.56
C LEU B 234 21.52 -15.67 -31.44
N ILE B 235 22.72 -15.62 -30.88
CA ILE B 235 23.91 -15.48 -31.71
C ILE B 235 24.89 -16.56 -31.32
N VAL B 236 25.21 -17.45 -32.27
CA VAL B 236 26.44 -18.21 -32.12
C VAL B 236 27.40 -17.76 -33.22
N GLY B 237 28.22 -16.78 -32.88
CA GLY B 237 29.20 -16.16 -33.78
C GLY B 237 30.61 -16.34 -33.27
N THR B 238 31.48 -15.38 -33.57
CA THR B 238 32.74 -15.32 -32.84
C THR B 238 32.49 -15.21 -31.34
N GLY B 239 31.50 -14.40 -30.94
CA GLY B 239 30.93 -14.46 -29.61
C GLY B 239 29.56 -15.13 -29.61
N SER B 240 29.06 -15.41 -28.41
CA SER B 240 27.74 -16.01 -28.29
C SER B 240 26.99 -15.39 -27.13
N ASN B 241 25.75 -14.98 -27.39
CA ASN B 241 24.85 -14.38 -26.41
C ASN B 241 23.42 -14.73 -26.83
N ALA B 242 22.45 -14.36 -25.99
CA ALA B 242 21.05 -14.64 -26.32
C ALA B 242 20.12 -13.72 -25.53
N CYS B 243 18.91 -13.56 -26.06
CA CYS B 243 17.91 -12.73 -25.42
C CYS B 243 16.52 -13.33 -25.63
N TYR B 244 15.62 -13.04 -24.71
CA TYR B 244 14.26 -13.54 -24.82
C TYR B 244 13.31 -12.52 -24.20
N MET B 245 12.05 -12.54 -24.64
CA MET B 245 11.02 -11.76 -23.96
C MET B 245 10.72 -12.34 -22.60
N GLU B 246 10.76 -11.51 -21.57
CA GLU B 246 10.46 -11.92 -20.22
C GLU B 246 9.23 -11.15 -19.75
N GLU B 247 8.54 -11.70 -18.75
CA GLU B 247 7.37 -11.05 -18.21
C GLU B 247 7.77 -10.10 -17.09
N MET B 248 7.24 -8.87 -17.12
CA MET B 248 7.69 -7.83 -16.19
C MET B 248 7.58 -8.25 -14.72
N ARG B 249 6.62 -9.12 -14.39
CA ARG B 249 6.49 -9.57 -13.00
C ARG B 249 7.73 -10.31 -12.53
N HIS B 250 8.48 -10.93 -13.45
CA HIS B 250 9.69 -11.65 -13.08
C HIS B 250 10.93 -10.79 -13.09
N ILE B 251 10.82 -9.50 -13.39
CA ILE B 251 11.99 -8.62 -13.50
C ILE B 251 11.96 -7.66 -12.31
N ASP B 252 12.74 -7.98 -11.27
CA ASP B 252 12.71 -7.17 -10.05
C ASP B 252 13.40 -5.83 -10.25
N MET B 253 14.48 -5.78 -11.04
CA MET B 253 15.23 -4.52 -11.09
C MET B 253 14.51 -3.42 -11.86
N VAL B 254 13.36 -3.69 -12.45
CA VAL B 254 12.62 -2.69 -13.18
C VAL B 254 11.20 -2.69 -12.63
N GLU B 255 10.75 -1.50 -12.22
CA GLU B 255 9.46 -1.40 -11.54
C GLU B 255 8.30 -1.67 -12.47
N GLY B 256 7.29 -2.29 -11.92
CA GLY B 256 6.07 -2.67 -12.59
C GLY B 256 6.03 -4.15 -12.90
N ASP B 257 4.85 -4.73 -12.73
CA ASP B 257 4.60 -6.12 -13.03
C ASP B 257 3.76 -6.33 -14.29
N GLU B 258 3.27 -5.28 -14.92
CA GLU B 258 2.44 -5.44 -16.10
C GLU B 258 3.32 -5.57 -17.35
N GLY B 259 2.83 -6.34 -18.32
CA GLY B 259 3.47 -6.39 -19.63
C GLY B 259 4.73 -7.23 -19.67
N ARG B 260 5.54 -6.97 -20.69
CA ARG B 260 6.68 -7.80 -20.98
C ARG B 260 7.90 -6.94 -21.32
N MET B 261 9.09 -7.50 -21.12
CA MET B 261 10.28 -6.77 -21.53
C MET B 261 11.36 -7.74 -22.00
N CYS B 262 12.03 -7.38 -23.09
CA CYS B 262 13.12 -8.22 -23.56
C CYS B 262 14.28 -8.15 -22.57
N ILE B 263 14.93 -9.29 -22.37
CA ILE B 263 16.07 -9.42 -21.47
C ILE B 263 17.26 -9.85 -22.30
N ASN B 264 18.35 -9.12 -22.19
CA ASN B 264 19.62 -9.53 -22.77
C ASN B 264 20.34 -10.31 -21.67
N MET B 265 20.51 -11.61 -21.89
CA MET B 265 20.96 -12.46 -20.80
C MET B 265 22.45 -12.31 -20.54
N GLU B 266 23.23 -12.02 -21.59
CA GLU B 266 24.69 -12.12 -21.54
C GLU B 266 25.13 -13.48 -20.96
N TRP B 267 24.79 -14.56 -21.68
CA TRP B 267 25.01 -15.89 -21.10
C TRP B 267 26.45 -16.39 -21.27
N GLY B 268 27.35 -15.61 -21.87
CA GLY B 268 28.75 -15.99 -21.92
C GLY B 268 29.41 -16.08 -20.56
N ALA B 269 28.95 -15.26 -19.60
CA ALA B 269 29.51 -15.24 -18.26
C ALA B 269 28.97 -16.36 -17.38
N PHE B 270 28.04 -17.15 -17.91
CA PHE B 270 27.63 -18.39 -17.27
C PHE B 270 28.87 -19.21 -16.93
N GLY B 271 28.97 -19.62 -15.68
CA GLY B 271 30.08 -20.43 -15.24
C GLY B 271 31.25 -19.69 -14.61
N ASP B 272 31.34 -18.36 -14.80
CA ASP B 272 32.49 -17.63 -14.25
C ASP B 272 32.60 -17.79 -12.74
N ASP B 273 31.50 -18.07 -12.05
CA ASP B 273 31.57 -18.34 -10.62
C ASP B 273 31.82 -19.81 -10.33
N GLY B 274 32.12 -20.61 -11.35
CA GLY B 274 32.53 -21.99 -11.17
C GLY B 274 31.40 -23.00 -11.24
N SER B 275 30.25 -22.61 -11.76
CA SER B 275 29.09 -23.50 -11.71
C SER B 275 29.14 -24.59 -12.77
N LEU B 276 29.99 -24.41 -13.78
CA LEU B 276 30.23 -25.40 -14.83
C LEU B 276 31.50 -26.20 -14.63
N ASN B 277 32.22 -26.02 -13.50
CA ASN B 277 33.54 -26.62 -13.36
C ASN B 277 33.55 -28.14 -13.55
N ASP B 278 32.46 -28.84 -13.24
CA ASP B 278 32.48 -30.28 -13.48
C ASP B 278 32.26 -30.63 -14.95
N ILE B 279 31.72 -29.71 -15.74
CA ILE B 279 31.59 -29.92 -17.17
C ILE B 279 32.86 -29.53 -17.92
N ARG B 280 33.58 -28.52 -17.43
CA ARG B 280 34.75 -28.00 -18.14
C ARG B 280 35.93 -28.96 -18.07
N THR B 281 36.72 -29.01 -19.14
CA THR B 281 37.81 -29.96 -19.28
C THR B 281 39.16 -29.28 -19.10
N GLU B 282 40.23 -30.09 -19.10
CA GLU B 282 41.58 -29.53 -19.05
C GLU B 282 41.86 -28.64 -20.25
N PHE B 283 41.23 -28.90 -21.41
CA PHE B 283 41.39 -28.01 -22.55
C PHE B 283 40.65 -26.70 -22.34
N ASP B 284 39.51 -26.73 -21.66
CA ASP B 284 38.80 -25.49 -21.38
C ASP B 284 39.63 -24.58 -20.49
N GLN B 285 40.27 -25.15 -19.46
CA GLN B 285 41.06 -24.30 -18.58
C GLN B 285 42.38 -23.92 -19.22
N GLU B 286 42.82 -24.64 -20.24
CA GLU B 286 44.02 -24.24 -20.97
C GLU B 286 43.70 -23.10 -21.94
N ILE B 287 42.50 -23.10 -22.52
CA ILE B 287 42.02 -21.97 -23.31
C ILE B 287 41.93 -20.73 -22.45
N ASP B 288 41.26 -20.85 -21.31
CA ASP B 288 41.05 -19.74 -20.40
C ASP B 288 42.38 -19.12 -20.01
N MET B 289 43.29 -19.93 -19.46
CA MET B 289 44.52 -19.41 -18.88
C MET B 289 45.37 -18.71 -19.92
N GLY B 290 45.25 -19.08 -21.19
CA GLY B 290 45.95 -18.37 -22.23
C GLY B 290 45.19 -17.22 -22.88
N SER B 291 44.18 -16.68 -22.22
CA SER B 291 43.34 -15.65 -22.83
C SER B 291 43.55 -14.32 -22.12
N LEU B 292 43.18 -13.23 -22.81
CA LEU B 292 43.29 -11.87 -22.29
C LEU B 292 42.42 -11.61 -21.07
N ASN B 293 41.45 -12.47 -20.79
CA ASN B 293 40.51 -12.26 -19.69
C ASN B 293 40.34 -13.56 -18.91
N PRO B 294 41.41 -14.05 -18.29
CA PRO B 294 41.30 -15.30 -17.53
C PRO B 294 40.17 -15.20 -16.52
N GLY B 295 39.28 -16.19 -16.54
CA GLY B 295 38.20 -16.31 -15.59
C GLY B 295 36.90 -15.68 -16.01
N LYS B 296 36.84 -15.08 -17.18
CA LYS B 296 35.68 -14.37 -17.66
C LYS B 296 35.16 -15.10 -18.89
N GLN B 297 33.86 -14.99 -19.13
CA GLN B 297 33.22 -15.58 -20.31
C GLN B 297 33.55 -17.07 -20.47
N LEU B 298 33.55 -17.83 -19.36
CA LEU B 298 33.91 -19.25 -19.45
C LEU B 298 32.96 -20.02 -20.35
N PHE B 299 31.66 -19.70 -20.31
CA PHE B 299 30.71 -20.41 -21.16
C PHE B 299 30.85 -19.98 -22.62
N GLU B 300 31.15 -18.71 -22.87
CA GLU B 300 31.43 -18.27 -24.23
C GLU B 300 32.63 -19.00 -24.78
N LYS B 301 33.63 -19.24 -23.93
CA LYS B 301 34.86 -19.89 -24.37
C LYS B 301 34.64 -21.35 -24.71
N MET B 302 33.60 -21.97 -24.19
CA MET B 302 33.30 -23.36 -24.52
C MET B 302 32.56 -23.52 -25.85
N ILE B 303 31.83 -22.50 -26.31
CA ILE B 303 30.85 -22.64 -27.37
C ILE B 303 31.22 -21.82 -28.61
N SER B 304 31.57 -20.56 -28.43
CA SER B 304 31.66 -19.67 -29.58
C SER B 304 32.87 -20.01 -30.46
N GLY B 305 32.95 -19.30 -31.59
CA GLY B 305 33.96 -19.49 -32.60
C GLY B 305 35.24 -18.71 -32.42
N MET B 306 35.35 -17.88 -31.39
CA MET B 306 36.65 -17.30 -31.11
C MET B 306 37.64 -18.39 -30.69
N TYR B 307 37.25 -19.22 -29.74
CA TYR B 307 38.11 -20.21 -29.10
C TYR B 307 37.93 -21.63 -29.62
N MET B 308 37.13 -21.82 -30.67
CA MET B 308 36.76 -23.18 -31.04
C MET B 308 37.88 -23.91 -31.80
N GLY B 309 38.49 -23.25 -32.78
CA GLY B 309 39.61 -23.88 -33.47
C GLY B 309 40.82 -24.06 -32.59
N GLU B 310 41.07 -23.11 -31.69
CA GLU B 310 42.17 -23.29 -30.76
C GLU B 310 41.92 -24.47 -29.83
N LEU B 311 40.65 -24.80 -29.58
CA LEU B 311 40.36 -26.01 -28.81
C LEU B 311 40.92 -27.23 -29.52
N VAL B 312 40.69 -27.33 -30.82
CA VAL B 312 41.20 -28.47 -31.57
C VAL B 312 42.72 -28.47 -31.57
N ARG B 313 43.34 -27.30 -31.83
CA ARG B 313 44.79 -27.23 -31.79
C ARG B 313 45.32 -27.81 -30.48
N LEU B 314 44.76 -27.36 -29.35
CA LEU B 314 45.24 -27.86 -28.07
C LEU B 314 45.07 -29.37 -27.96
N ILE B 315 43.95 -29.90 -28.44
CA ILE B 315 43.72 -31.34 -28.37
C ILE B 315 44.74 -32.07 -29.24
N LEU B 316 45.06 -31.52 -30.42
CA LEU B 316 46.06 -32.15 -31.28
C LEU B 316 47.44 -32.15 -30.63
N VAL B 317 47.83 -31.02 -30.04
CA VAL B 317 49.12 -30.95 -29.37
C VAL B 317 49.22 -32.01 -28.29
N LYS B 318 48.21 -32.09 -27.43
CA LYS B 318 48.25 -33.00 -26.31
C LYS B 318 48.24 -34.45 -26.77
N MET B 319 47.60 -34.73 -27.89
CA MET B 319 47.66 -36.11 -28.36
C MET B 319 48.97 -36.39 -29.08
N ALA B 320 49.59 -35.39 -29.68
CA ALA B 320 50.90 -35.61 -30.30
C ALA B 320 51.98 -35.79 -29.25
N LYS B 321 51.91 -35.00 -28.16
CA LYS B 321 52.84 -35.21 -27.06
C LYS B 321 52.65 -36.59 -26.41
N GLU B 322 51.44 -37.12 -26.45
CA GLU B 322 51.18 -38.47 -25.93
C GLU B 322 51.40 -39.55 -27.00
N GLU B 323 51.86 -39.16 -28.20
CA GLU B 323 52.22 -40.08 -29.28
C GLU B 323 51.01 -40.84 -29.84
N LEU B 324 49.82 -40.26 -29.80
CA LEU B 324 48.65 -40.86 -30.44
C LEU B 324 48.41 -40.36 -31.86
N LEU B 325 49.11 -39.31 -32.29
CA LEU B 325 48.93 -38.74 -33.62
C LEU B 325 50.27 -38.24 -34.13
N PHE B 326 50.39 -38.19 -35.46
CA PHE B 326 51.55 -37.61 -36.13
C PHE B 326 52.85 -38.34 -35.77
N GLY B 327 52.72 -39.58 -35.32
CA GLY B 327 53.84 -40.31 -34.77
C GLY B 327 54.60 -39.53 -33.72
N GLY B 328 53.93 -38.65 -32.99
CA GLY B 328 54.58 -37.87 -31.96
C GLY B 328 55.36 -36.67 -32.45
N LYS B 329 55.44 -36.43 -33.75
CA LYS B 329 56.17 -35.29 -34.30
C LYS B 329 55.28 -34.05 -34.31
N LEU B 330 55.65 -33.04 -33.55
CA LEU B 330 54.95 -31.77 -33.61
C LEU B 330 55.70 -30.85 -34.57
N SER B 331 55.21 -29.62 -34.71
CA SER B 331 55.85 -28.64 -35.59
C SER B 331 55.65 -27.26 -35.01
N PRO B 332 56.49 -26.29 -35.39
CA PRO B 332 56.31 -24.92 -34.91
C PRO B 332 54.91 -24.38 -35.14
N GLU B 333 54.33 -24.66 -36.31
CA GLU B 333 53.03 -24.08 -36.64
C GLU B 333 51.91 -24.73 -35.84
N LEU B 334 52.06 -26.01 -35.49
CA LEU B 334 51.09 -26.64 -34.62
C LEU B 334 51.17 -26.07 -33.22
N LEU B 335 52.37 -25.75 -32.76
CA LEU B 335 52.55 -25.27 -31.40
C LEU B 335 52.25 -23.79 -31.26
N ASN B 336 51.86 -23.15 -32.35
CA ASN B 336 51.72 -21.70 -32.42
C ASN B 336 50.24 -21.38 -32.27
N THR B 337 49.93 -20.56 -31.26
CA THR B 337 48.54 -20.23 -30.96
C THR B 337 47.87 -19.58 -32.18
N GLY B 338 46.56 -19.83 -32.30
CA GLY B 338 45.75 -19.19 -33.30
C GLY B 338 45.73 -19.82 -34.67
N ARG B 339 46.69 -20.69 -35.00
CA ARG B 339 46.90 -21.13 -36.37
C ARG B 339 46.03 -22.30 -36.79
N PHE B 340 45.18 -22.83 -35.91
CA PHE B 340 44.12 -23.73 -36.33
C PHE B 340 42.82 -22.95 -36.16
N GLU B 341 42.20 -22.64 -37.29
CA GLU B 341 41.16 -21.64 -37.34
C GLU B 341 39.80 -22.32 -37.33
N THR B 342 38.82 -21.62 -36.75
CA THR B 342 37.47 -22.17 -36.73
C THR B 342 36.95 -22.42 -38.13
N LYS B 343 37.38 -21.60 -39.10
CA LYS B 343 37.07 -21.89 -40.49
C LYS B 343 37.51 -23.30 -40.88
N ASP B 344 38.62 -23.78 -40.32
CA ASP B 344 39.12 -25.11 -40.66
C ASP B 344 38.24 -26.21 -40.10
N ILE B 345 37.64 -26.01 -38.92
CA ILE B 345 36.66 -26.99 -38.46
C ILE B 345 35.53 -27.08 -39.50
N SER B 346 35.05 -25.93 -39.99
CA SER B 346 33.91 -25.93 -40.91
C SER B 346 34.26 -26.54 -42.26
N ASP B 347 35.50 -26.36 -42.73
CA ASP B 347 35.92 -27.03 -43.96
C ASP B 347 36.04 -28.53 -43.74
N ILE B 348 36.77 -28.94 -42.69
CA ILE B 348 37.05 -30.34 -42.49
C ILE B 348 35.76 -31.14 -42.32
N GLU B 349 34.76 -30.54 -41.66
CA GLU B 349 33.48 -31.21 -41.53
C GLU B 349 32.62 -31.04 -42.78
N GLY B 350 33.01 -30.13 -43.68
CA GLY B 350 32.38 -29.98 -44.98
C GLY B 350 32.53 -31.19 -45.89
N GLU B 351 33.34 -32.17 -45.52
CA GLU B 351 33.53 -33.37 -46.33
C GLU B 351 32.88 -34.57 -45.67
N LYS B 352 32.14 -35.35 -46.47
CA LYS B 352 31.58 -36.62 -46.04
C LYS B 352 32.65 -37.44 -45.33
N ASP B 353 33.70 -37.78 -46.06
CA ASP B 353 34.91 -38.38 -45.53
C ASP B 353 35.96 -37.26 -45.45
N GLY B 354 36.23 -36.79 -44.22
CA GLY B 354 36.90 -35.50 -44.06
C GLY B 354 38.34 -35.46 -44.48
N ILE B 355 38.88 -36.58 -44.99
CA ILE B 355 40.32 -36.79 -45.04
C ILE B 355 41.01 -35.83 -46.00
N ARG B 356 40.37 -35.45 -47.10
CA ARG B 356 41.09 -34.61 -48.06
C ARG B 356 41.38 -33.23 -47.47
N LYS B 357 40.41 -32.64 -46.76
CA LYS B 357 40.66 -31.32 -46.16
C LYS B 357 41.47 -31.42 -44.88
N ALA B 358 41.26 -32.49 -44.10
CA ALA B 358 42.09 -32.70 -42.92
C ALA B 358 43.56 -32.73 -43.30
N ARG B 359 43.88 -33.49 -44.36
CA ARG B 359 45.21 -33.47 -44.96
C ARG B 359 45.70 -32.05 -45.20
N GLU B 360 44.96 -31.29 -46.02
CA GLU B 360 45.43 -29.97 -46.44
C GLU B 360 45.70 -29.07 -45.24
N VAL B 361 44.79 -29.06 -44.26
CA VAL B 361 44.96 -28.18 -43.09
C VAL B 361 46.17 -28.60 -42.28
N LEU B 362 46.34 -29.91 -42.07
CA LEU B 362 47.48 -30.38 -41.28
C LEU B 362 48.79 -30.13 -42.01
N MET B 363 48.81 -30.25 -43.34
CA MET B 363 50.04 -29.90 -44.07
C MET B 363 50.31 -28.40 -44.00
N ARG B 364 49.28 -27.56 -44.08
CA ARG B 364 49.47 -26.14 -43.83
C ARG B 364 50.09 -25.89 -42.46
N LEU B 365 49.86 -26.78 -41.51
CA LEU B 365 50.45 -26.68 -40.18
C LEU B 365 51.83 -27.31 -40.10
N GLY B 366 52.37 -27.75 -41.23
CA GLY B 366 53.71 -28.29 -41.24
C GLY B 366 53.80 -29.72 -40.76
N LEU B 367 52.76 -30.51 -40.96
CA LEU B 367 52.75 -31.90 -40.52
C LEU B 367 52.62 -32.80 -41.74
N ASP B 368 52.98 -34.07 -41.56
CA ASP B 368 52.91 -35.06 -42.63
C ASP B 368 52.01 -36.19 -42.13
N PRO B 369 50.70 -35.99 -42.17
CA PRO B 369 49.78 -36.89 -41.47
C PRO B 369 49.50 -38.20 -42.21
N THR B 370 49.34 -39.27 -41.44
CA THR B 370 48.78 -40.47 -42.03
C THR B 370 47.30 -40.24 -42.30
N GLN B 371 46.65 -41.20 -42.94
CA GLN B 371 45.23 -40.99 -43.13
C GLN B 371 44.47 -41.21 -41.84
N GLU B 372 45.07 -41.98 -40.93
CA GLU B 372 44.48 -42.16 -39.61
C GLU B 372 44.58 -40.88 -38.79
N ASP B 373 45.70 -40.15 -38.94
CA ASP B 373 45.81 -38.82 -38.36
C ASP B 373 44.68 -37.94 -38.83
N CYS B 374 44.47 -37.88 -40.15
CA CYS B 374 43.36 -37.11 -40.70
C CYS B 374 42.01 -37.55 -40.15
N VAL B 375 41.77 -38.86 -40.02
CA VAL B 375 40.47 -39.32 -39.54
C VAL B 375 40.23 -38.82 -38.12
N ALA B 376 41.24 -38.95 -37.26
CA ALA B 376 41.10 -38.47 -35.88
C ALA B 376 40.93 -36.96 -35.83
N THR B 377 41.58 -36.23 -36.73
CA THR B 377 41.42 -34.78 -36.71
C THR B 377 40.02 -34.37 -37.13
N HIS B 378 39.46 -35.08 -38.12
CA HIS B 378 38.06 -34.86 -38.47
C HIS B 378 37.16 -35.14 -37.27
N ARG B 379 37.45 -36.20 -36.53
CA ARG B 379 36.59 -36.59 -35.43
C ARG B 379 36.74 -35.66 -34.22
N ILE B 380 37.91 -35.07 -34.04
CA ILE B 380 38.09 -34.09 -32.97
C ILE B 380 37.27 -32.83 -33.26
N CYS B 381 37.31 -32.35 -34.52
CA CYS B 381 36.46 -31.24 -34.93
C CYS B 381 34.99 -31.54 -34.66
N GLN B 382 34.56 -32.76 -34.96
CA GLN B 382 33.17 -33.13 -34.80
C GLN B 382 32.76 -33.15 -33.33
N ILE B 383 33.59 -33.73 -32.45
CA ILE B 383 33.31 -33.70 -31.02
C ILE B 383 33.19 -32.25 -30.53
N VAL B 384 34.08 -31.37 -31.02
CA VAL B 384 34.17 -30.03 -30.45
C VAL B 384 32.99 -29.16 -30.89
N SER B 385 32.70 -29.13 -32.20
CA SER B 385 31.57 -28.33 -32.66
C SER B 385 30.25 -28.86 -32.11
N THR B 386 30.14 -30.17 -31.94
CA THR B 386 28.91 -30.76 -31.41
C THR B 386 28.71 -30.42 -29.93
N ARG B 387 29.79 -30.26 -29.18
CA ARG B 387 29.64 -29.84 -27.79
C ARG B 387 29.12 -28.41 -27.72
N SER B 388 29.71 -27.52 -28.52
CA SER B 388 29.17 -26.17 -28.63
C SER B 388 27.68 -26.20 -28.92
N ALA B 389 27.25 -27.06 -29.84
CA ALA B 389 25.83 -27.10 -30.22
C ALA B 389 24.98 -27.66 -29.09
N SER B 390 25.42 -28.73 -28.46
CA SER B 390 24.63 -29.28 -27.36
C SER B 390 24.60 -28.34 -26.16
N LEU B 391 25.68 -27.59 -25.93
CA LEU B 391 25.65 -26.64 -24.83
C LEU B 391 24.68 -25.51 -25.13
N CYS B 392 24.60 -25.09 -26.39
CA CYS B 392 23.62 -24.08 -26.77
C CYS B 392 22.20 -24.61 -26.64
N ALA B 393 22.01 -25.89 -27.00
CA ALA B 393 20.71 -26.50 -26.83
C ALA B 393 20.28 -26.54 -25.37
N ALA B 394 21.23 -26.71 -24.46
CA ALA B 394 20.88 -26.88 -23.05
C ALA B 394 20.40 -25.58 -22.43
N THR B 395 21.01 -24.46 -22.81
CA THR B 395 20.59 -23.19 -22.23
C THR B 395 19.33 -22.66 -22.91
N LEU B 396 19.24 -22.76 -24.24
CA LEU B 396 17.97 -22.52 -24.93
C LEU B 396 16.84 -23.32 -24.30
N ALA B 397 17.10 -24.58 -23.97
CA ALA B 397 16.10 -25.43 -23.35
C ALA B 397 15.50 -24.73 -22.15
N ALA B 398 16.36 -24.30 -21.22
CA ALA B 398 15.88 -23.58 -20.05
C ALA B 398 15.04 -22.37 -20.44
N VAL B 399 15.42 -21.69 -21.52
CA VAL B 399 14.69 -20.48 -21.89
C VAL B 399 13.30 -20.83 -22.44
N LEU B 400 13.25 -21.75 -23.41
CA LEU B 400 11.97 -22.21 -23.92
C LEU B 400 11.09 -22.73 -22.79
N GLN B 401 11.69 -23.43 -21.83
CA GLN B 401 10.92 -23.88 -20.68
C GLN B 401 10.31 -22.69 -19.94
N ARG B 402 11.15 -21.71 -19.61
CA ARG B 402 10.69 -20.52 -18.91
C ARG B 402 9.52 -19.85 -19.66
N ILE B 403 9.72 -19.55 -20.95
CA ILE B 403 8.65 -18.99 -21.78
C ILE B 403 7.38 -19.85 -21.73
N LYS B 404 7.54 -21.18 -21.74
CA LYS B 404 6.37 -22.05 -21.73
C LYS B 404 5.58 -21.90 -20.45
N GLU B 405 6.26 -21.91 -19.30
CA GLU B 405 5.59 -21.70 -18.02
C GLU B 405 5.00 -20.31 -17.92
N ASN B 406 5.65 -19.32 -18.54
CA ASN B 406 5.09 -17.97 -18.54
C ASN B 406 3.76 -17.95 -19.26
N LYS B 407 3.69 -18.64 -20.39
CA LYS B 407 2.47 -18.59 -21.18
C LYS B 407 1.38 -19.46 -20.61
N GLY B 408 1.73 -20.44 -19.78
CA GLY B 408 0.77 -21.19 -19.00
C GLY B 408 0.18 -22.43 -19.67
N GLU B 409 0.16 -22.50 -20.99
CA GLU B 409 -0.39 -23.71 -21.60
C GLU B 409 0.64 -24.84 -21.55
N GLU B 410 0.23 -26.04 -21.95
CA GLU B 410 1.05 -27.23 -21.83
C GLU B 410 1.96 -27.48 -23.03
N ARG B 411 1.76 -26.76 -24.14
CA ARG B 411 2.61 -26.88 -25.32
C ARG B 411 2.84 -25.51 -25.92
N LEU B 412 4.11 -25.12 -26.06
CA LEU B 412 4.50 -23.82 -26.57
C LEU B 412 4.90 -23.90 -28.04
N ARG B 413 4.49 -22.89 -28.81
CA ARG B 413 4.90 -22.72 -30.20
C ARG B 413 5.70 -21.43 -30.33
N SER B 414 6.98 -21.55 -30.72
CA SER B 414 7.92 -20.46 -30.53
C SER B 414 8.98 -20.50 -31.61
N THR B 415 9.49 -19.33 -31.97
CA THR B 415 10.50 -19.20 -33.01
C THR B 415 11.75 -18.54 -32.42
N ILE B 416 12.90 -19.07 -32.80
CA ILE B 416 14.19 -18.52 -32.39
C ILE B 416 14.85 -17.87 -33.60
N GLY B 417 15.02 -16.55 -33.57
CA GLY B 417 15.85 -15.85 -34.54
C GLY B 417 17.34 -16.07 -34.26
N VAL B 418 18.09 -16.48 -35.28
CA VAL B 418 19.47 -16.93 -35.12
C VAL B 418 20.38 -16.16 -36.06
N ASP B 419 21.56 -15.79 -35.55
CA ASP B 419 22.59 -15.17 -36.35
C ASP B 419 23.94 -15.65 -35.82
N GLY B 420 24.98 -15.36 -36.59
CA GLY B 420 26.36 -15.60 -36.25
C GLY B 420 27.03 -16.67 -37.10
N SER B 421 28.36 -16.52 -37.23
CA SER B 421 29.15 -17.24 -38.21
C SER B 421 29.23 -18.75 -37.93
N VAL B 422 29.28 -19.14 -36.65
CA VAL B 422 29.29 -20.58 -36.36
C VAL B 422 27.99 -21.21 -36.82
N TYR B 423 26.86 -20.57 -36.54
CA TYR B 423 25.59 -21.18 -36.90
C TYR B 423 25.33 -21.09 -38.40
N LYS B 424 25.69 -19.99 -39.04
CA LYS B 424 25.37 -19.86 -40.46
C LYS B 424 26.34 -20.64 -41.33
N LYS B 425 27.64 -20.63 -41.04
CA LYS B 425 28.62 -21.25 -41.93
C LYS B 425 29.09 -22.64 -41.49
N HIS B 426 28.72 -23.11 -40.34
CA HIS B 426 29.22 -24.46 -40.03
C HIS B 426 28.26 -25.50 -40.58
N PRO B 427 28.75 -26.49 -41.33
CA PRO B 427 27.83 -27.34 -42.10
C PRO B 427 26.80 -28.08 -41.27
N HIS B 428 27.20 -28.67 -40.14
CA HIS B 428 26.31 -29.50 -39.33
C HIS B 428 25.80 -28.83 -38.06
N PHE B 429 26.23 -27.61 -37.75
CA PHE B 429 26.01 -27.08 -36.40
C PHE B 429 24.51 -26.79 -36.15
N ALA B 430 23.87 -26.11 -37.08
CA ALA B 430 22.44 -25.86 -36.95
C ALA B 430 21.65 -27.14 -36.78
N LYS B 431 21.92 -28.16 -37.60
CA LYS B 431 21.03 -29.31 -37.55
C LYS B 431 21.16 -30.04 -36.23
N ARG B 432 22.36 -30.09 -35.66
CA ARG B 432 22.53 -30.71 -34.35
C ARG B 432 21.88 -29.86 -33.27
N LEU B 433 22.03 -28.53 -33.37
CA LEU B 433 21.37 -27.63 -32.44
C LEU B 433 19.87 -27.81 -32.50
N HIS B 434 19.30 -27.71 -33.70
CA HIS B 434 17.88 -27.92 -33.93
C HIS B 434 17.41 -29.24 -33.34
N LYS B 435 18.13 -30.31 -33.67
CA LYS B 435 17.71 -31.63 -33.23
C LYS B 435 17.79 -31.76 -31.71
N THR B 436 18.89 -31.30 -31.11
CA THR B 436 19.08 -31.52 -29.68
C THR B 436 18.08 -30.71 -28.85
N VAL B 437 17.91 -29.42 -29.16
CA VAL B 437 16.94 -28.63 -28.40
C VAL B 437 15.59 -29.34 -28.41
N ARG B 438 15.20 -29.87 -29.57
CA ARG B 438 13.88 -30.46 -29.69
C ARG B 438 13.75 -31.68 -28.79
N ARG B 439 14.77 -32.56 -28.75
CA ARG B 439 14.80 -33.65 -27.75
C ARG B 439 14.63 -33.13 -26.33
N LEU B 440 15.22 -31.98 -26.00
CA LEU B 440 15.22 -31.48 -24.63
C LEU B 440 13.92 -30.81 -24.24
N VAL B 441 13.23 -30.20 -25.19
CA VAL B 441 11.90 -29.64 -24.90
C VAL B 441 10.89 -30.34 -25.79
N PRO B 442 10.34 -31.48 -25.34
CA PRO B 442 9.34 -32.19 -26.16
C PRO B 442 8.03 -31.43 -26.23
N GLY B 443 7.72 -30.63 -25.21
CA GLY B 443 6.50 -29.85 -25.19
C GLY B 443 6.53 -28.57 -26.00
N CYS B 444 7.60 -28.29 -26.73
CA CYS B 444 7.62 -27.10 -27.57
C CYS B 444 7.59 -27.52 -29.03
N ASP B 445 7.02 -26.66 -29.86
CA ASP B 445 7.24 -26.72 -31.30
C ASP B 445 8.05 -25.48 -31.65
N VAL B 446 9.34 -25.69 -31.91
CA VAL B 446 10.34 -24.64 -32.00
C VAL B 446 10.69 -24.44 -33.47
N ARG B 447 10.49 -23.23 -33.98
CA ARG B 447 11.00 -22.90 -35.30
C ARG B 447 12.31 -22.12 -35.13
N PHE B 448 13.28 -22.39 -36.00
CA PHE B 448 14.47 -21.56 -36.11
C PHE B 448 14.41 -20.78 -37.40
N LEU B 449 14.80 -19.51 -37.33
CA LEU B 449 14.77 -18.64 -38.51
C LEU B 449 16.04 -17.82 -38.49
N ARG B 450 16.77 -17.81 -39.59
CA ARG B 450 18.06 -17.14 -39.61
C ARG B 450 17.87 -15.72 -40.09
N SER B 451 18.41 -14.77 -39.34
CA SER B 451 18.40 -13.38 -39.75
C SER B 451 19.31 -13.24 -40.97
N GLU B 452 18.76 -12.68 -42.06
CA GLU B 452 19.59 -12.50 -43.25
C GLU B 452 20.42 -11.22 -43.14
N ASP B 453 19.75 -10.08 -43.02
CA ASP B 453 20.38 -8.76 -43.18
C ASP B 453 20.77 -8.09 -41.87
N GLY B 454 20.64 -8.77 -40.73
CA GLY B 454 21.46 -8.39 -39.58
C GLY B 454 20.84 -7.42 -38.59
N SER B 455 21.71 -6.93 -37.70
CA SER B 455 21.25 -6.32 -36.44
C SER B 455 20.67 -4.94 -36.64
N GLY B 456 21.35 -4.10 -37.45
CA GLY B 456 20.93 -2.71 -37.57
C GLY B 456 19.50 -2.56 -38.01
N LYS B 457 19.08 -3.39 -38.97
CA LYS B 457 17.67 -3.54 -39.34
C LYS B 457 16.80 -3.73 -38.11
N GLY B 458 17.21 -4.62 -37.20
CA GLY B 458 16.44 -4.84 -35.98
C GLY B 458 16.32 -3.60 -35.11
N ALA B 459 17.44 -2.91 -34.89
CA ALA B 459 17.38 -1.75 -34.03
C ALA B 459 16.48 -0.67 -34.63
N ALA B 460 16.49 -0.55 -35.95
CA ALA B 460 15.50 0.29 -36.60
C ALA B 460 14.08 -0.22 -36.30
N MET B 461 13.88 -1.53 -36.31
CA MET B 461 12.56 -2.07 -36.07
C MET B 461 12.08 -1.73 -34.67
N VAL B 462 12.97 -1.77 -33.67
CA VAL B 462 12.60 -1.35 -32.32
C VAL B 462 11.96 0.04 -32.37
N THR B 463 12.60 0.94 -33.10
CA THR B 463 12.07 2.27 -33.30
C THR B 463 10.68 2.24 -33.93
N ALA B 464 10.46 1.33 -34.88
CA ALA B 464 9.16 1.26 -35.55
C ALA B 464 8.08 0.72 -34.63
N VAL B 465 8.45 -0.20 -33.74
CA VAL B 465 7.49 -0.76 -32.79
C VAL B 465 7.07 0.31 -31.79
N ALA B 466 8.03 1.07 -31.27
CA ALA B 466 7.69 2.15 -30.34
C ALA B 466 6.65 3.10 -30.94
N TYR B 467 6.82 3.42 -32.22
CA TYR B 467 5.78 4.19 -32.91
C TYR B 467 4.47 3.42 -32.95
N ARG B 468 4.51 2.12 -33.25
CA ARG B 468 3.27 1.35 -33.33
C ARG B 468 2.50 1.39 -32.01
N LEU B 469 3.20 1.10 -30.90
CA LEU B 469 2.55 1.13 -29.59
C LEU B 469 1.85 2.46 -29.39
N ALA B 470 2.54 3.55 -29.70
CA ALA B 470 1.95 4.88 -29.53
C ALA B 470 0.69 5.04 -30.37
N ASP B 471 0.77 4.71 -31.65
CA ASP B 471 -0.40 4.85 -32.52
C ASP B 471 -1.58 4.05 -31.98
N GLN B 472 -1.31 2.86 -31.45
CA GLN B 472 -2.37 1.97 -31.07
C GLN B 472 -3.01 2.42 -29.76
N HIS B 473 -2.18 2.83 -28.81
CA HIS B 473 -2.67 3.46 -27.59
C HIS B 473 -3.57 4.63 -27.95
N ARG B 474 -3.11 5.47 -28.86
CA ARG B 474 -3.88 6.64 -29.22
C ARG B 474 -5.22 6.25 -29.82
N ALA B 475 -5.24 5.19 -30.64
CA ALA B 475 -6.48 4.80 -31.29
C ALA B 475 -7.48 4.27 -30.28
N ARG B 476 -7.02 3.43 -29.35
CA ARG B 476 -7.92 2.91 -28.33
C ARG B 476 -8.45 4.01 -27.43
N GLN B 477 -7.58 4.93 -27.03
CA GLN B 477 -8.04 5.96 -26.13
C GLN B 477 -9.09 6.85 -26.80
N LYS B 478 -8.96 7.06 -28.13
CA LYS B 478 -9.92 7.87 -28.85
C LYS B 478 -11.30 7.22 -28.87
N THR B 479 -11.36 5.92 -29.17
CA THR B 479 -12.62 5.19 -29.01
C THR B 479 -13.15 5.29 -27.59
N LEU B 480 -12.31 5.01 -26.59
CA LEU B 480 -12.82 4.95 -25.22
C LEU B 480 -13.21 6.31 -24.71
N GLU B 481 -12.64 7.39 -25.28
CA GLU B 481 -13.05 8.75 -24.90
C GLU B 481 -14.56 8.94 -25.03
N HIS B 482 -15.20 8.24 -25.99
CA HIS B 482 -16.64 8.35 -26.17
C HIS B 482 -17.43 7.81 -24.98
N LEU B 483 -16.85 6.92 -24.19
CA LEU B 483 -17.49 6.39 -23.00
C LEU B 483 -17.05 7.13 -21.75
N GLN B 484 -16.32 8.24 -21.90
CA GLN B 484 -15.89 9.08 -20.79
C GLN B 484 -16.61 10.42 -20.85
N LEU B 485 -17.52 10.64 -19.91
CA LEU B 485 -18.38 11.81 -19.89
C LEU B 485 -17.81 12.85 -18.93
N SER B 486 -17.95 14.12 -19.30
CA SER B 486 -17.38 15.18 -18.48
C SER B 486 -18.34 15.61 -17.39
N HIS B 487 -17.88 16.50 -16.51
CA HIS B 487 -18.75 17.03 -15.46
C HIS B 487 -19.98 17.70 -16.04
N ASP B 488 -19.78 18.55 -17.06
CA ASP B 488 -20.93 19.18 -17.71
C ASP B 488 -21.86 18.12 -18.30
N GLN B 489 -21.28 17.12 -18.97
CA GLN B 489 -22.12 16.11 -19.61
C GLN B 489 -22.97 15.34 -18.59
N LEU B 490 -22.43 15.05 -17.42
CA LEU B 490 -23.22 14.36 -16.42
C LEU B 490 -24.28 15.27 -15.81
N LEU B 491 -24.05 16.59 -15.80
CA LEU B 491 -25.11 17.51 -15.40
C LEU B 491 -26.23 17.55 -16.42
N GLU B 492 -25.89 17.43 -17.71
CA GLU B 492 -26.92 17.37 -18.73
C GLU B 492 -27.69 16.06 -18.68
N VAL B 493 -27.04 14.96 -18.30
CA VAL B 493 -27.81 13.74 -18.09
C VAL B 493 -28.72 13.91 -16.88
N LYS B 494 -28.20 14.52 -15.81
CA LYS B 494 -29.04 14.82 -14.64
C LYS B 494 -30.25 15.66 -15.04
N ARG B 495 -30.02 16.72 -15.84
CA ARG B 495 -31.11 17.59 -16.22
C ARG B 495 -32.17 16.84 -17.01
N ARG B 496 -31.74 15.95 -17.91
CA ARG B 496 -32.71 15.24 -18.75
C ARG B 496 -33.52 14.26 -17.93
N MET B 497 -32.89 13.57 -16.99
CA MET B 497 -33.65 12.72 -16.07
C MET B 497 -34.65 13.54 -15.27
N LYS B 498 -34.33 14.81 -14.98
CA LYS B 498 -35.29 15.63 -14.27
C LYS B 498 -36.53 15.91 -15.12
N VAL B 499 -36.34 16.25 -16.40
CA VAL B 499 -37.51 16.49 -17.25
C VAL B 499 -38.31 15.21 -17.41
N GLU B 500 -37.63 14.06 -17.48
CA GLU B 500 -38.35 12.81 -17.70
C GLU B 500 -39.17 12.41 -16.49
N MET B 501 -38.72 12.78 -15.29
CA MET B 501 -39.53 12.58 -14.09
C MET B 501 -40.77 13.48 -14.14
N GLU B 502 -40.57 14.78 -14.38
CA GLU B 502 -41.70 15.69 -14.46
C GLU B 502 -42.73 15.15 -15.45
N ARG B 503 -42.25 14.70 -16.61
CA ARG B 503 -43.17 14.32 -17.67
C ARG B 503 -43.95 13.07 -17.27
N GLY B 504 -43.33 12.16 -16.52
CA GLY B 504 -44.02 10.94 -16.14
C GLY B 504 -45.00 11.14 -15.01
N LEU B 505 -44.76 12.14 -14.16
CA LEU B 505 -45.69 12.49 -13.10
C LEU B 505 -46.86 13.33 -13.62
N SER B 506 -46.63 14.15 -14.64
CA SER B 506 -47.69 14.96 -15.21
C SER B 506 -48.75 14.08 -15.86
N LYS B 507 -50.02 14.36 -15.55
CA LYS B 507 -51.12 13.56 -16.07
C LYS B 507 -51.24 13.71 -17.58
N GLU B 508 -50.93 14.90 -18.09
CA GLU B 508 -51.06 15.15 -19.52
C GLU B 508 -50.14 14.25 -20.32
N THR B 509 -48.86 14.25 -19.96
CA THR B 509 -47.81 13.63 -20.75
C THR B 509 -47.43 12.23 -20.29
N HIS B 510 -48.09 11.71 -19.24
CA HIS B 510 -47.66 10.47 -18.62
C HIS B 510 -47.59 9.32 -19.62
N ALA B 511 -48.66 9.11 -20.39
CA ALA B 511 -48.72 7.96 -21.29
C ALA B 511 -47.65 8.01 -22.37
N SER B 512 -47.05 9.17 -22.65
CA SER B 512 -45.94 9.24 -23.58
C SER B 512 -44.59 9.11 -22.90
N ALA B 513 -44.54 9.17 -21.58
CA ALA B 513 -43.28 9.28 -20.87
C ALA B 513 -42.58 7.92 -20.83
N PRO B 514 -41.33 7.84 -21.27
CA PRO B 514 -40.56 6.61 -21.02
C PRO B 514 -40.45 6.30 -19.54
N VAL B 515 -40.15 7.30 -18.70
CA VAL B 515 -39.99 7.10 -17.27
C VAL B 515 -41.36 7.28 -16.64
N LYS B 516 -41.97 6.18 -16.19
CA LYS B 516 -43.40 6.17 -15.93
C LYS B 516 -43.75 6.75 -14.57
N MET B 517 -42.86 6.63 -13.59
CA MET B 517 -43.05 7.26 -12.28
C MET B 517 -44.30 6.74 -11.60
N LEU B 518 -44.50 5.42 -11.64
CA LEU B 518 -45.80 4.84 -11.27
C LEU B 518 -46.11 5.01 -9.78
N PRO B 519 -47.38 5.32 -9.45
CA PRO B 519 -47.81 5.29 -8.03
C PRO B 519 -47.70 3.90 -7.45
N THR B 520 -47.03 3.80 -6.29
CA THR B 520 -46.94 2.55 -5.54
C THR B 520 -47.96 2.44 -4.40
N TYR B 521 -48.65 3.54 -4.09
CA TYR B 521 -49.62 3.62 -2.98
C TYR B 521 -48.99 3.30 -1.62
N VAL B 522 -47.67 3.39 -1.52
CA VAL B 522 -46.99 3.28 -0.24
C VAL B 522 -46.85 4.71 0.26
N CYS B 523 -47.60 5.04 1.31
CA CYS B 523 -47.75 6.43 1.72
C CYS B 523 -46.98 6.80 2.98
N ALA B 524 -46.30 5.86 3.62
CA ALA B 524 -45.49 6.24 4.78
C ALA B 524 -44.31 5.29 4.94
N THR B 525 -43.23 5.85 5.51
CA THR B 525 -42.01 5.15 5.90
C THR B 525 -42.14 4.74 7.37
N PRO B 526 -41.17 4.00 7.94
CA PRO B 526 -41.35 3.51 9.32
C PRO B 526 -41.10 4.61 10.35
N ASP B 527 -41.96 4.65 11.37
CA ASP B 527 -41.70 5.43 12.59
C ASP B 527 -41.28 4.58 13.79
N GLY B 528 -41.13 3.26 13.64
CA GLY B 528 -40.65 2.44 14.72
C GLY B 528 -41.70 1.94 15.70
N THR B 529 -42.95 2.41 15.61
CA THR B 529 -44.01 1.79 16.39
C THR B 529 -44.37 0.38 15.89
N GLU B 530 -43.97 0.02 14.68
CA GLU B 530 -44.53 -1.16 14.04
C GLU B 530 -44.19 -2.43 14.82
N LYS B 531 -45.15 -3.34 14.91
CA LYS B 531 -44.92 -4.63 15.53
C LYS B 531 -45.90 -5.64 14.93
N GLY B 532 -45.46 -6.89 14.85
CA GLY B 532 -46.36 -7.97 14.48
C GLY B 532 -45.61 -9.07 13.77
N ASP B 533 -46.34 -10.14 13.47
CA ASP B 533 -45.87 -11.24 12.64
C ASP B 533 -46.51 -11.10 11.27
N PHE B 534 -45.69 -11.01 10.21
CA PHE B 534 -46.17 -10.72 8.87
C PHE B 534 -45.65 -11.75 7.89
N LEU B 535 -46.38 -11.92 6.79
CA LEU B 535 -46.01 -12.83 5.72
C LEU B 535 -45.56 -12.05 4.48
N ALA B 536 -44.69 -12.69 3.68
CA ALA B 536 -44.33 -12.21 2.36
C ALA B 536 -44.21 -13.37 1.37
N LEU B 537 -44.50 -13.08 0.10
CA LEU B 537 -44.13 -13.95 -1.01
C LEU B 537 -43.24 -13.14 -1.95
N ASP B 538 -42.23 -13.78 -2.54
CA ASP B 538 -41.57 -13.19 -3.71
C ASP B 538 -41.88 -14.11 -4.87
N LEU B 539 -42.76 -13.68 -5.75
CA LEU B 539 -43.14 -14.48 -6.90
C LEU B 539 -42.60 -13.81 -8.14
N GLY B 540 -42.84 -14.46 -9.28
CA GLY B 540 -42.18 -14.13 -10.50
C GLY B 540 -40.99 -14.99 -10.82
N GLY B 541 -40.88 -16.17 -10.21
CA GLY B 541 -39.79 -17.08 -10.51
C GLY B 541 -40.23 -18.50 -10.26
N THR B 542 -39.57 -19.45 -10.95
CA THR B 542 -40.01 -20.84 -10.89
C THR B 542 -40.00 -21.37 -9.47
N ASN B 543 -39.18 -20.80 -8.59
CA ASN B 543 -39.18 -21.11 -7.17
C ASN B 543 -39.35 -19.81 -6.40
N PHE B 544 -40.39 -19.74 -5.57
CA PHE B 544 -40.64 -18.58 -4.71
C PHE B 544 -40.33 -18.91 -3.26
N ARG B 545 -40.36 -17.87 -2.42
CA ARG B 545 -40.24 -18.00 -0.98
C ARG B 545 -41.50 -17.46 -0.33
N VAL B 546 -41.98 -18.15 0.71
CA VAL B 546 -42.97 -17.58 1.62
C VAL B 546 -42.22 -17.23 2.90
N LEU B 547 -42.48 -16.05 3.43
CA LEU B 547 -41.63 -15.46 4.45
C LEU B 547 -42.41 -15.15 5.70
N LEU B 548 -41.76 -15.28 6.85
CA LEU B 548 -42.31 -14.84 8.12
C LEU B 548 -41.39 -13.77 8.71
N VAL B 549 -41.92 -12.58 8.95
CA VAL B 549 -41.17 -11.49 9.55
C VAL B 549 -41.81 -11.16 10.90
N ARG B 550 -41.06 -11.33 11.97
CA ARG B 550 -41.47 -10.88 13.29
C ARG B 550 -40.89 -9.49 13.52
N VAL B 551 -41.76 -8.51 13.73
CA VAL B 551 -41.35 -7.13 13.96
C VAL B 551 -41.63 -6.79 15.42
N ARG B 552 -40.59 -6.35 16.12
CA ARG B 552 -40.67 -5.96 17.52
C ARG B 552 -40.35 -4.49 17.67
N ASN B 553 -41.21 -3.78 18.40
CA ASN B 553 -40.77 -2.59 19.09
C ASN B 553 -40.99 -2.94 20.57
N GLY B 554 -40.15 -2.40 21.45
CA GLY B 554 -39.22 -1.36 21.07
C GLY B 554 -38.11 -1.03 22.04
N LYS B 555 -37.56 0.15 21.78
CA LYS B 555 -36.48 0.82 22.48
C LYS B 555 -35.16 0.12 22.15
N TRP B 556 -35.19 -1.21 22.00
CA TRP B 556 -34.17 -2.00 21.31
C TRP B 556 -34.68 -2.65 20.03
N GLY B 557 -35.96 -2.46 19.69
CA GLY B 557 -36.69 -3.47 18.94
C GLY B 557 -36.07 -3.78 17.59
N GLY B 558 -36.50 -4.91 17.02
CA GLY B 558 -35.84 -5.45 15.86
C GLY B 558 -36.68 -6.34 14.95
N VAL B 559 -36.01 -6.99 14.00
CA VAL B 559 -36.64 -7.88 13.03
C VAL B 559 -35.93 -9.23 13.06
N GLU B 560 -36.70 -10.28 12.82
CA GLU B 560 -36.17 -11.61 12.56
C GLU B 560 -37.04 -12.26 11.50
N MET B 561 -36.41 -13.03 10.62
CA MET B 561 -37.07 -13.48 9.40
C MET B 561 -36.87 -14.98 9.20
N HIS B 562 -37.96 -15.70 8.94
CA HIS B 562 -37.96 -17.11 8.60
C HIS B 562 -38.45 -17.29 7.17
N ASN B 563 -37.83 -18.21 6.43
CA ASN B 563 -38.30 -18.51 5.08
C ASN B 563 -38.10 -19.99 4.78
N LYS B 564 -38.89 -20.45 3.80
CA LYS B 564 -38.70 -21.76 3.20
C LYS B 564 -38.98 -21.60 1.72
N ILE B 565 -38.10 -22.14 0.88
CA ILE B 565 -38.23 -22.00 -0.57
C ILE B 565 -39.08 -23.13 -1.10
N TYR B 566 -40.07 -22.79 -1.91
CA TYR B 566 -40.89 -23.75 -2.63
C TYR B 566 -40.68 -23.51 -4.11
N ALA B 567 -41.08 -24.50 -4.90
CA ALA B 567 -40.99 -24.41 -6.34
C ALA B 567 -42.31 -24.80 -6.95
N ILE B 568 -42.55 -24.26 -8.13
CA ILE B 568 -43.78 -24.51 -8.89
C ILE B 568 -43.44 -25.49 -9.97
N PRO B 569 -44.08 -26.66 -10.04
CA PRO B 569 -43.99 -27.53 -11.21
C PRO B 569 -44.44 -26.79 -12.46
N GLN B 570 -43.99 -27.25 -13.63
CA GLN B 570 -44.44 -26.59 -14.85
C GLN B 570 -45.88 -26.94 -15.20
N GLU B 571 -46.33 -28.17 -14.89
CA GLU B 571 -47.69 -28.52 -15.29
C GLU B 571 -48.73 -27.68 -14.54
N VAL B 572 -48.38 -27.18 -13.36
CA VAL B 572 -49.19 -26.14 -12.71
C VAL B 572 -48.81 -24.75 -13.22
N MET B 573 -47.52 -24.51 -13.53
CA MET B 573 -47.14 -23.25 -14.19
C MET B 573 -47.86 -23.08 -15.52
N HIS B 574 -48.13 -24.18 -16.23
CA HIS B 574 -48.85 -24.17 -17.49
C HIS B 574 -50.34 -24.48 -17.35
N GLY B 575 -50.84 -24.67 -16.12
CA GLY B 575 -52.23 -25.02 -15.87
C GLY B 575 -53.17 -23.84 -15.80
N THR B 576 -54.28 -24.01 -15.09
CA THR B 576 -55.25 -22.95 -14.88
C THR B 576 -54.84 -22.01 -13.75
N GLY B 577 -55.39 -20.79 -13.80
CA GLY B 577 -55.12 -19.84 -12.73
C GLY B 577 -55.35 -20.43 -11.36
N ASP B 578 -56.51 -21.04 -11.15
CA ASP B 578 -56.80 -21.63 -9.85
C ASP B 578 -55.72 -22.64 -9.46
N GLU B 579 -55.30 -23.49 -10.40
CA GLU B 579 -54.32 -24.52 -10.07
C GLU B 579 -52.98 -23.91 -9.64
N LEU B 580 -52.59 -22.78 -10.24
CA LEU B 580 -51.34 -22.13 -9.88
C LEU B 580 -51.39 -21.52 -8.49
N PHE B 581 -52.48 -20.80 -8.17
CA PHE B 581 -52.56 -20.10 -6.89
C PHE B 581 -52.96 -21.04 -5.76
N ASP B 582 -53.78 -22.05 -6.04
CA ASP B 582 -54.02 -23.09 -5.05
C ASP B 582 -52.69 -23.68 -4.59
N HIS B 583 -51.74 -23.83 -5.51
CA HIS B 583 -50.43 -24.36 -5.16
C HIS B 583 -49.68 -23.40 -4.25
N ILE B 584 -49.66 -22.11 -4.61
CA ILE B 584 -49.04 -21.10 -3.76
C ILE B 584 -49.64 -21.17 -2.37
N VAL B 585 -50.97 -21.13 -2.29
CA VAL B 585 -51.67 -21.27 -1.01
C VAL B 585 -51.36 -22.62 -0.38
N GLN B 586 -51.18 -23.66 -1.21
CA GLN B 586 -50.73 -24.95 -0.68
C GLN B 586 -49.38 -24.81 -0.02
N CYS B 587 -48.51 -23.94 -0.55
CA CYS B 587 -47.20 -23.75 0.05
C CYS B 587 -47.26 -22.85 1.28
N ILE B 588 -48.01 -21.75 1.19
CA ILE B 588 -48.12 -20.86 2.35
C ILE B 588 -48.59 -21.64 3.56
N ALA B 589 -49.57 -22.55 3.36
CA ALA B 589 -50.10 -23.34 4.47
C ALA B 589 -49.07 -24.31 5.02
N ASP B 590 -48.31 -24.98 4.13
CA ASP B 590 -47.22 -25.83 4.61
C ASP B 590 -46.14 -25.03 5.32
N PHE B 591 -46.07 -23.73 5.06
CA PHE B 591 -45.14 -22.89 5.81
C PHE B 591 -45.66 -22.57 7.18
N LEU B 592 -46.94 -22.22 7.28
CA LEU B 592 -47.55 -21.98 8.58
C LEU B 592 -47.52 -23.23 9.45
N GLU B 593 -47.86 -24.40 8.87
CA GLU B 593 -47.81 -25.63 9.63
C GLU B 593 -46.42 -25.86 10.23
N TYR B 594 -45.39 -25.34 9.56
CA TYR B 594 -44.00 -25.54 9.93
C TYR B 594 -43.45 -24.39 10.76
N MET B 595 -44.25 -23.35 10.99
CA MET B 595 -44.01 -22.37 12.04
C MET B 595 -44.81 -22.69 13.30
N GLY B 596 -45.47 -23.85 13.35
CA GLY B 596 -46.44 -24.11 14.40
C GLY B 596 -47.63 -23.19 14.37
N MET B 597 -47.73 -22.33 13.36
CA MET B 597 -48.72 -21.27 13.27
C MET B 597 -49.96 -21.68 12.50
N LYS B 598 -50.12 -22.97 12.19
CA LYS B 598 -51.28 -23.44 11.44
C LYS B 598 -52.57 -22.93 12.07
N GLY B 599 -53.43 -22.34 11.23
CA GLY B 599 -54.66 -21.72 11.66
C GLY B 599 -54.56 -20.24 11.98
N VAL B 600 -53.36 -19.74 12.31
CA VAL B 600 -53.19 -18.32 12.60
C VAL B 600 -53.33 -17.53 11.30
N SER B 601 -54.11 -16.44 11.36
CA SER B 601 -54.36 -15.58 10.21
C SER B 601 -53.41 -14.38 10.27
N LEU B 602 -52.47 -14.31 9.31
CA LEU B 602 -51.55 -13.19 9.34
C LEU B 602 -51.76 -12.28 8.14
N PRO B 603 -51.46 -10.99 8.25
CA PRO B 603 -51.48 -10.14 7.07
C PRO B 603 -50.28 -10.47 6.19
N LEU B 604 -50.48 -10.33 4.88
CA LEU B 604 -49.47 -10.70 3.90
C LEU B 604 -49.25 -9.55 2.93
N GLY B 605 -48.09 -9.57 2.30
CA GLY B 605 -47.80 -8.72 1.16
C GLY B 605 -46.83 -9.46 0.28
N PHE B 606 -46.78 -9.09 -0.99
CA PHE B 606 -45.86 -9.80 -1.87
C PHE B 606 -45.37 -8.91 -3.00
N THR B 607 -44.25 -9.32 -3.58
CA THR B 607 -43.79 -8.79 -4.86
C THR B 607 -44.28 -9.73 -5.94
N PHE B 608 -44.75 -9.16 -7.03
CA PHE B 608 -45.26 -9.92 -8.17
C PHE B 608 -44.55 -9.29 -9.36
N SER B 609 -43.59 -10.01 -9.95
CA SER B 609 -42.63 -9.34 -10.82
C SER B 609 -43.02 -9.36 -12.29
N PHE B 610 -44.18 -9.91 -12.62
CA PHE B 610 -44.75 -9.77 -13.95
C PHE B 610 -45.15 -8.33 -14.21
N PRO B 611 -45.28 -7.93 -15.48
CA PRO B 611 -45.70 -6.55 -15.78
C PRO B 611 -47.18 -6.35 -15.42
N CYS B 612 -47.46 -5.26 -14.70
CA CYS B 612 -48.76 -5.09 -14.06
C CYS B 612 -49.21 -3.65 -14.13
N GLN B 613 -50.50 -3.46 -13.81
CA GLN B 613 -51.12 -2.14 -13.68
C GLN B 613 -51.66 -2.04 -12.26
N GLN B 614 -51.09 -1.15 -11.46
CA GLN B 614 -51.45 -1.03 -10.04
C GLN B 614 -52.35 0.17 -9.81
N ASN B 615 -53.60 -0.09 -9.46
CA ASN B 615 -54.56 0.98 -9.18
C ASN B 615 -54.74 1.26 -7.70
N SER B 616 -54.14 0.46 -6.81
CA SER B 616 -54.16 0.72 -5.37
C SER B 616 -53.23 -0.27 -4.70
N LEU B 617 -53.07 -0.12 -3.37
CA LEU B 617 -52.06 -0.89 -2.65
C LEU B 617 -52.37 -2.38 -2.64
N ASP B 618 -53.64 -2.75 -2.58
CA ASP B 618 -54.06 -4.15 -2.69
C ASP B 618 -54.64 -4.51 -4.05
N GLU B 619 -54.50 -3.67 -5.08
CA GLU B 619 -55.08 -3.99 -6.38
C GLU B 619 -54.06 -3.82 -7.49
N SER B 620 -53.65 -4.94 -8.12
CA SER B 620 -52.77 -4.86 -9.29
C SER B 620 -53.20 -5.87 -10.36
N ILE B 621 -53.51 -5.37 -11.55
CA ILE B 621 -54.00 -6.22 -12.64
C ILE B 621 -52.81 -6.75 -13.43
N LEU B 622 -52.69 -8.08 -13.49
CA LEU B 622 -51.68 -8.71 -14.33
C LEU B 622 -51.93 -8.39 -15.80
N LEU B 623 -50.93 -7.83 -16.47
CA LEU B 623 -51.09 -7.47 -17.87
C LEU B 623 -50.73 -8.65 -18.78
N LYS B 624 -49.48 -9.07 -18.75
CA LYS B 624 -48.96 -10.15 -19.59
C LYS B 624 -48.15 -11.10 -18.72
N TRP B 625 -48.48 -12.38 -18.74
CA TRP B 625 -47.57 -13.37 -18.18
C TRP B 625 -46.21 -13.25 -18.88
N THR B 626 -45.13 -13.54 -18.13
CA THR B 626 -43.81 -13.69 -18.73
C THR B 626 -43.05 -14.82 -18.06
N LYS B 627 -41.86 -15.07 -18.62
CA LYS B 627 -40.69 -15.77 -18.11
C LYS B 627 -40.83 -17.28 -17.93
N GLY B 628 -41.95 -17.78 -17.44
CA GLY B 628 -42.36 -19.14 -17.72
C GLY B 628 -43.80 -19.35 -18.12
N PHE B 629 -44.67 -18.41 -17.75
CA PHE B 629 -46.00 -18.77 -17.27
C PHE B 629 -47.06 -18.67 -18.36
N LYS B 630 -47.91 -19.68 -18.43
CA LYS B 630 -49.20 -19.61 -19.09
C LYS B 630 -50.22 -20.17 -18.10
N ALA B 631 -51.08 -19.31 -17.56
CA ALA B 631 -52.07 -19.74 -16.59
C ALA B 631 -53.41 -19.09 -16.97
N SER B 632 -54.40 -19.91 -17.24
CA SER B 632 -55.64 -19.40 -17.82
C SER B 632 -56.50 -18.72 -16.75
N GLY B 633 -57.28 -17.74 -17.22
CA GLY B 633 -58.14 -16.96 -16.33
C GLY B 633 -57.41 -15.95 -15.49
N CYS B 634 -56.20 -15.51 -15.91
CA CYS B 634 -55.30 -14.70 -15.11
C CYS B 634 -55.01 -13.35 -15.74
N GLU B 635 -54.40 -13.32 -16.93
CA GLU B 635 -54.11 -12.05 -17.59
C GLU B 635 -55.36 -11.18 -17.63
N GLY B 636 -55.18 -9.89 -17.33
CA GLY B 636 -56.28 -8.96 -17.25
C GLY B 636 -57.10 -9.05 -15.98
N GLU B 637 -56.70 -9.87 -15.02
CA GLU B 637 -57.40 -10.04 -13.75
C GLU B 637 -56.52 -9.55 -12.60
N ASP B 638 -57.17 -9.15 -11.52
CA ASP B 638 -56.45 -8.71 -10.33
C ASP B 638 -55.68 -9.88 -9.71
N VAL B 639 -54.42 -9.64 -9.37
CA VAL B 639 -53.59 -10.69 -8.77
C VAL B 639 -54.06 -10.97 -7.34
N VAL B 640 -54.42 -9.91 -6.61
CA VAL B 640 -54.83 -10.07 -5.23
C VAL B 640 -56.14 -10.84 -5.15
N THR B 641 -57.08 -10.54 -6.06
CA THR B 641 -58.31 -11.32 -6.13
C THR B 641 -58.01 -12.81 -6.35
N LEU B 642 -57.26 -13.13 -7.40
CA LEU B 642 -56.88 -14.52 -7.67
C LEU B 642 -56.30 -15.19 -6.42
N LEU B 643 -55.28 -14.58 -5.82
CA LEU B 643 -54.74 -15.10 -4.56
C LEU B 643 -55.80 -15.19 -3.47
N LYS B 644 -56.67 -14.18 -3.35
CA LYS B 644 -57.67 -14.20 -2.29
C LYS B 644 -58.72 -15.27 -2.54
N GLU B 645 -59.07 -15.50 -3.82
CA GLU B 645 -59.98 -16.58 -4.16
C GLU B 645 -59.40 -17.93 -3.78
N ALA B 646 -58.13 -18.17 -4.14
CA ALA B 646 -57.46 -19.40 -3.75
C ALA B 646 -57.39 -19.58 -2.25
N ILE B 647 -57.49 -18.51 -1.48
CA ILE B 647 -57.40 -18.62 -0.02
C ILE B 647 -58.75 -19.06 0.57
N HIS B 648 -59.86 -18.60 0.00
CA HIS B 648 -61.17 -19.00 0.50
C HIS B 648 -61.49 -20.47 0.18
N ARG B 649 -60.95 -21.00 -0.92
CA ARG B 649 -61.29 -22.36 -1.33
C ARG B 649 -60.75 -23.42 -0.36
N ARG B 650 -59.63 -23.15 0.31
CA ARG B 650 -58.86 -24.19 1.01
C ARG B 650 -59.39 -24.51 2.42
N GLU B 651 -60.52 -23.92 2.79
CA GLU B 651 -60.44 -23.22 4.04
C GLU B 651 -60.80 -23.74 5.46
N GLU B 652 -59.73 -24.07 6.21
CA GLU B 652 -59.39 -23.48 7.52
C GLU B 652 -57.87 -23.20 7.49
N PHE B 653 -57.56 -21.94 7.17
CA PHE B 653 -56.22 -21.41 6.87
C PHE B 653 -56.07 -19.90 7.19
N ASP B 654 -57.10 -19.07 6.86
CA ASP B 654 -57.16 -17.75 6.21
C ASP B 654 -56.11 -16.65 6.48
N LEU B 655 -55.81 -15.85 5.45
CA LEU B 655 -54.87 -14.74 5.53
C LEU B 655 -55.50 -13.45 5.00
N ASP B 656 -54.88 -12.32 5.38
CA ASP B 656 -55.30 -10.98 4.95
C ASP B 656 -54.26 -10.39 3.99
N VAL B 657 -54.61 -10.29 2.72
CA VAL B 657 -53.68 -9.81 1.70
C VAL B 657 -53.77 -8.29 1.62
N VAL B 658 -52.67 -7.61 1.94
CA VAL B 658 -52.66 -6.17 2.18
C VAL B 658 -52.00 -5.40 1.03
N ALA B 659 -50.76 -5.73 0.71
CA ALA B 659 -50.02 -4.95 -0.28
C ALA B 659 -49.35 -5.84 -1.32
N VAL B 660 -49.25 -5.31 -2.53
CA VAL B 660 -48.38 -5.88 -3.56
C VAL B 660 -47.42 -4.77 -4.01
N VAL B 661 -46.12 -5.06 -3.96
CA VAL B 661 -45.10 -4.03 -4.05
C VAL B 661 -44.03 -4.45 -5.07
N ASN B 662 -43.23 -3.46 -5.49
CA ASN B 662 -42.10 -3.64 -6.38
C ASN B 662 -40.82 -3.78 -5.57
N ASP B 663 -39.87 -4.59 -6.07
CA ASP B 663 -38.72 -4.97 -5.26
C ASP B 663 -37.86 -3.79 -4.86
N THR B 664 -37.92 -2.66 -5.57
CA THR B 664 -37.13 -1.52 -5.12
C THR B 664 -37.80 -0.78 -3.97
N VAL B 665 -39.13 -0.77 -3.93
CA VAL B 665 -39.83 -0.16 -2.80
C VAL B 665 -39.63 -0.96 -1.52
N GLY B 666 -39.58 -2.29 -1.64
CA GLY B 666 -39.21 -3.09 -0.49
C GLY B 666 -37.80 -2.81 -0.03
N THR B 667 -36.90 -2.56 -0.98
CA THR B 667 -35.50 -2.24 -0.65
C THR B 667 -35.42 -0.96 0.17
N MET B 668 -36.15 0.07 -0.26
CA MET B 668 -36.25 1.32 0.50
C MET B 668 -36.80 1.08 1.90
N MET B 669 -38.00 0.49 2.01
CA MET B 669 -38.60 0.26 3.32
C MET B 669 -37.66 -0.54 4.22
N THR B 670 -37.07 -1.62 3.69
CA THR B 670 -36.09 -2.41 4.46
C THR B 670 -35.02 -1.52 5.06
N CYS B 671 -34.56 -0.54 4.29
CA CYS B 671 -33.63 0.45 4.80
C CYS B 671 -34.29 1.32 5.86
N GLY B 672 -35.56 1.69 5.63
CA GLY B 672 -36.23 2.64 6.51
C GLY B 672 -36.29 2.21 7.96
N PHE B 673 -36.38 0.91 8.21
CA PHE B 673 -36.37 0.45 9.60
C PHE B 673 -35.06 0.79 10.29
N GLU B 674 -33.94 0.71 9.56
CA GLU B 674 -32.65 1.06 10.16
C GLU B 674 -32.48 2.57 10.31
N ASP B 675 -32.65 3.33 9.24
CA ASP B 675 -32.52 4.79 9.30
C ASP B 675 -33.81 5.47 8.85
N PRO B 676 -34.51 6.19 9.73
CA PRO B 676 -35.75 6.85 9.30
C PRO B 676 -35.57 7.91 8.22
N HIS B 677 -34.34 8.37 7.98
CA HIS B 677 -34.10 9.37 6.95
C HIS B 677 -34.21 8.82 5.52
N CYS B 678 -34.42 7.52 5.32
CA CYS B 678 -34.28 6.94 3.99
C CYS B 678 -35.61 7.07 3.25
N GLU B 679 -35.62 7.95 2.25
CA GLU B 679 -36.77 8.14 1.38
C GLU B 679 -36.55 7.61 -0.05
N VAL B 680 -35.45 6.93 -0.30
CA VAL B 680 -35.10 6.48 -1.65
C VAL B 680 -34.72 5.01 -1.60
N GLY B 681 -34.89 4.33 -2.73
CA GLY B 681 -34.33 3.00 -2.89
C GLY B 681 -33.82 2.81 -4.30
N LEU B 682 -32.82 1.93 -4.43
CA LEU B 682 -32.09 1.77 -5.67
C LEU B 682 -31.64 0.33 -5.80
N ILE B 683 -31.74 -0.22 -7.00
CA ILE B 683 -31.19 -1.52 -7.30
C ILE B 683 -30.28 -1.38 -8.51
N VAL B 684 -29.04 -1.85 -8.39
CA VAL B 684 -28.15 -1.99 -9.53
C VAL B 684 -27.53 -3.36 -9.45
N GLY B 685 -27.73 -4.15 -10.49
CA GLY B 685 -27.68 -5.60 -10.41
C GLY B 685 -27.90 -6.17 -11.80
N THR B 686 -28.52 -7.34 -11.89
CA THR B 686 -28.89 -7.82 -13.21
C THR B 686 -29.85 -6.88 -13.92
N GLY B 687 -30.44 -5.91 -13.20
CA GLY B 687 -31.28 -4.88 -13.74
C GLY B 687 -31.20 -3.69 -12.80
N SER B 688 -31.78 -2.56 -13.23
CA SER B 688 -31.70 -1.36 -12.40
C SER B 688 -33.01 -0.58 -12.40
N ASN B 689 -33.36 -0.09 -11.23
CA ASN B 689 -34.57 0.67 -11.01
C ASN B 689 -34.40 1.47 -9.72
N ALA B 690 -35.25 2.48 -9.53
CA ALA B 690 -35.14 3.37 -8.38
C ALA B 690 -36.52 3.89 -7.96
N CYS B 691 -36.66 4.17 -6.66
CA CYS B 691 -37.90 4.74 -6.12
C CYS B 691 -37.59 5.76 -5.04
N TYR B 692 -38.42 6.80 -4.96
CA TYR B 692 -38.34 7.78 -3.88
C TYR B 692 -39.74 8.24 -3.44
N MET B 693 -39.77 8.86 -2.26
CA MET B 693 -40.99 9.44 -1.71
C MET B 693 -41.25 10.77 -2.38
N GLU B 694 -42.40 10.88 -3.02
CA GLU B 694 -42.77 12.04 -3.81
C GLU B 694 -43.90 12.77 -3.09
N GLU B 695 -44.05 14.05 -3.39
CA GLU B 695 -45.15 14.83 -2.84
C GLU B 695 -46.46 14.42 -3.54
N MET B 696 -47.49 14.11 -2.74
CA MET B 696 -48.79 13.72 -3.32
C MET B 696 -49.31 14.71 -4.35
N ARG B 697 -48.91 15.98 -4.25
CA ARG B 697 -49.41 16.98 -5.18
C ARG B 697 -48.74 16.87 -6.55
N ASN B 698 -47.50 16.39 -6.61
CA ASN B 698 -46.82 16.17 -7.88
C ASN B 698 -47.21 14.85 -8.55
N VAL B 699 -47.79 13.91 -7.81
CA VAL B 699 -48.33 12.70 -8.42
C VAL B 699 -49.74 13.08 -8.85
N GLU B 700 -49.93 13.33 -10.15
CA GLU B 700 -51.25 13.69 -10.64
C GLU B 700 -52.12 12.47 -10.93
N LEU B 701 -51.52 11.30 -11.14
CA LEU B 701 -52.32 10.10 -11.38
C LEU B 701 -53.11 9.66 -10.17
N VAL B 702 -52.94 10.29 -9.01
CA VAL B 702 -53.68 9.95 -7.81
C VAL B 702 -54.19 11.23 -7.19
N GLU B 703 -55.49 11.27 -6.92
CA GLU B 703 -56.15 12.50 -6.49
C GLU B 703 -55.69 12.89 -5.10
N GLY B 704 -55.51 14.19 -4.90
CA GLY B 704 -55.21 14.76 -3.61
C GLY B 704 -53.76 15.12 -3.44
N GLU B 705 -53.52 16.26 -2.80
CA GLU B 705 -52.21 16.90 -2.75
C GLU B 705 -51.54 16.83 -1.40
N GLU B 706 -52.13 16.17 -0.42
CA GLU B 706 -51.57 16.16 0.92
C GLU B 706 -50.90 14.81 1.17
N GLY B 707 -49.79 14.83 1.89
CA GLY B 707 -49.08 13.60 2.17
C GLY B 707 -48.02 13.26 1.15
N ARG B 708 -47.50 12.05 1.28
CA ARG B 708 -46.51 11.56 0.34
C ARG B 708 -46.91 10.18 -0.17
N MET B 709 -46.37 9.84 -1.33
CA MET B 709 -46.52 8.51 -1.91
C MET B 709 -45.23 8.08 -2.57
N CYS B 710 -44.84 6.85 -2.35
CA CYS B 710 -43.64 6.36 -3.01
C CYS B 710 -43.90 6.19 -4.50
N VAL B 711 -42.88 6.45 -5.29
CA VAL B 711 -42.97 6.41 -6.75
C VAL B 711 -41.98 5.37 -7.28
N ASN B 712 -42.49 4.40 -8.05
CA ASN B 712 -41.63 3.36 -8.65
C ASN B 712 -41.25 3.89 -10.02
N MET B 713 -39.99 4.33 -10.16
CA MET B 713 -39.64 5.13 -11.33
C MET B 713 -39.73 4.33 -12.60
N GLU B 714 -39.44 3.03 -12.53
CA GLU B 714 -39.02 2.26 -13.69
C GLU B 714 -38.07 3.10 -14.53
N TRP B 715 -36.91 3.44 -13.94
CA TRP B 715 -36.03 4.38 -14.61
C TRP B 715 -35.14 3.72 -15.65
N GLY B 716 -35.15 2.39 -15.71
CA GLY B 716 -34.46 1.72 -16.78
C GLY B 716 -34.89 2.16 -18.16
N ALA B 717 -36.12 2.69 -18.30
CA ALA B 717 -36.60 3.09 -19.61
C ALA B 717 -36.13 4.48 -20.04
N PHE B 718 -35.48 5.22 -19.14
CA PHE B 718 -34.92 6.52 -19.50
C PHE B 718 -34.09 6.39 -20.77
N GLY B 719 -34.35 7.25 -21.74
CA GLY B 719 -33.71 7.17 -23.03
C GLY B 719 -34.52 6.47 -24.10
N ASP B 720 -35.58 5.75 -23.74
CA ASP B 720 -36.38 5.10 -24.77
C ASP B 720 -37.02 6.10 -25.72
N ASN B 721 -37.13 7.38 -25.33
CA ASN B 721 -37.61 8.45 -26.19
C ASN B 721 -36.48 9.11 -26.99
N GLY B 722 -35.27 8.55 -26.93
CA GLY B 722 -34.14 9.09 -27.65
C GLY B 722 -33.36 10.13 -26.89
N CYS B 723 -33.75 10.43 -25.65
CA CYS B 723 -33.15 11.57 -24.97
C CYS B 723 -31.75 11.29 -24.44
N LEU B 724 -31.26 10.06 -24.52
CA LEU B 724 -29.84 9.79 -24.29
C LEU B 724 -29.06 9.64 -25.59
N ASP B 725 -29.72 9.78 -26.75
CA ASP B 725 -29.12 9.35 -28.02
C ASP B 725 -27.76 9.98 -28.29
N ASP B 726 -27.51 11.20 -27.81
CA ASP B 726 -26.22 11.81 -28.09
C ASP B 726 -25.17 11.58 -27.01
N PHE B 727 -25.49 10.82 -25.96
CA PHE B 727 -24.47 10.22 -25.09
C PHE B 727 -24.21 8.74 -25.37
N ARG B 728 -24.86 8.14 -26.37
CA ARG B 728 -24.76 6.70 -26.59
C ARG B 728 -23.84 6.39 -27.75
N THR B 729 -23.07 5.31 -27.63
CA THR B 729 -22.13 4.94 -28.68
C THR B 729 -22.71 3.89 -29.62
N GLU B 730 -21.95 3.60 -30.68
CA GLU B 730 -22.31 2.50 -31.56
C GLU B 730 -22.32 1.18 -30.81
N PHE B 731 -21.46 1.07 -29.79
CA PHE B 731 -21.48 -0.12 -28.95
C PHE B 731 -22.78 -0.25 -28.16
N ASP B 732 -23.30 0.87 -27.63
CA ASP B 732 -24.61 0.87 -26.99
C ASP B 732 -25.71 0.48 -27.97
N VAL B 733 -25.66 1.07 -29.18
CA VAL B 733 -26.64 0.76 -30.21
C VAL B 733 -26.64 -0.73 -30.51
N ALA B 734 -25.45 -1.29 -30.72
CA ALA B 734 -25.31 -2.72 -30.96
C ALA B 734 -25.94 -3.54 -29.84
N VAL B 735 -25.59 -3.24 -28.58
CA VAL B 735 -26.13 -4.02 -27.48
C VAL B 735 -27.64 -3.97 -27.52
N ASP B 736 -28.17 -2.82 -27.92
CA ASP B 736 -29.61 -2.63 -27.92
C ASP B 736 -30.26 -3.45 -29.03
N GLU B 737 -29.73 -3.34 -30.26
CA GLU B 737 -30.43 -3.93 -31.40
C GLU B 737 -30.50 -5.46 -31.31
N LEU B 738 -29.52 -6.09 -30.67
CA LEU B 738 -29.52 -7.54 -30.52
C LEU B 738 -30.08 -8.03 -29.18
N SER B 739 -30.60 -7.12 -28.35
CA SER B 739 -31.25 -7.53 -27.10
C SER B 739 -32.62 -8.14 -27.37
N LEU B 740 -33.14 -8.86 -26.36
CA LEU B 740 -34.49 -9.40 -26.44
C LEU B 740 -35.52 -8.33 -26.80
N ASN B 741 -35.34 -7.13 -26.26
CA ASN B 741 -36.30 -6.04 -26.33
C ASN B 741 -35.66 -4.82 -26.97
N PRO B 742 -35.42 -4.85 -28.28
CA PRO B 742 -34.77 -3.72 -28.96
C PRO B 742 -35.46 -2.39 -28.68
N GLY B 743 -34.67 -1.40 -28.29
CA GLY B 743 -35.19 -0.06 -28.09
C GLY B 743 -35.88 0.19 -26.78
N LYS B 744 -35.81 -0.74 -25.83
CA LYS B 744 -36.40 -0.55 -24.51
C LYS B 744 -35.36 -0.72 -23.43
N GLN B 745 -35.61 -0.08 -22.29
CA GLN B 745 -34.73 -0.17 -21.13
C GLN B 745 -33.31 0.27 -21.48
N ARG B 746 -33.19 1.35 -22.26
CA ARG B 746 -31.87 1.76 -22.73
C ARG B 746 -30.97 2.20 -21.58
N PHE B 747 -31.54 2.95 -20.62
CA PHE B 747 -30.77 3.36 -19.45
C PHE B 747 -30.29 2.16 -18.67
N GLU B 748 -31.17 1.18 -18.46
CA GLU B 748 -30.75 -0.05 -17.80
C GLU B 748 -29.57 -0.66 -18.51
N LYS B 749 -29.60 -0.67 -19.84
CA LYS B 749 -28.55 -1.30 -20.63
C LYS B 749 -27.23 -0.57 -20.56
N MET B 750 -27.21 0.70 -20.16
CA MET B 750 -25.93 1.40 -19.99
C MET B 750 -25.32 1.21 -18.61
N ILE B 751 -26.12 1.09 -17.56
CA ILE B 751 -25.59 1.11 -16.20
C ILE B 751 -25.61 -0.24 -15.48
N SER B 752 -26.07 -1.33 -16.11
CA SER B 752 -26.21 -2.53 -15.30
C SER B 752 -26.30 -3.77 -16.16
N GLY B 753 -26.33 -4.92 -15.46
CA GLY B 753 -26.76 -6.18 -16.01
C GLY B 753 -25.77 -6.90 -16.89
N MET B 754 -26.32 -7.88 -17.61
CA MET B 754 -25.62 -8.57 -18.68
C MET B 754 -25.02 -7.58 -19.66
N TYR B 755 -25.71 -6.46 -19.87
CA TYR B 755 -25.40 -5.52 -20.94
C TYR B 755 -23.98 -4.95 -20.84
N LEU B 756 -23.49 -4.72 -19.62
CA LEU B 756 -22.15 -4.17 -19.44
C LEU B 756 -21.11 -5.04 -20.12
N GLY B 757 -21.09 -6.33 -19.80
CA GLY B 757 -20.17 -7.24 -20.45
C GLY B 757 -20.31 -7.26 -21.97
N GLU B 758 -21.54 -7.08 -22.46
CA GLU B 758 -21.73 -7.09 -23.91
C GLU B 758 -21.17 -5.83 -24.55
N ILE B 759 -21.31 -4.67 -23.88
CA ILE B 759 -20.58 -3.49 -24.32
C ILE B 759 -19.09 -3.79 -24.40
N VAL B 760 -18.53 -4.33 -23.33
CA VAL B 760 -17.12 -4.68 -23.32
C VAL B 760 -16.80 -5.57 -24.51
N ARG B 761 -17.61 -6.58 -24.76
CA ARG B 761 -17.27 -7.51 -25.82
C ARG B 761 -17.34 -6.83 -27.18
N ASN B 762 -18.31 -5.95 -27.38
CA ASN B 762 -18.39 -5.28 -28.66
C ASN B 762 -17.19 -4.37 -28.90
N ILE B 763 -16.66 -3.75 -27.84
CA ILE B 763 -15.47 -2.92 -28.02
C ILE B 763 -14.27 -3.79 -28.34
N LEU B 764 -14.11 -4.92 -27.65
CA LEU B 764 -12.98 -5.80 -27.94
C LEU B 764 -13.01 -6.29 -29.39
N ILE B 765 -14.20 -6.59 -29.91
CA ILE B 765 -14.30 -6.98 -31.31
C ILE B 765 -13.81 -5.84 -32.19
N ASP B 766 -14.23 -4.61 -31.88
CA ASP B 766 -13.84 -3.46 -32.69
C ASP B 766 -12.33 -3.23 -32.66
N PHE B 767 -11.73 -3.30 -31.47
CA PHE B 767 -10.27 -3.19 -31.39
C PHE B 767 -9.61 -4.28 -32.24
N THR B 768 -10.05 -5.52 -32.07
CA THR B 768 -9.42 -6.62 -32.78
C THR B 768 -9.56 -6.44 -34.28
N LYS B 769 -10.73 -6.03 -34.76
CA LYS B 769 -10.91 -5.78 -36.19
C LYS B 769 -9.94 -4.71 -36.70
N ARG B 770 -9.61 -3.72 -35.88
CA ARG B 770 -8.75 -2.61 -36.27
C ARG B 770 -7.29 -2.84 -35.94
N GLY B 771 -6.92 -4.04 -35.50
CA GLY B 771 -5.55 -4.35 -35.18
C GLY B 771 -5.09 -4.03 -33.76
N LEU B 772 -5.98 -3.54 -32.88
CA LEU B 772 -5.56 -2.97 -31.59
C LEU B 772 -5.54 -3.95 -30.44
N LEU B 773 -5.96 -5.19 -30.64
CA LEU B 773 -6.00 -6.18 -29.57
C LEU B 773 -5.99 -7.56 -30.20
N PHE B 774 -5.46 -8.54 -29.46
CA PHE B 774 -5.45 -9.93 -29.90
C PHE B 774 -4.75 -10.09 -31.24
N ARG B 775 -3.84 -9.16 -31.55
CA ARG B 775 -3.06 -9.18 -32.78
C ARG B 775 -3.96 -9.39 -34.00
N GLY B 776 -5.12 -8.71 -33.98
CA GLY B 776 -5.98 -8.61 -35.14
C GLY B 776 -6.81 -9.83 -35.48
N ARG B 777 -6.72 -10.91 -34.72
CA ARG B 777 -7.41 -12.14 -35.04
C ARG B 777 -8.70 -12.25 -34.22
N ILE B 778 -9.86 -12.25 -34.88
CA ILE B 778 -11.14 -12.31 -34.18
C ILE B 778 -11.52 -13.79 -34.05
N SER B 779 -11.47 -14.32 -32.82
CA SER B 779 -11.83 -15.71 -32.61
C SER B 779 -13.34 -15.91 -32.65
N GLU B 780 -13.74 -17.10 -33.05
CA GLU B 780 -15.11 -17.55 -32.94
C GLU B 780 -15.64 -17.36 -31.51
N ARG B 781 -14.88 -17.86 -30.54
CA ARG B 781 -15.31 -17.79 -29.15
C ARG B 781 -15.61 -16.36 -28.71
N LEU B 782 -14.81 -15.38 -29.16
CA LEU B 782 -15.07 -13.97 -28.84
C LEU B 782 -16.38 -13.47 -29.45
N LYS B 783 -16.92 -14.17 -30.45
CA LYS B 783 -18.16 -13.76 -31.06
C LYS B 783 -19.39 -14.33 -30.33
N THR B 784 -19.20 -15.00 -29.19
CA THR B 784 -20.29 -15.64 -28.51
C THR B 784 -20.93 -14.64 -27.54
N ARG B 785 -22.22 -14.33 -27.73
CA ARG B 785 -22.88 -13.41 -26.79
C ARG B 785 -22.74 -13.90 -25.36
N GLY B 786 -22.65 -12.97 -24.43
CA GLY B 786 -22.80 -13.30 -23.05
C GLY B 786 -21.57 -13.73 -22.32
N ILE B 787 -20.43 -13.92 -23.00
CA ILE B 787 -19.29 -14.54 -22.34
C ILE B 787 -18.72 -13.66 -21.24
N PHE B 788 -18.83 -12.33 -21.37
CA PHE B 788 -18.25 -11.49 -20.32
C PHE B 788 -19.35 -11.26 -19.30
N GLU B 789 -19.33 -12.09 -18.27
CA GLU B 789 -20.32 -12.08 -17.22
C GLU B 789 -19.92 -11.03 -16.20
N THR B 790 -20.93 -10.46 -15.54
CA THR B 790 -20.65 -9.33 -14.65
C THR B 790 -19.59 -9.67 -13.62
N LYS B 791 -19.54 -10.92 -13.15
CA LYS B 791 -18.54 -11.31 -12.16
C LYS B 791 -17.13 -11.24 -12.73
N PHE B 792 -16.96 -11.54 -14.03
CA PHE B 792 -15.66 -11.39 -14.66
C PHE B 792 -15.26 -9.91 -14.76
N LEU B 793 -16.20 -9.05 -15.15
CA LEU B 793 -15.93 -7.62 -15.11
C LEU B 793 -15.50 -7.17 -13.71
N SER B 794 -16.10 -7.73 -12.67
CA SER B 794 -15.71 -7.31 -11.33
C SER B 794 -14.34 -7.84 -10.97
N GLN B 795 -14.06 -9.07 -11.38
CA GLN B 795 -12.77 -9.67 -11.04
C GLN B 795 -11.64 -9.01 -11.82
N ILE B 796 -11.84 -8.78 -13.12
CA ILE B 796 -10.84 -8.13 -13.96
C ILE B 796 -10.43 -6.79 -13.37
N GLU B 797 -11.42 -5.93 -13.08
CA GLU B 797 -11.11 -4.61 -12.56
C GLU B 797 -10.54 -4.67 -11.15
N SER B 798 -10.87 -5.70 -10.40
CA SER B 798 -10.32 -5.89 -9.07
C SER B 798 -8.87 -6.39 -9.10
N ASP B 799 -8.40 -6.92 -10.23
CA ASP B 799 -7.09 -7.54 -10.27
C ASP B 799 -6.02 -6.45 -10.20
N CYS B 800 -4.79 -6.84 -9.83
CA CYS B 800 -3.70 -5.89 -9.67
C CYS B 800 -2.38 -6.59 -9.97
N LEU B 801 -1.26 -5.94 -9.63
CA LEU B 801 0.08 -6.46 -9.89
C LEU B 801 0.25 -6.91 -11.34
N ALA B 802 0.44 -8.21 -11.56
CA ALA B 802 0.78 -8.74 -12.87
C ALA B 802 -0.43 -9.09 -13.73
N LEU B 803 -1.64 -8.86 -13.23
CA LEU B 803 -2.90 -9.13 -13.97
C LEU B 803 -3.08 -10.62 -14.26
N LEU B 804 -2.62 -11.50 -13.37
CA LEU B 804 -2.78 -12.93 -13.63
C LEU B 804 -4.23 -13.37 -13.64
N GLN B 805 -5.11 -12.74 -12.86
CA GLN B 805 -6.49 -13.18 -12.89
C GLN B 805 -7.17 -12.76 -14.18
N VAL B 806 -6.93 -11.53 -14.65
CA VAL B 806 -7.38 -11.15 -15.99
C VAL B 806 -6.94 -12.21 -16.99
N ARG B 807 -5.62 -12.47 -17.04
CA ARG B 807 -5.06 -13.47 -17.95
C ARG B 807 -5.76 -14.81 -17.79
N ALA B 808 -5.96 -15.25 -16.55
CA ALA B 808 -6.65 -16.53 -16.33
C ALA B 808 -8.07 -16.47 -16.85
N ILE B 809 -8.78 -15.35 -16.64
CA ILE B 809 -10.17 -15.24 -17.09
C ILE B 809 -10.27 -15.31 -18.60
N LEU B 810 -9.33 -14.68 -19.32
CA LEU B 810 -9.35 -14.76 -20.77
C LEU B 810 -9.07 -16.19 -21.26
N GLN B 811 -8.11 -16.88 -20.63
CA GLN B 811 -7.88 -18.27 -20.98
C GLN B 811 -9.10 -19.11 -20.65
N HIS B 812 -9.72 -18.87 -19.50
CA HIS B 812 -10.90 -19.64 -19.11
C HIS B 812 -12.03 -19.47 -20.12
N LEU B 813 -12.21 -18.25 -20.61
CA LEU B 813 -13.20 -17.95 -21.63
C LEU B 813 -12.81 -18.50 -23.00
N GLY B 814 -11.61 -19.07 -23.12
CA GLY B 814 -11.13 -19.54 -24.42
C GLY B 814 -10.68 -18.46 -25.38
N LEU B 815 -10.03 -17.40 -24.88
CA LEU B 815 -9.53 -16.27 -25.67
C LEU B 815 -8.01 -16.13 -25.48
N GLU B 816 -7.33 -15.55 -26.47
CA GLU B 816 -5.87 -15.48 -26.39
C GLU B 816 -5.46 -14.45 -25.33
N SER B 817 -4.69 -14.87 -24.32
CA SER B 817 -4.44 -14.01 -23.15
C SER B 817 -2.96 -13.71 -22.97
N THR B 818 -2.47 -12.70 -23.67
CA THR B 818 -1.13 -12.22 -23.42
C THR B 818 -1.14 -11.16 -22.34
N CYS B 819 0.01 -10.98 -21.71
CA CYS B 819 0.21 -9.89 -20.78
C CYS B 819 -0.28 -8.57 -21.36
N ASP B 820 0.06 -8.31 -22.62
CA ASP B 820 -0.32 -7.05 -23.26
C ASP B 820 -1.83 -6.99 -23.49
N ASP B 821 -2.42 -8.09 -23.97
CA ASP B 821 -3.88 -8.19 -24.11
C ASP B 821 -4.58 -7.86 -22.80
N SER B 822 -4.10 -8.45 -21.71
CA SER B 822 -4.82 -8.33 -20.46
C SER B 822 -4.87 -6.89 -19.97
N ILE B 823 -3.86 -6.08 -20.29
CA ILE B 823 -3.87 -4.67 -19.87
C ILE B 823 -4.98 -3.92 -20.59
N ILE B 824 -5.11 -4.14 -21.89
CA ILE B 824 -6.13 -3.46 -22.67
C ILE B 824 -7.52 -3.89 -22.20
N VAL B 825 -7.71 -5.20 -21.98
CA VAL B 825 -9.00 -5.74 -21.56
C VAL B 825 -9.42 -5.12 -20.23
N LYS B 826 -8.49 -5.02 -19.28
CA LYS B 826 -8.83 -4.43 -17.99
C LYS B 826 -9.27 -2.98 -18.13
N GLU B 827 -8.56 -2.20 -18.93
CA GLU B 827 -8.95 -0.79 -19.01
C GLU B 827 -10.30 -0.63 -19.70
N VAL B 828 -10.60 -1.46 -20.72
CA VAL B 828 -11.93 -1.41 -21.32
C VAL B 828 -13.01 -1.68 -20.29
N CYS B 829 -12.86 -2.78 -19.52
CA CYS B 829 -13.79 -3.06 -18.44
C CYS B 829 -13.93 -1.87 -17.50
N THR B 830 -12.80 -1.27 -17.10
CA THR B 830 -12.84 -0.17 -16.15
C THR B 830 -13.55 1.04 -16.72
N VAL B 831 -13.46 1.26 -18.03
CA VAL B 831 -14.14 2.40 -18.63
C VAL B 831 -15.65 2.18 -18.64
N VAL B 832 -16.10 0.99 -19.04
CA VAL B 832 -17.53 0.73 -19.12
C VAL B 832 -18.16 0.79 -17.73
N ALA B 833 -17.50 0.19 -16.73
CA ALA B 833 -18.04 0.20 -15.39
C ALA B 833 -18.02 1.59 -14.80
N ARG B 834 -17.02 2.40 -15.17
CA ARG B 834 -16.99 3.77 -14.68
C ARG B 834 -18.17 4.56 -15.24
N ARG B 835 -18.33 4.54 -16.55
CA ARG B 835 -19.47 5.23 -17.16
C ARG B 835 -20.77 4.78 -16.50
N ALA B 836 -20.88 3.49 -16.20
CA ALA B 836 -22.11 2.97 -15.60
C ALA B 836 -22.34 3.59 -14.24
N ALA B 837 -21.30 3.62 -13.41
CA ALA B 837 -21.45 4.21 -12.08
C ALA B 837 -21.72 5.70 -12.16
N GLN B 838 -21.17 6.38 -13.17
CA GLN B 838 -21.41 7.81 -13.26
C GLN B 838 -22.79 8.11 -13.83
N LEU B 839 -23.24 7.32 -14.81
CA LEU B 839 -24.61 7.48 -15.29
C LEU B 839 -25.61 7.16 -14.19
N CYS B 840 -25.35 6.10 -13.43
CA CYS B 840 -26.22 5.84 -12.29
C CYS B 840 -26.19 7.01 -11.32
N GLY B 841 -25.01 7.58 -11.10
CA GLY B 841 -24.88 8.70 -10.17
C GLY B 841 -25.63 9.94 -10.64
N ALA B 842 -25.54 10.24 -11.94
CA ALA B 842 -26.29 11.36 -12.48
C ALA B 842 -27.78 11.22 -12.21
N GLY B 843 -28.29 9.99 -12.34
CA GLY B 843 -29.72 9.79 -12.15
C GLY B 843 -30.13 9.94 -10.70
N MET B 844 -29.40 9.30 -9.79
CA MET B 844 -29.63 9.46 -8.37
C MET B 844 -29.37 10.90 -7.93
N ALA B 845 -28.60 11.68 -8.68
CA ALA B 845 -28.47 13.09 -8.36
C ALA B 845 -29.78 13.82 -8.59
N ALA B 846 -30.38 13.63 -9.76
CA ALA B 846 -31.69 14.22 -10.06
C ALA B 846 -32.75 13.80 -9.05
N VAL B 847 -32.65 12.59 -8.50
CA VAL B 847 -33.63 12.12 -7.53
C VAL B 847 -33.48 12.88 -6.22
N VAL B 848 -32.24 12.97 -5.71
CA VAL B 848 -32.08 13.66 -4.45
C VAL B 848 -32.37 15.15 -4.61
N ASP B 849 -32.06 15.72 -5.78
CA ASP B 849 -32.34 17.14 -5.94
C ASP B 849 -33.83 17.41 -6.11
N ARG B 850 -34.60 16.50 -6.71
CA ARG B 850 -36.04 16.78 -6.77
C ARG B 850 -36.66 16.75 -5.38
N ILE B 851 -36.37 15.72 -4.58
CA ILE B 851 -36.83 15.72 -3.20
C ILE B 851 -36.43 17.03 -2.50
N ARG B 852 -35.19 17.47 -2.69
CA ARG B 852 -34.76 18.72 -2.07
C ARG B 852 -35.58 19.89 -2.59
N GLU B 853 -35.66 20.07 -3.91
CA GLU B 853 -36.40 21.21 -4.46
C GLU B 853 -37.90 21.13 -4.14
N ASN B 854 -38.50 19.94 -4.24
CA ASN B 854 -39.91 19.75 -3.88
C ASN B 854 -40.20 20.37 -2.53
N ARG B 855 -39.32 20.15 -1.56
CA ARG B 855 -39.54 20.57 -0.19
C ARG B 855 -39.04 21.98 0.10
N GLY B 856 -38.59 22.71 -0.92
CA GLY B 856 -38.13 24.07 -0.75
C GLY B 856 -36.90 24.25 0.12
N LEU B 857 -36.17 23.18 0.42
CA LEU B 857 -34.95 23.29 1.22
C LEU B 857 -33.79 23.76 0.35
N ASP B 858 -32.82 24.42 0.99
CA ASP B 858 -31.55 24.75 0.36
C ASP B 858 -30.48 23.70 0.65
N ALA B 859 -30.74 22.80 1.59
CA ALA B 859 -29.87 21.66 1.83
C ALA B 859 -30.74 20.50 2.29
N LEU B 860 -30.32 19.28 1.93
CA LEU B 860 -31.07 18.07 2.26
C LEU B 860 -30.13 16.96 2.70
N LYS B 861 -30.52 16.25 3.75
CA LYS B 861 -29.82 15.06 4.21
C LYS B 861 -30.76 13.88 3.98
N VAL B 862 -30.33 12.92 3.16
CA VAL B 862 -31.20 11.81 2.75
C VAL B 862 -30.41 10.51 2.66
N THR B 863 -30.99 9.45 3.19
CA THR B 863 -30.43 8.11 3.06
C THR B 863 -31.05 7.41 1.85
N VAL B 864 -30.25 6.55 1.21
CA VAL B 864 -30.69 5.73 0.08
C VAL B 864 -30.49 4.27 0.45
N GLY B 865 -31.57 3.49 0.47
CA GLY B 865 -31.44 2.04 0.54
C GLY B 865 -31.04 1.39 -0.78
N VAL B 866 -29.92 0.63 -0.83
CA VAL B 866 -29.33 0.15 -2.07
C VAL B 866 -29.16 -1.37 -2.03
N ASP B 867 -29.47 -2.03 -3.15
CA ASP B 867 -29.22 -3.46 -3.27
C ASP B 867 -28.62 -3.73 -4.64
N GLY B 868 -28.31 -5.00 -4.88
CA GLY B 868 -27.94 -5.53 -6.16
C GLY B 868 -26.51 -6.03 -6.21
N THR B 869 -26.29 -7.01 -7.09
CA THR B 869 -25.06 -7.77 -7.13
C THR B 869 -23.90 -6.93 -7.65
N LEU B 870 -24.12 -6.22 -8.75
CA LEU B 870 -23.11 -5.29 -9.25
C LEU B 870 -22.74 -4.28 -8.18
N TYR B 871 -23.73 -3.60 -7.61
CA TYR B 871 -23.46 -2.59 -6.59
C TYR B 871 -22.63 -3.15 -5.43
N LYS B 872 -23.01 -4.31 -4.92
CA LYS B 872 -22.30 -4.88 -3.78
C LYS B 872 -20.95 -5.52 -4.16
N LEU B 873 -20.89 -6.32 -5.24
CA LEU B 873 -19.69 -7.09 -5.56
C LEU B 873 -18.63 -6.35 -6.39
N HIS B 874 -19.01 -5.36 -7.21
CA HIS B 874 -18.02 -4.69 -8.06
C HIS B 874 -17.06 -3.88 -7.20
N PRO B 875 -15.78 -3.85 -7.53
CA PRO B 875 -14.84 -3.09 -6.69
C PRO B 875 -15.15 -1.62 -6.63
N HIS B 876 -15.39 -0.98 -7.77
CA HIS B 876 -15.49 0.48 -7.76
C HIS B 876 -16.87 1.05 -7.97
N PHE B 877 -17.87 0.26 -8.40
CA PHE B 877 -19.13 0.87 -8.84
C PHE B 877 -19.69 1.79 -7.76
N ALA B 878 -19.87 1.25 -6.56
CA ALA B 878 -20.49 2.00 -5.47
C ALA B 878 -19.70 3.27 -5.14
N LYS B 879 -18.39 3.12 -4.86
CA LYS B 879 -17.54 4.26 -4.56
C LYS B 879 -17.62 5.33 -5.64
N VAL B 880 -17.54 4.93 -6.92
CA VAL B 880 -17.58 5.91 -7.98
C VAL B 880 -18.95 6.57 -8.06
N MET B 881 -20.02 5.85 -7.72
CA MET B 881 -21.33 6.45 -7.78
C MET B 881 -21.54 7.45 -6.65
N HIS B 882 -21.20 7.07 -5.40
CA HIS B 882 -21.30 8.02 -4.29
C HIS B 882 -20.57 9.32 -4.63
N GLU B 883 -19.37 9.22 -5.18
CA GLU B 883 -18.64 10.42 -5.57
C GLU B 883 -19.37 11.21 -6.65
N THR B 884 -20.06 10.52 -7.54
CA THR B 884 -20.75 11.23 -8.63
C THR B 884 -21.96 11.98 -8.09
N VAL B 885 -22.66 11.39 -7.12
CA VAL B 885 -23.80 12.05 -6.51
C VAL B 885 -23.34 13.27 -5.72
N LYS B 886 -22.24 13.14 -4.96
CA LYS B 886 -21.72 14.28 -4.21
C LYS B 886 -21.21 15.39 -5.14
N ASP B 887 -20.73 15.02 -6.32
CA ASP B 887 -20.24 16.05 -7.23
C ASP B 887 -21.38 16.75 -7.97
N LEU B 888 -22.40 16.01 -8.41
CA LEU B 888 -23.48 16.59 -9.22
C LEU B 888 -24.61 17.22 -8.41
N ALA B 889 -24.76 16.88 -7.13
CA ALA B 889 -25.81 17.44 -6.29
C ALA B 889 -25.18 17.95 -5.00
N PRO B 890 -24.48 19.09 -5.06
CA PRO B 890 -23.71 19.54 -3.88
C PRO B 890 -24.58 19.90 -2.69
N LYS B 891 -25.72 20.52 -2.92
CA LYS B 891 -26.60 20.86 -1.82
C LYS B 891 -27.19 19.64 -1.12
N CYS B 892 -26.97 18.42 -1.62
CA CYS B 892 -27.46 17.23 -0.94
C CYS B 892 -26.32 16.50 -0.25
N ASP B 893 -26.61 15.97 0.93
CA ASP B 893 -25.67 15.14 1.68
C ASP B 893 -26.28 13.75 1.78
N VAL B 894 -25.75 12.81 1.00
CA VAL B 894 -26.46 11.56 0.69
C VAL B 894 -25.73 10.40 1.35
N SER B 895 -26.47 9.60 2.11
CA SER B 895 -25.92 8.41 2.76
C SER B 895 -26.51 7.18 2.10
N PHE B 896 -25.65 6.23 1.74
CA PHE B 896 -26.09 4.99 1.13
C PHE B 896 -25.93 3.85 2.13
N LEU B 897 -26.90 2.93 2.13
CA LEU B 897 -26.96 1.84 3.09
C LEU B 897 -27.39 0.59 2.36
N GLN B 898 -26.61 -0.48 2.48
CA GLN B 898 -27.02 -1.71 1.83
C GLN B 898 -28.25 -2.25 2.52
N SER B 899 -29.26 -2.58 1.72
CA SER B 899 -30.39 -3.38 2.15
C SER B 899 -30.44 -4.64 1.32
N GLU B 900 -30.92 -5.72 1.93
CA GLU B 900 -31.08 -6.99 1.25
C GLU B 900 -32.57 -7.26 1.05
N ASP B 901 -32.86 -8.03 0.01
CA ASP B 901 -34.10 -8.78 -0.06
C ASP B 901 -35.36 -7.88 -0.09
N GLY B 902 -35.35 -6.91 -1.00
CA GLY B 902 -36.55 -6.12 -1.23
C GLY B 902 -37.75 -6.98 -1.60
N SER B 903 -37.56 -7.93 -2.51
CA SER B 903 -38.64 -8.85 -2.88
C SER B 903 -39.08 -9.74 -1.72
N GLY B 904 -38.32 -9.75 -0.64
CA GLY B 904 -38.45 -10.57 0.54
C GLY B 904 -39.07 -9.83 1.70
N LYS B 905 -38.39 -9.87 2.84
CA LYS B 905 -38.83 -9.12 4.01
C LYS B 905 -39.21 -7.68 3.66
N GLY B 906 -38.66 -7.13 2.56
CA GLY B 906 -39.13 -5.82 2.10
C GLY B 906 -40.64 -5.76 1.94
N ALA B 907 -41.22 -6.77 1.28
CA ALA B 907 -42.66 -6.75 1.08
C ALA B 907 -43.39 -6.84 2.41
N ALA B 908 -42.92 -7.73 3.29
CA ALA B 908 -43.53 -7.85 4.61
C ALA B 908 -43.48 -6.51 5.35
N LEU B 909 -42.30 -5.89 5.41
CA LEU B 909 -42.15 -4.68 6.22
C LEU B 909 -42.95 -3.52 5.66
N ILE B 910 -43.26 -3.52 4.36
CA ILE B 910 -44.19 -2.52 3.84
C ILE B 910 -45.58 -2.76 4.42
N THR B 911 -45.99 -4.02 4.53
CA THR B 911 -47.32 -4.28 5.09
C THR B 911 -47.37 -3.87 6.56
N ALA B 912 -46.27 -4.05 7.29
CA ALA B 912 -46.22 -3.59 8.67
C ALA B 912 -46.51 -2.10 8.75
N VAL B 913 -45.87 -1.31 7.91
CA VAL B 913 -46.17 0.12 7.90
C VAL B 913 -47.58 0.35 7.36
N ALA B 914 -48.05 -0.52 6.46
CA ALA B 914 -49.43 -0.41 6.00
C ALA B 914 -50.40 -0.70 7.13
N CYS B 915 -50.07 -1.66 7.99
CA CYS B 915 -50.95 -2.06 9.07
C CYS B 915 -50.95 -1.06 10.21
N ARG B 916 -49.80 -0.45 10.52
CA ARG B 916 -49.76 0.56 11.57
C ARG B 916 -50.66 1.73 11.23
N ILE B 917 -50.61 2.20 9.98
CA ILE B 917 -51.51 3.26 9.55
C ILE B 917 -52.96 2.79 9.61
N ARG B 918 -53.18 1.49 9.46
CA ARG B 918 -54.54 0.96 9.44
C ARG B 918 -55.27 1.20 10.77
N GLU B 919 -54.55 1.41 11.86
CA GLU B 919 -55.16 1.89 13.10
C GLU B 919 -55.23 3.42 13.13
#